data_4BQ4
#
_entry.id   4BQ4
#
_cell.length_a   69.230
_cell.length_b   116.010
_cell.length_c   208.760
_cell.angle_alpha   90.00
_cell.angle_beta   90.00
_cell.angle_gamma   90.00
#
_symmetry.space_group_name_H-M   'P 21 21 21'
#
loop_
_entity.id
_entity.type
_entity.pdbx_description
1 polymer B-AGARASE
2 branched 3,6-anhydro-alpha-L-galactopyranose-(1-3)-beta-D-galactopyranose-(1-4)-3,6-anhydro-alpha-L-galactopyranose-(1-3)-beta-D-galactopyranose
3 non-polymer GLYCEROL
4 non-polymer 'CALCIUM ION'
5 water water
#
_entity_poly.entity_id   1
_entity_poly.type   'polypeptide(L)'
_entity_poly.pdbx_seq_one_letter_code
;GSHMLFDFENDQVPSNIHFLNARASIETYTGINGEPSKGLKLAMQSKQHSYTGLAIVPEQPWDWSEFTSASLYFDIVSVG
DHSTQFYLDVTDQNGAVFTRSIDIPVGKMQSYYAKLSGHDLEVPDSGDVNDLNLASGLRSNPPTWTSDDRQFVWMWGVKN
LDLSGIAKISLSVQSAMHDKTVIIDNIRIQPNPPQDENFLVGLVDEFGQNAKVDYKGKIHSLEELHAARDVELAELDGKP
MPSRSKFGGWLAGPKLKATGYFRTEKINGKWMLVDPEGYPYFATGLDIIRLSNSSTMTGYDYDQATVAQRSADDVTPEDS
KGLMAVSEKSFATRHLASPTRAAMFNWLPDYDHPLANHYNYRRSAHSGPLKRGEAYSFYSANLERKYGETYPGSYLDKWR
EVTVDRMLNWGFTSLGNWTDPAYYDNNRIPFFANGWVIGDFKTVSSGADFWGAMPDVFDPEFKVRAMETARVVSEEIKNS
PWCVGVFIDNQKSFGRPDSDKAQYGIPIHTLGRPSEGVPTRQAFSKLLKAKYKTIAALNNAWGLKLSSWAEFDLGVDVKA
LPVTDTLRADYSMLLSAYADQYFKVVHGAVEHYMPNHLYLGARFPDWGMPMEVVKAAAKYADVVSYNSYKEGLPKQKWAF
LAELDKPSIIGEFHIGAMDHGSYHPGLIHAASQADRGEMYKDYMQSVIDNPYFVGAHWFQYMDSPLTGRAYDGENYNVGF
VDVTDTPYQEMVDAAKEVNAKIYTERLGSK
;
_entity_poly.pdbx_strand_id   A,B
#
# COMPACT_ATOMS: atom_id res chain seq x y z
N GLY A 1 17.42 -2.96 28.10
CA GLY A 1 17.30 -2.12 26.86
C GLY A 1 18.14 -2.70 25.74
N SER A 2 18.83 -3.79 26.06
CA SER A 2 19.76 -4.52 25.18
C SER A 2 19.93 -4.07 23.71
N HIS A 3 18.91 -4.20 22.89
CA HIS A 3 19.15 -4.14 21.46
C HIS A 3 18.18 -3.15 20.76
N MET A 4 18.66 -1.94 20.51
CA MET A 4 17.87 -0.87 19.91
C MET A 4 17.68 -1.07 18.41
N LEU A 5 16.44 -1.01 17.94
CA LEU A 5 16.20 -1.19 16.50
C LEU A 5 15.94 0.16 15.83
N PHE A 6 15.11 0.99 16.46
CA PHE A 6 14.79 2.31 15.89
C PHE A 6 14.56 3.29 17.03
N ASP A 7 15.42 4.30 17.13
CA ASP A 7 15.17 5.39 18.07
C ASP A 7 14.84 6.69 17.35
N PHE A 8 14.85 6.64 16.02
CA PHE A 8 14.52 7.80 15.16
C PHE A 8 15.36 9.10 15.42
N GLU A 9 16.48 8.96 16.14
CA GLU A 9 17.28 10.10 16.58
C GLU A 9 18.07 10.70 15.43
N ASN A 10 18.15 9.95 14.34
CA ASN A 10 18.83 10.40 13.14
C ASN A 10 17.85 11.13 12.24
N ASP A 11 16.65 11.37 12.75
CA ASP A 11 15.70 12.30 12.13
C ASP A 11 15.17 11.86 10.76
N GLN A 12 15.27 10.57 10.46
CA GLN A 12 14.79 10.05 9.18
C GLN A 12 13.67 9.03 9.36
N VAL A 13 12.77 8.97 8.38
CA VAL A 13 11.79 7.91 8.33
C VAL A 13 12.52 6.78 7.61
N PRO A 14 12.91 5.73 8.34
CA PRO A 14 13.68 4.63 7.76
C PRO A 14 13.01 4.11 6.51
N SER A 15 13.79 3.78 5.49
CA SER A 15 13.23 3.39 4.23
C SER A 15 12.78 1.93 4.20
N ASN A 16 13.14 1.14 5.21
CA ASN A 16 12.59 -0.22 5.28
C ASN A 16 11.33 -0.30 6.15
N ILE A 17 10.72 0.85 6.47
CA ILE A 17 9.39 0.90 7.07
C ILE A 17 8.42 1.34 6.00
N HIS A 18 7.45 0.50 5.69
CA HIS A 18 6.47 0.84 4.66
C HIS A 18 5.17 1.23 5.30
N PHE A 19 4.45 2.15 4.67
CA PHE A 19 3.24 2.73 5.26
C PHE A 19 2.06 2.51 4.37
N LEU A 20 0.90 2.24 4.95
CA LEU A 20 -0.26 2.01 4.11
C LEU A 20 -1.35 2.89 4.65
N ASN A 21 -1.88 3.75 3.79
CA ASN A 21 -2.96 4.68 4.10
C ASN A 21 -2.68 5.44 5.41
N ALA A 22 -1.46 5.95 5.51
CA ALA A 22 -0.96 6.61 6.71
C ALA A 22 0.17 7.56 6.31
N ARG A 23 0.30 8.70 6.98
CA ARG A 23 1.49 9.55 6.78
C ARG A 23 2.45 9.45 7.95
N ALA A 24 3.75 9.37 7.64
CA ALA A 24 4.79 9.25 8.68
C ALA A 24 5.71 10.46 8.62
N SER A 25 6.16 10.93 9.78
CA SER A 25 7.17 11.98 9.90
C SER A 25 7.89 11.80 11.25
N ILE A 26 9.07 12.40 11.38
CA ILE A 26 9.79 12.44 12.64
C ILE A 26 9.49 13.77 13.35
N GLU A 27 9.25 13.71 14.66
CA GLU A 27 8.90 14.88 15.41
C GLU A 27 9.52 14.79 16.77
N THR A 28 9.75 15.95 17.37
CA THR A 28 10.20 16.02 18.75
C THR A 28 8.99 15.95 19.63
N TYR A 29 9.09 15.20 20.72
CA TYR A 29 7.99 15.04 21.65
C TYR A 29 8.65 14.74 23.00
N THR A 30 7.92 14.75 24.10
CA THR A 30 8.50 14.43 25.38
C THR A 30 8.32 12.97 25.63
N GLY A 31 9.41 12.25 25.77
CA GLY A 31 9.38 10.81 25.93
C GLY A 31 9.05 10.37 27.34
N ILE A 32 9.14 9.07 27.54
CA ILE A 32 8.87 8.47 28.81
C ILE A 32 9.77 9.07 29.89
N ASN A 33 11.07 9.17 29.63
CA ASN A 33 12.00 9.67 30.66
C ASN A 33 11.94 11.20 30.95
N GLY A 34 11.10 11.95 30.23
CA GLY A 34 10.86 13.34 30.56
C GLY A 34 11.61 14.24 29.60
N GLU A 35 12.64 13.72 28.97
CA GLU A 35 13.44 14.50 28.02
C GLU A 35 12.78 14.58 26.64
N PRO A 36 12.99 15.70 25.90
CA PRO A 36 12.57 15.69 24.48
C PRO A 36 13.36 14.65 23.69
N SER A 37 12.77 14.13 22.61
CA SER A 37 13.29 12.96 21.91
C SER A 37 12.72 13.00 20.50
N LYS A 38 13.39 12.37 19.53
CA LYS A 38 12.81 12.13 18.21
C LYS A 38 11.95 10.85 18.20
N GLY A 39 10.74 10.96 17.68
CA GLY A 39 9.89 9.79 17.47
C GLY A 39 9.18 9.81 16.13
N LEU A 40 8.69 8.63 15.73
CA LEU A 40 7.90 8.52 14.53
C LEU A 40 6.41 8.89 14.77
N LYS A 41 5.94 9.92 14.08
CA LYS A 41 4.53 10.25 14.23
C LYS A 41 3.79 9.60 13.10
N LEU A 42 2.81 8.76 13.40
CA LEU A 42 2.13 8.03 12.32
C LEU A 42 0.65 8.45 12.31
N ALA A 43 0.25 9.18 11.26
CA ALA A 43 -1.10 9.68 11.11
C ALA A 43 -1.81 8.76 10.11
N MET A 44 -2.65 7.87 10.65
CA MET A 44 -3.40 6.91 9.84
C MET A 44 -4.68 7.52 9.30
N GLN A 45 -4.91 7.37 7.99
CA GLN A 45 -6.19 7.83 7.41
C GLN A 45 -7.27 6.72 7.59
N SER A 46 -7.54 6.38 8.85
CA SER A 46 -8.34 5.24 9.19
C SER A 46 -9.87 5.50 9.21
N LYS A 47 -10.31 6.75 9.06
CA LYS A 47 -11.77 6.98 8.89
C LYS A 47 -12.12 6.55 7.46
N GLN A 48 -11.26 6.91 6.51
CA GLN A 48 -11.48 6.63 5.09
C GLN A 48 -11.12 5.19 4.68
N HIS A 49 -10.08 4.64 5.29
CA HIS A 49 -9.57 3.35 4.87
C HIS A 49 -9.67 2.30 5.99
N SER A 50 -10.08 1.08 5.63
CA SER A 50 -10.37 0.12 6.66
C SER A 50 -9.10 -0.60 7.04
N TYR A 51 -8.03 -0.42 6.26
CA TYR A 51 -6.72 -0.91 6.72
C TYR A 51 -5.65 0.16 6.62
N THR A 52 -5.00 0.44 7.74
CA THR A 52 -3.91 1.44 7.81
C THR A 52 -2.79 0.92 8.74
N GLY A 53 -1.58 1.42 8.54
CA GLY A 53 -0.52 1.19 9.52
C GLY A 53 0.85 1.21 8.91
N LEU A 54 1.80 0.59 9.60
CA LEU A 54 3.18 0.47 9.11
C LEU A 54 3.60 -1.00 9.08
N ALA A 55 4.56 -1.29 8.20
CA ALA A 55 5.21 -2.58 8.16
C ALA A 55 6.74 -2.39 8.11
N ILE A 56 7.44 -2.84 9.14
CA ILE A 56 8.92 -2.89 9.12
C ILE A 56 9.35 -4.16 8.38
N VAL A 57 10.00 -4.01 7.24
CA VAL A 57 10.40 -5.16 6.42
C VAL A 57 11.91 -5.07 6.16
N PRO A 58 12.73 -5.73 7.00
CA PRO A 58 14.16 -5.50 6.74
C PRO A 58 14.66 -6.19 5.45
N GLU A 59 15.70 -5.64 4.83
CA GLU A 59 16.13 -6.19 3.53
C GLU A 59 16.40 -7.67 3.62
N GLN A 60 17.05 -8.09 4.71
CA GLN A 60 17.18 -9.50 5.10
C GLN A 60 16.39 -9.73 6.40
N PRO A 61 15.75 -10.91 6.55
CA PRO A 61 15.12 -11.16 7.85
C PRO A 61 16.11 -11.01 8.99
N TRP A 62 15.67 -10.44 10.11
CA TRP A 62 16.52 -10.35 11.31
C TRP A 62 16.84 -11.71 11.90
N ASP A 63 18.08 -11.91 12.32
CA ASP A 63 18.43 -13.14 13.01
C ASP A 63 18.50 -12.84 14.49
N TRP A 64 17.43 -13.18 15.21
CA TRP A 64 17.36 -12.92 16.64
C TRP A 64 17.42 -14.23 17.40
N SER A 65 17.91 -15.29 16.74
CA SER A 65 17.92 -16.63 17.35
C SER A 65 18.69 -16.68 18.69
N GLU A 66 19.61 -15.75 18.91
CA GLU A 66 20.32 -15.70 20.19
C GLU A 66 19.41 -15.25 21.35
N PHE A 67 18.29 -14.61 21.06
CA PHE A 67 17.43 -14.15 22.14
C PHE A 67 16.42 -15.23 22.54
N THR A 68 16.87 -16.18 23.35
CA THR A 68 16.03 -17.33 23.71
C THR A 68 14.99 -17.02 24.80
N SER A 69 15.09 -15.85 25.43
CA SER A 69 14.10 -15.35 26.38
C SER A 69 14.07 -13.83 26.33
N ALA A 70 13.26 -13.31 25.40
CA ALA A 70 13.29 -11.86 25.11
C ALA A 70 11.97 -11.35 24.52
N SER A 71 11.74 -10.04 24.64
CA SER A 71 10.54 -9.39 24.12
C SER A 71 10.89 -8.20 23.26
N LEU A 72 9.96 -7.89 22.35
CA LEU A 72 10.08 -6.78 21.43
C LEU A 72 9.28 -5.63 22.07
N TYR A 73 9.92 -4.46 22.26
CA TYR A 73 9.31 -3.29 22.95
C TYR A 73 9.08 -2.12 22.02
N PHE A 74 8.01 -1.38 22.28
CA PHE A 74 7.75 -0.12 21.57
C PHE A 74 7.32 0.91 22.60
N ASP A 75 7.70 2.17 22.42
CA ASP A 75 7.10 3.25 23.21
C ASP A 75 5.99 3.82 22.34
N ILE A 76 4.77 3.91 22.86
CA ILE A 76 3.64 4.36 22.04
C ILE A 76 2.71 5.25 22.82
N VAL A 77 2.21 6.30 22.18
CA VAL A 77 1.12 7.10 22.75
C VAL A 77 0.20 7.52 21.59
N SER A 78 -1.10 7.63 21.84
CA SER A 78 -2.03 8.22 20.87
C SER A 78 -2.04 9.73 21.07
N VAL A 79 -2.30 10.45 19.98
CA VAL A 79 -2.38 11.91 19.96
C VAL A 79 -3.78 12.27 19.45
N GLY A 80 -4.45 13.23 20.09
CA GLY A 80 -5.76 13.70 19.65
C GLY A 80 -6.92 13.26 20.51
N ASP A 81 -8.08 13.11 19.90
CA ASP A 81 -9.26 12.72 20.65
C ASP A 81 -9.45 11.23 20.91
N HIS A 82 -8.78 10.35 20.19
CA HIS A 82 -9.20 8.95 20.23
C HIS A 82 -8.09 8.01 20.68
N SER A 83 -8.41 7.00 21.48
CA SER A 83 -7.46 5.92 21.72
C SER A 83 -7.28 5.11 20.43
N THR A 84 -6.25 4.25 20.39
CA THR A 84 -5.93 3.53 19.16
C THR A 84 -5.76 2.12 19.54
N GLN A 85 -6.48 1.19 18.88
CA GLN A 85 -6.16 -0.25 19.05
C GLN A 85 -5.20 -0.67 17.93
N PHE A 86 -4.00 -1.09 18.31
CA PHE A 86 -3.03 -1.53 17.31
C PHE A 86 -3.05 -3.05 17.23
N TYR A 87 -2.99 -3.58 16.04
CA TYR A 87 -2.76 -5.00 15.83
C TYR A 87 -1.29 -5.09 15.46
N LEU A 88 -0.57 -5.89 16.25
CA LEU A 88 0.86 -6.24 16.02
C LEU A 88 0.91 -7.64 15.38
N ASP A 89 1.40 -7.71 14.15
CA ASP A 89 1.54 -9.01 13.50
C ASP A 89 3.02 -9.18 13.25
N VAL A 90 3.58 -10.29 13.68
CA VAL A 90 5.02 -10.51 13.47
C VAL A 90 5.10 -11.80 12.63
N THR A 91 5.82 -11.72 11.51
CA THR A 91 5.84 -12.83 10.58
C THR A 91 7.28 -13.29 10.43
N ASP A 92 7.51 -14.60 10.41
CA ASP A 92 8.88 -15.09 10.25
C ASP A 92 9.11 -15.55 8.78
N GLN A 93 10.34 -15.99 8.53
CA GLN A 93 10.80 -16.33 7.21
C GLN A 93 10.12 -17.58 6.64
N ASN A 94 9.44 -18.36 7.48
CA ASN A 94 8.67 -19.51 6.97
C ASN A 94 7.21 -19.16 6.75
N GLY A 95 6.89 -17.88 6.95
CA GLY A 95 5.49 -17.42 6.83
C GLY A 95 4.66 -17.58 8.09
N ALA A 96 5.25 -17.97 9.21
CA ALA A 96 4.43 -18.19 10.39
C ALA A 96 4.18 -16.85 11.03
N VAL A 97 2.97 -16.62 11.57
CA VAL A 97 2.64 -15.26 12.11
C VAL A 97 1.97 -15.37 13.45
N PHE A 98 2.22 -14.40 14.34
CA PHE A 98 1.34 -14.25 15.49
C PHE A 98 0.72 -12.85 15.51
N THR A 99 -0.46 -12.76 16.11
CA THR A 99 -1.13 -11.48 16.30
C THR A 99 -1.32 -11.20 17.75
N ARG A 100 -0.87 -10.05 18.19
CA ARG A 100 -1.26 -9.49 19.50
C ARG A 100 -1.88 -8.11 19.29
N SER A 101 -2.51 -7.58 20.34
CA SER A 101 -3.19 -6.33 20.19
C SER A 101 -3.29 -5.64 21.53
N ILE A 102 -3.37 -4.33 21.53
CA ILE A 102 -3.61 -3.57 22.77
C ILE A 102 -4.15 -2.19 22.42
N ASP A 103 -4.84 -1.58 23.37
CA ASP A 103 -5.26 -0.16 23.31
C ASP A 103 -4.07 0.76 23.61
N ILE A 104 -3.98 1.88 22.91
CA ILE A 104 -2.96 2.88 23.17
C ILE A 104 -3.72 4.18 23.58
N PRO A 105 -3.76 4.50 24.88
CA PRO A 105 -4.46 5.74 25.26
C PRO A 105 -3.79 7.02 24.72
N VAL A 106 -4.57 8.09 24.75
CA VAL A 106 -4.04 9.43 24.61
C VAL A 106 -3.41 9.82 25.94
N GLY A 107 -2.37 10.63 25.95
CA GLY A 107 -1.86 11.09 27.24
C GLY A 107 -0.45 10.67 27.55
N LYS A 108 -0.26 9.85 28.55
CA LYS A 108 1.08 9.60 29.01
C LYS A 108 1.67 8.45 28.20
N MET A 109 2.79 8.68 27.53
CA MET A 109 3.39 7.59 26.76
C MET A 109 3.90 6.42 27.62
N GLN A 110 3.69 5.18 27.16
CA GLN A 110 4.13 3.98 27.88
C GLN A 110 4.89 3.06 26.96
N SER A 111 5.60 2.09 27.55
CA SER A 111 6.27 1.02 26.82
C SER A 111 5.37 -0.20 26.73
N TYR A 112 5.42 -0.87 25.59
CA TYR A 112 4.56 -2.01 25.26
C TYR A 112 5.50 -3.09 24.81
N TYR A 113 5.24 -4.33 25.24
CA TYR A 113 6.09 -5.41 24.83
C TYR A 113 5.33 -6.64 24.37
N ALA A 114 5.93 -7.30 23.39
CA ALA A 114 5.45 -8.55 22.82
C ALA A 114 6.56 -9.58 22.99
N LYS A 115 6.30 -10.63 23.76
CA LYS A 115 7.24 -11.75 23.88
C LYS A 115 7.62 -12.41 22.54
N LEU A 116 8.91 -12.68 22.38
CA LEU A 116 9.36 -13.36 21.20
C LEU A 116 9.69 -14.79 21.60
N SER A 117 10.07 -14.98 22.84
CA SER A 117 10.52 -16.29 23.31
C SER A 117 10.54 -16.31 24.83
N GLY A 118 10.48 -17.52 25.39
CA GLY A 118 10.66 -17.70 26.82
C GLY A 118 9.38 -17.64 27.63
N HIS A 119 9.55 -17.81 28.94
CA HIS A 119 8.43 -17.72 29.88
C HIS A 119 7.20 -18.50 29.43
N ASP A 120 6.03 -17.86 29.40
CA ASP A 120 4.79 -18.59 29.07
C ASP A 120 4.62 -18.94 27.59
N LEU A 121 5.60 -18.58 26.77
CA LEU A 121 5.69 -19.14 25.42
C LEU A 121 6.39 -20.53 25.42
N GLU A 122 7.22 -20.84 26.45
CA GLU A 122 8.11 -22.03 26.40
C GLU A 122 7.33 -23.33 26.12
N VAL A 123 6.33 -23.63 26.95
CA VAL A 123 5.31 -24.66 26.59
C VAL A 123 4.00 -23.89 26.37
N PRO A 124 3.73 -23.57 25.09
CA PRO A 124 2.85 -22.46 24.68
C PRO A 124 1.33 -22.64 24.89
N ASP A 125 0.87 -23.87 24.66
CA ASP A 125 -0.55 -24.25 24.78
C ASP A 125 -0.65 -25.75 25.02
N SER A 126 -1.73 -26.36 24.54
CA SER A 126 -1.98 -27.81 24.63
C SER A 126 -1.31 -28.62 23.50
N GLY A 127 -0.86 -27.92 22.45
CA GLY A 127 -0.31 -28.57 21.27
C GLY A 127 -1.34 -28.77 20.16
N ASP A 128 -2.62 -28.57 20.49
CA ASP A 128 -3.71 -28.63 19.52
C ASP A 128 -3.68 -27.33 18.67
N VAL A 129 -3.77 -27.49 17.35
CA VAL A 129 -3.71 -26.37 16.41
C VAL A 129 -4.87 -25.36 16.57
N ASN A 130 -6.00 -25.82 17.12
CA ASN A 130 -7.20 -24.97 17.28
C ASN A 130 -7.31 -24.27 18.66
N ASP A 131 -6.29 -24.49 19.49
CA ASP A 131 -6.20 -23.89 20.84
C ASP A 131 -5.50 -22.55 20.80
N LEU A 132 -6.29 -21.47 20.89
CA LEU A 132 -5.70 -20.13 20.79
C LEU A 132 -5.16 -19.64 22.12
N ASN A 133 -5.42 -20.38 23.21
CA ASN A 133 -4.98 -20.00 24.54
C ASN A 133 -3.52 -20.27 24.82
N LEU A 134 -3.00 -19.60 25.85
CA LEU A 134 -1.74 -19.99 26.48
C LEU A 134 -1.95 -21.29 27.30
N ALA A 135 -0.86 -21.92 27.77
CA ALA A 135 -0.98 -23.25 28.44
C ALA A 135 -1.91 -23.27 29.67
N SER A 136 -1.98 -22.13 30.34
CA SER A 136 -2.89 -21.87 31.46
C SER A 136 -4.40 -22.08 31.18
N GLY A 137 -4.78 -22.09 29.91
CA GLY A 137 -6.20 -22.15 29.56
C GLY A 137 -6.84 -20.78 29.64
N LEU A 138 -5.99 -19.74 29.71
CA LEU A 138 -6.45 -18.34 29.58
C LEU A 138 -6.16 -17.84 28.16
N ARG A 139 -7.06 -17.05 27.58
CA ARG A 139 -6.76 -16.55 26.22
C ARG A 139 -5.51 -15.65 26.24
N SER A 140 -5.37 -14.86 27.30
CA SER A 140 -4.12 -14.09 27.52
C SER A 140 -3.87 -14.04 28.99
N ASN A 141 -2.59 -14.10 29.35
CA ASN A 141 -2.20 -14.37 30.75
C ASN A 141 -1.98 -13.08 31.50
N PRO A 142 -1.98 -13.15 32.84
CA PRO A 142 -1.34 -12.00 33.49
C PRO A 142 0.20 -11.97 33.14
N PRO A 143 0.89 -10.83 33.36
CA PRO A 143 2.30 -10.80 32.96
C PRO A 143 3.17 -11.78 33.77
N THR A 144 4.26 -12.24 33.18
CA THR A 144 5.15 -13.17 33.85
C THR A 144 6.22 -12.44 34.70
N TRP A 145 6.14 -11.11 34.74
CA TRP A 145 6.94 -10.30 35.66
C TRP A 145 6.23 -8.99 35.90
N THR A 146 6.67 -8.31 36.96
CA THR A 146 6.04 -7.06 37.41
C THR A 146 6.77 -5.92 36.81
N SER A 147 6.05 -4.98 36.20
CA SER A 147 6.69 -3.78 35.67
C SER A 147 5.65 -2.78 35.29
N ASP A 148 6.10 -1.56 34.99
CA ASP A 148 5.23 -0.51 34.48
C ASP A 148 4.93 -0.63 32.99
N ASP A 149 5.60 -1.55 32.31
CA ASP A 149 5.38 -1.70 30.88
C ASP A 149 4.11 -2.49 30.65
N ARG A 150 3.49 -2.34 29.50
CA ARG A 150 2.22 -3.02 29.23
C ARG A 150 2.46 -4.16 28.25
N GLN A 151 1.96 -5.33 28.59
CA GLN A 151 2.07 -6.48 27.72
C GLN A 151 0.99 -6.45 26.61
N PHE A 152 1.43 -6.42 25.35
CA PHE A 152 0.54 -6.66 24.21
C PHE A 152 -0.27 -7.95 24.47
N VAL A 153 -1.57 -7.94 24.19
CA VAL A 153 -2.44 -9.03 24.66
C VAL A 153 -2.48 -10.13 23.58
N TRP A 154 -2.36 -11.38 23.99
CA TRP A 154 -2.41 -12.47 23.02
C TRP A 154 -3.78 -12.52 22.30
N MET A 155 -3.77 -12.64 20.98
CA MET A 155 -5.03 -12.82 20.19
C MET A 155 -5.03 -14.21 19.50
N TRP A 156 -4.12 -14.43 18.55
CA TRP A 156 -4.06 -15.72 17.85
C TRP A 156 -2.72 -15.88 17.11
N GLY A 157 -2.48 -17.10 16.59
CA GLY A 157 -1.36 -17.38 15.69
C GLY A 157 -0.30 -18.26 16.30
N VAL A 158 0.93 -18.21 15.79
CA VAL A 158 1.99 -19.13 16.25
C VAL A 158 2.73 -18.54 17.43
N LYS A 159 2.73 -19.24 18.55
CA LYS A 159 3.45 -18.77 19.74
C LYS A 159 4.97 -18.67 19.59
N ASN A 160 5.58 -19.63 18.89
CA ASN A 160 7.03 -19.75 18.80
C ASN A 160 7.47 -19.67 17.36
N LEU A 161 7.80 -18.45 16.93
CA LEU A 161 8.30 -18.16 15.60
C LEU A 161 9.74 -18.63 15.46
N ASP A 162 10.17 -18.73 14.21
CA ASP A 162 11.55 -19.03 13.91
C ASP A 162 12.33 -17.71 14.07
N LEU A 163 12.89 -17.49 15.24
CA LEU A 163 13.61 -16.25 15.47
C LEU A 163 14.90 -16.08 14.63
N SER A 164 15.34 -17.14 13.94
N SER A 164 15.33 -17.14 13.94
CA SER A 164 16.52 -17.03 13.08
CA SER A 164 16.51 -17.04 13.07
C SER A 164 16.25 -16.18 11.85
C SER A 164 16.25 -16.21 11.83
N GLY A 165 14.98 -15.93 11.55
CA GLY A 165 14.60 -15.04 10.46
C GLY A 165 13.24 -14.39 10.73
N ILE A 166 13.22 -13.23 11.40
CA ILE A 166 12.00 -12.44 11.45
C ILE A 166 11.87 -11.52 10.24
N ALA A 167 10.82 -11.70 9.48
CA ALA A 167 10.72 -11.08 8.16
C ALA A 167 9.92 -9.80 8.12
N LYS A 168 8.97 -9.62 9.03
CA LYS A 168 8.10 -8.46 8.99
C LYS A 168 7.52 -8.17 10.36
N ILE A 169 7.46 -6.89 10.73
CA ILE A 169 6.75 -6.47 11.94
C ILE A 169 5.74 -5.45 11.49
N SER A 170 4.48 -5.73 11.80
CA SER A 170 3.40 -4.86 11.34
C SER A 170 2.60 -4.27 12.53
N LEU A 171 2.32 -2.96 12.49
CA LEU A 171 1.37 -2.34 13.43
C LEU A 171 0.24 -1.73 12.59
N SER A 172 -1.00 -2.16 12.83
CA SER A 172 -2.10 -1.71 12.01
C SER A 172 -3.32 -1.31 12.84
N VAL A 173 -4.11 -0.40 12.26
CA VAL A 173 -5.42 0.03 12.76
C VAL A 173 -6.46 -0.35 11.71
N GLN A 174 -7.50 -1.09 12.12
CA GLN A 174 -8.39 -1.66 11.13
C GLN A 174 -9.84 -1.34 11.41
N SER A 175 -10.59 -1.06 10.34
CA SER A 175 -12.04 -0.76 10.46
C SER A 175 -12.37 0.28 11.52
N ALA A 176 -11.66 1.40 11.54
CA ALA A 176 -11.91 2.47 12.50
C ALA A 176 -13.01 3.38 12.02
N MET A 177 -13.58 4.14 12.95
CA MET A 177 -14.60 5.14 12.63
C MET A 177 -13.96 6.52 12.55
N HIS A 178 -12.69 6.63 12.97
CA HIS A 178 -11.98 7.91 13.06
C HIS A 178 -10.54 7.76 12.67
N ASP A 179 -9.97 8.85 12.17
CA ASP A 179 -8.53 8.91 12.01
C ASP A 179 -7.84 8.68 13.31
N LYS A 180 -6.77 7.90 13.30
CA LYS A 180 -5.97 7.63 14.51
C LYS A 180 -4.54 8.12 14.27
N THR A 181 -3.96 8.70 15.29
CA THR A 181 -2.58 9.22 15.21
C THR A 181 -1.80 8.78 16.44
N VAL A 182 -0.58 8.29 16.22
CA VAL A 182 0.28 7.89 17.32
C VAL A 182 1.71 8.43 17.15
N ILE A 183 2.47 8.41 18.23
CA ILE A 183 3.93 8.56 18.15
C ILE A 183 4.51 7.27 18.65
N ILE A 184 5.49 6.75 17.91
CA ILE A 184 6.16 5.50 18.22
C ILE A 184 7.64 5.85 18.39
N ASP A 185 8.32 5.21 19.33
CA ASP A 185 9.75 5.49 19.58
C ASP A 185 10.40 4.30 20.23
N ASN A 186 11.73 4.23 20.10
CA ASN A 186 12.52 3.24 20.87
C ASN A 186 12.06 1.81 20.63
N ILE A 187 11.96 1.45 19.37
CA ILE A 187 11.63 0.08 19.03
C ILE A 187 12.87 -0.74 19.32
N ARG A 188 12.73 -1.76 20.15
CA ARG A 188 13.90 -2.46 20.71
C ARG A 188 13.65 -3.90 21.17
N ILE A 189 14.72 -4.65 21.39
CA ILE A 189 14.59 -5.96 22.01
C ILE A 189 15.27 -5.91 23.36
N GLN A 190 14.58 -6.40 24.40
CA GLN A 190 15.14 -6.58 25.74
C GLN A 190 14.98 -8.04 26.19
N PRO A 191 16.06 -8.61 26.76
CA PRO A 191 15.93 -9.90 27.41
C PRO A 191 14.85 -9.79 28.47
N ASN A 192 14.02 -10.84 28.62
CA ASN A 192 13.03 -10.89 29.70
C ASN A 192 13.65 -10.94 31.09
N PRO A 193 13.06 -10.23 32.07
CA PRO A 193 13.43 -10.42 33.48
C PRO A 193 13.19 -11.88 33.90
N PRO A 194 13.66 -12.30 35.09
CA PRO A 194 13.29 -13.64 35.56
C PRO A 194 11.76 -13.83 35.63
N GLN A 195 11.29 -15.02 35.27
CA GLN A 195 9.87 -15.34 35.32
C GLN A 195 9.40 -15.41 36.75
N ASP A 196 8.29 -14.75 37.07
CA ASP A 196 7.68 -14.86 38.38
C ASP A 196 6.95 -16.21 38.48
N GLU A 197 7.49 -17.17 39.26
CA GLU A 197 6.88 -18.51 39.25
C GLU A 197 5.51 -18.57 39.89
N ASN A 198 5.07 -17.50 40.54
CA ASN A 198 3.71 -17.35 41.06
C ASN A 198 2.72 -16.64 40.11
N PHE A 199 3.13 -16.28 38.90
CA PHE A 199 2.29 -15.50 38.00
C PHE A 199 0.89 -16.07 37.76
N LEU A 200 0.72 -17.39 37.88
CA LEU A 200 -0.60 -18.04 37.75
C LEU A 200 -1.17 -18.51 39.09
N VAL A 201 -0.54 -18.11 40.20
CA VAL A 201 -0.94 -18.62 41.52
C VAL A 201 -1.76 -17.54 42.24
N GLY A 202 -2.89 -17.95 42.80
CA GLY A 202 -3.78 -17.03 43.55
C GLY A 202 -4.33 -15.86 42.76
N LEU A 203 -4.80 -16.14 41.54
CA LEU A 203 -5.40 -15.08 40.65
C LEU A 203 -6.77 -14.57 41.06
N VAL A 204 -7.57 -15.44 41.68
CA VAL A 204 -9.00 -15.24 41.90
C VAL A 204 -9.36 -15.21 43.38
N ASP A 205 -10.09 -14.19 43.80
CA ASP A 205 -10.55 -14.12 45.21
C ASP A 205 -11.89 -14.89 45.31
N GLU A 206 -12.61 -14.77 46.42
CA GLU A 206 -13.81 -15.59 46.62
C GLU A 206 -15.05 -15.06 45.86
N PHE A 207 -14.96 -13.80 45.38
CA PHE A 207 -15.98 -13.21 44.55
C PHE A 207 -15.71 -13.48 43.07
N GLY A 208 -14.62 -14.15 42.75
CA GLY A 208 -14.22 -14.35 41.34
C GLY A 208 -13.43 -13.20 40.72
N GLN A 209 -13.03 -12.22 41.54
CA GLN A 209 -12.33 -11.04 41.05
C GLN A 209 -10.83 -11.26 40.98
N ASN A 210 -10.15 -10.41 40.21
CA ASN A 210 -8.69 -10.36 40.23
C ASN A 210 -8.20 -10.14 41.68
N ALA A 211 -7.58 -11.14 42.29
CA ALA A 211 -7.20 -11.02 43.75
C ALA A 211 -6.07 -10.04 44.00
N LYS A 212 -5.12 -9.98 43.09
CA LYS A 212 -3.89 -9.23 43.32
C LYS A 212 -3.98 -7.77 42.98
N VAL A 213 -4.98 -7.37 42.19
CA VAL A 213 -5.11 -5.98 41.79
C VAL A 213 -6.31 -5.36 42.49
N ASP A 214 -6.12 -4.21 43.12
CA ASP A 214 -7.21 -3.44 43.70
C ASP A 214 -7.65 -2.32 42.78
N TYR A 215 -8.69 -2.55 42.02
CA TYR A 215 -9.18 -1.55 41.10
C TYR A 215 -10.45 -0.85 41.54
N LYS A 216 -10.78 0.28 40.89
CA LYS A 216 -11.95 1.06 41.23
C LYS A 216 -13.18 0.20 40.90
N GLY A 217 -14.03 0.02 41.93
CA GLY A 217 -15.21 -0.79 41.84
C GLY A 217 -15.08 -2.22 42.34
N LYS A 218 -13.86 -2.67 42.63
CA LYS A 218 -13.64 -4.00 43.18
C LYS A 218 -14.42 -4.18 44.47
N ILE A 219 -14.95 -5.38 44.70
CA ILE A 219 -15.70 -5.63 45.93
C ILE A 219 -14.74 -6.22 46.99
N HIS A 220 -14.72 -5.64 48.19
CA HIS A 220 -13.81 -6.16 49.24
C HIS A 220 -14.49 -6.92 50.33
N SER A 221 -15.83 -6.80 50.44
CA SER A 221 -16.60 -7.62 51.38
C SER A 221 -18.05 -7.82 50.97
N LEU A 222 -18.72 -8.76 51.62
CA LEU A 222 -20.14 -8.99 51.41
C LEU A 222 -20.98 -7.72 51.60
N GLU A 223 -20.63 -6.93 52.61
CA GLU A 223 -21.34 -5.70 52.89
C GLU A 223 -21.26 -4.68 51.72
N GLU A 224 -20.08 -4.52 51.13
CA GLU A 224 -19.94 -3.67 49.94
C GLU A 224 -20.77 -4.21 48.78
N LEU A 225 -20.83 -5.53 48.65
CA LEU A 225 -21.65 -6.16 47.61
C LEU A 225 -23.13 -5.81 47.82
N HIS A 226 -23.62 -6.01 49.05
CA HIS A 226 -24.99 -5.65 49.45
C HIS A 226 -25.29 -4.16 49.32
N ALA A 227 -24.26 -3.32 49.50
CA ALA A 227 -24.48 -1.90 49.32
C ALA A 227 -24.68 -1.56 47.84
N ALA A 228 -23.83 -2.13 46.98
CA ALA A 228 -24.00 -1.94 45.53
C ALA A 228 -25.40 -2.44 45.09
N ARG A 229 -25.75 -3.65 45.50
CA ARG A 229 -27.11 -4.17 45.32
C ARG A 229 -28.23 -3.19 45.69
N ASP A 230 -28.24 -2.71 46.94
CA ASP A 230 -29.33 -1.87 47.46
C ASP A 230 -29.43 -0.56 46.71
N VAL A 231 -28.29 0.00 46.31
CA VAL A 231 -28.30 1.23 45.53
C VAL A 231 -28.98 0.96 44.18
N GLU A 232 -28.59 -0.13 43.51
CA GLU A 232 -29.20 -0.46 42.23
C GLU A 232 -30.69 -0.80 42.35
N LEU A 233 -31.04 -1.63 43.32
CA LEU A 233 -32.43 -2.05 43.46
C LEU A 233 -33.37 -0.88 43.71
N ALA A 234 -32.85 0.18 44.35
CA ALA A 234 -33.67 1.37 44.64
C ALA A 234 -33.97 2.18 43.38
N GLU A 235 -33.15 1.99 42.35
CA GLU A 235 -33.31 2.73 41.13
C GLU A 235 -34.11 1.99 40.05
N LEU A 236 -34.28 0.69 40.18
CA LEU A 236 -34.93 -0.12 39.14
C LEU A 236 -36.40 -0.25 39.48
N ASP A 237 -37.25 0.34 38.65
CA ASP A 237 -38.68 0.34 38.96
C ASP A 237 -39.52 -0.36 37.90
N GLY A 238 -38.89 -0.98 36.92
CA GLY A 238 -39.60 -1.68 35.87
C GLY A 238 -40.11 -0.79 34.73
N LYS A 239 -39.88 0.52 34.82
CA LYS A 239 -40.43 1.42 33.82
C LYS A 239 -39.58 1.55 32.51
N PRO A 240 -40.19 1.25 31.34
CA PRO A 240 -39.52 1.37 30.05
C PRO A 240 -39.26 2.83 29.74
N MET A 241 -38.31 3.12 28.86
CA MET A 241 -38.07 4.50 28.41
C MET A 241 -39.38 5.14 27.89
N PRO A 242 -39.43 6.49 27.77
CA PRO A 242 -40.63 7.14 27.30
C PRO A 242 -41.04 6.75 25.87
N SER A 243 -42.33 6.53 25.70
CA SER A 243 -42.91 6.50 24.35
C SER A 243 -42.59 5.18 23.61
N ARG A 244 -42.28 4.13 24.39
CA ARG A 244 -42.18 2.75 23.87
C ARG A 244 -43.57 2.14 23.87
N SER A 245 -43.90 1.37 22.83
CA SER A 245 -45.14 0.57 22.88
C SER A 245 -44.95 -0.61 23.80
N LYS A 246 -46.01 -1.42 23.93
CA LYS A 246 -45.96 -2.60 24.78
C LYS A 246 -44.77 -3.52 24.43
N PHE A 247 -44.57 -3.76 23.15
CA PHE A 247 -43.51 -4.67 22.69
C PHE A 247 -42.18 -3.92 22.41
N GLY A 248 -42.05 -2.68 22.89
CA GLY A 248 -40.77 -1.98 22.78
C GLY A 248 -40.58 -1.23 21.49
N GLY A 249 -41.66 -1.11 20.71
CA GLY A 249 -41.62 -0.34 19.45
C GLY A 249 -41.84 1.13 19.69
N TRP A 250 -41.91 1.90 18.62
CA TRP A 250 -42.03 3.35 18.77
C TRP A 250 -43.51 3.83 18.73
N LEU A 251 -44.01 4.42 19.82
CA LEU A 251 -45.37 5.01 19.86
C LEU A 251 -45.55 6.28 19.05
N ALA A 252 -44.49 7.08 18.92
CA ALA A 252 -44.61 8.44 18.42
C ALA A 252 -44.47 8.49 16.90
N GLY A 253 -44.52 7.34 16.27
CA GLY A 253 -44.18 7.25 14.85
C GLY A 253 -45.34 6.78 14.02
N PRO A 254 -45.10 6.49 12.74
CA PRO A 254 -46.20 5.94 11.93
C PRO A 254 -46.71 4.66 12.59
N LYS A 255 -47.98 4.36 12.46
CA LYS A 255 -48.46 3.06 12.92
C LYS A 255 -48.75 2.23 11.69
N LEU A 256 -48.20 1.02 11.60
CA LEU A 256 -48.29 0.21 10.39
C LEU A 256 -49.12 -1.04 10.60
N LYS A 257 -49.19 -1.92 9.60
CA LYS A 257 -50.01 -3.14 9.75
C LYS A 257 -49.54 -3.95 10.95
N ALA A 258 -50.48 -4.34 11.80
CA ALA A 258 -50.24 -5.13 12.97
C ALA A 258 -50.59 -6.58 12.66
N THR A 259 -49.62 -7.50 12.65
CA THR A 259 -49.93 -8.88 12.35
C THR A 259 -50.04 -9.79 13.57
N GLY A 260 -49.76 -9.26 14.75
CA GLY A 260 -49.63 -10.09 15.93
C GLY A 260 -48.21 -10.64 16.11
N TYR A 261 -47.31 -10.40 15.13
CA TYR A 261 -45.89 -10.89 15.25
C TYR A 261 -44.87 -9.89 14.77
N PHE A 262 -43.62 -10.01 15.26
CA PHE A 262 -42.54 -9.19 14.73
C PHE A 262 -42.32 -9.52 13.26
N ARG A 263 -42.12 -8.47 12.45
CA ARG A 263 -41.96 -8.61 11.00
C ARG A 263 -41.08 -7.49 10.49
N THR A 264 -40.78 -7.47 9.19
CA THR A 264 -39.92 -6.43 8.63
C THR A 264 -40.65 -5.48 7.68
N GLU A 265 -40.23 -4.23 7.65
CA GLU A 265 -40.78 -3.28 6.72
C GLU A 265 -39.80 -2.16 6.51
N LYS A 266 -39.67 -1.74 5.27
CA LYS A 266 -38.87 -0.57 4.91
C LYS A 266 -39.72 0.69 5.17
N ILE A 267 -39.20 1.61 5.99
CA ILE A 267 -39.89 2.86 6.40
C ILE A 267 -39.06 4.07 5.96
N ASN A 268 -39.57 4.82 4.96
CA ASN A 268 -38.84 5.95 4.39
C ASN A 268 -37.41 5.64 3.91
N GLY A 269 -37.26 4.56 3.17
CA GLY A 269 -35.93 4.22 2.67
C GLY A 269 -35.04 3.47 3.67
N LYS A 270 -35.54 3.25 4.90
CA LYS A 270 -34.76 2.52 5.92
C LYS A 270 -35.46 1.25 6.43
N TRP A 271 -34.76 0.12 6.46
CA TRP A 271 -35.35 -1.12 6.94
C TRP A 271 -35.59 -0.98 8.42
N MET A 272 -36.73 -1.48 8.91
CA MET A 272 -37.05 -1.56 10.33
C MET A 272 -37.67 -2.91 10.59
N LEU A 273 -37.69 -3.29 11.87
CA LEU A 273 -38.68 -4.25 12.32
C LEU A 273 -39.99 -3.52 12.62
N VAL A 274 -41.07 -4.27 12.81
CA VAL A 274 -42.37 -3.72 13.17
C VAL A 274 -42.91 -4.68 14.19
N ASP A 275 -43.40 -4.19 15.33
CA ASP A 275 -43.72 -5.08 16.43
C ASP A 275 -45.14 -5.65 16.20
N PRO A 276 -45.58 -6.59 17.04
CA PRO A 276 -46.88 -7.25 16.77
C PRO A 276 -48.10 -6.30 16.64
N GLU A 277 -48.00 -5.10 17.22
CA GLU A 277 -49.06 -4.12 17.20
C GLU A 277 -48.90 -3.09 16.12
N GLY A 278 -47.90 -3.26 15.26
CA GLY A 278 -47.76 -2.34 14.14
C GLY A 278 -46.86 -1.14 14.35
N TYR A 279 -46.13 -1.10 15.47
CA TYR A 279 -45.16 0.00 15.71
C TYR A 279 -43.75 -0.30 15.21
N PRO A 280 -43.07 0.71 14.59
CA PRO A 280 -41.69 0.56 14.13
C PRO A 280 -40.82 0.07 15.28
N TYR A 281 -39.86 -0.81 15.01
CA TYR A 281 -39.10 -1.45 16.07
C TYR A 281 -37.65 -1.58 15.62
N PHE A 282 -36.74 -1.40 16.56
CA PHE A 282 -35.31 -1.50 16.28
C PHE A 282 -34.73 -2.26 17.44
N ALA A 283 -33.97 -3.31 17.17
CA ALA A 283 -33.51 -4.23 18.22
C ALA A 283 -32.16 -3.82 18.86
N THR A 284 -32.14 -3.62 20.16
CA THR A 284 -30.92 -3.37 20.89
C THR A 284 -30.97 -4.30 22.12
N GLY A 285 -29.83 -4.75 22.61
CA GLY A 285 -29.88 -5.56 23.82
C GLY A 285 -28.61 -6.39 23.87
N LEU A 286 -28.56 -7.32 24.80
CA LEU A 286 -27.33 -8.11 25.03
C LEU A 286 -27.52 -9.61 24.77
N ASP A 287 -26.43 -10.25 24.34
CA ASP A 287 -26.35 -11.70 24.14
C ASP A 287 -25.97 -12.40 25.44
N ILE A 288 -26.15 -13.73 25.47
CA ILE A 288 -25.75 -14.58 26.63
C ILE A 288 -26.48 -14.09 27.91
N ILE A 289 -27.80 -14.18 27.88
CA ILE A 289 -28.54 -13.84 29.11
C ILE A 289 -28.88 -15.14 29.73
N ARG A 290 -27.85 -15.74 30.29
CA ARG A 290 -27.91 -17.12 30.75
C ARG A 290 -26.66 -17.33 31.56
N LEU A 291 -26.59 -18.42 32.33
CA LEU A 291 -25.39 -18.75 33.14
C LEU A 291 -24.48 -19.82 32.55
N SER A 292 -24.86 -20.41 31.42
CA SER A 292 -24.11 -21.47 30.74
C SER A 292 -22.62 -21.24 30.54
N ASN A 293 -22.23 -19.99 30.29
CA ASN A 293 -20.86 -19.68 29.90
C ASN A 293 -20.08 -18.97 31.03
N SER A 294 -20.64 -19.02 32.24
CA SER A 294 -20.13 -18.25 33.36
C SER A 294 -19.25 -19.06 34.25
N SER A 295 -19.02 -20.32 33.90
CA SER A 295 -18.17 -21.19 34.74
C SER A 295 -16.73 -21.30 34.19
N THR A 296 -15.80 -21.60 35.10
CA THR A 296 -14.38 -21.69 34.74
C THR A 296 -13.82 -22.99 35.32
N MET A 297 -12.90 -23.62 34.58
CA MET A 297 -12.36 -24.92 34.94
C MET A 297 -11.50 -24.78 36.22
N THR A 298 -11.80 -25.61 37.22
CA THR A 298 -11.13 -25.48 38.51
C THR A 298 -9.84 -26.28 38.58
N GLY A 299 -9.69 -27.24 37.67
CA GLY A 299 -8.55 -28.15 37.64
C GLY A 299 -8.85 -29.55 38.19
N TYR A 300 -10.06 -29.75 38.70
CA TYR A 300 -10.48 -31.08 39.20
C TYR A 300 -11.38 -31.84 38.22
N ASP A 301 -11.41 -33.14 38.41
CA ASP A 301 -12.21 -34.02 37.59
C ASP A 301 -12.85 -35.08 38.48
N TYR A 302 -13.83 -35.78 37.91
CA TYR A 302 -14.56 -36.81 38.63
C TYR A 302 -14.37 -38.17 37.99
N ASP A 303 -14.72 -39.21 38.75
CA ASP A 303 -14.78 -40.56 38.21
C ASP A 303 -15.91 -40.59 37.18
N GLN A 304 -15.57 -40.97 35.95
CA GLN A 304 -16.50 -40.87 34.83
C GLN A 304 -17.80 -41.67 35.02
N ALA A 305 -17.69 -42.81 35.69
CA ALA A 305 -18.86 -43.63 36.04
C ALA A 305 -19.87 -42.83 36.87
N THR A 306 -19.43 -41.76 37.52
CA THR A 306 -20.37 -40.93 38.31
C THR A 306 -21.01 -39.75 37.53
N VAL A 307 -20.62 -39.55 36.26
CA VAL A 307 -21.14 -38.43 35.45
C VAL A 307 -22.16 -38.86 34.39
N ALA A 308 -23.35 -38.26 34.40
CA ALA A 308 -24.33 -38.48 33.31
C ALA A 308 -23.68 -38.23 31.91
N GLN A 309 -23.77 -39.22 31.00
CA GLN A 309 -23.31 -39.08 29.61
C GLN A 309 -24.37 -38.35 28.74
N ARG A 310 -23.93 -37.71 27.64
CA ARG A 310 -24.80 -36.96 26.73
C ARG A 310 -25.62 -37.92 25.89
N SER A 311 -26.89 -37.57 25.65
CA SER A 311 -27.70 -38.27 24.65
C SER A 311 -27.24 -37.92 23.23
N ALA A 312 -27.22 -38.91 22.35
CA ALA A 312 -26.90 -38.64 20.94
C ALA A 312 -27.95 -37.73 20.28
N ASP A 313 -29.15 -37.64 20.88
CA ASP A 313 -30.25 -36.89 20.26
C ASP A 313 -30.39 -35.46 20.76
N ASP A 314 -29.57 -35.11 21.74
CA ASP A 314 -29.66 -33.78 22.34
C ASP A 314 -29.52 -32.68 21.24
N VAL A 315 -30.40 -31.70 21.18
CA VAL A 315 -30.22 -30.60 20.21
C VAL A 315 -29.25 -29.52 20.71
N THR A 316 -28.86 -29.61 21.98
CA THR A 316 -28.00 -28.61 22.63
C THR A 316 -26.52 -29.02 22.79
N PRO A 317 -25.61 -28.27 22.12
CA PRO A 317 -24.18 -28.56 22.21
C PRO A 317 -23.68 -28.27 23.64
N GLU A 318 -22.60 -28.94 24.06
CA GLU A 318 -22.17 -28.91 25.46
C GLU A 318 -21.90 -27.49 25.92
N ASP A 319 -21.34 -26.68 25.03
CA ASP A 319 -21.05 -25.28 25.39
C ASP A 319 -22.31 -24.47 25.82
N SER A 320 -23.48 -24.87 25.35
CA SER A 320 -24.71 -24.12 25.63
C SER A 320 -25.62 -24.90 26.58
N LYS A 321 -25.15 -25.99 27.17
CA LYS A 321 -25.99 -26.71 28.19
C LYS A 321 -26.08 -25.90 29.48
N GLY A 322 -27.15 -26.12 30.25
CA GLY A 322 -27.26 -25.52 31.58
C GLY A 322 -26.07 -25.94 32.43
N LEU A 323 -25.77 -25.16 33.46
CA LEU A 323 -24.79 -25.56 34.48
C LEU A 323 -25.24 -26.89 35.06
N MET A 324 -24.38 -27.90 34.99
CA MET A 324 -24.70 -29.26 35.44
C MET A 324 -24.59 -29.38 36.96
N ALA A 325 -25.71 -29.74 37.61
CA ALA A 325 -25.75 -29.94 39.05
C ALA A 325 -24.82 -31.10 39.43
N VAL A 326 -23.84 -30.85 40.28
CA VAL A 326 -22.86 -31.91 40.61
C VAL A 326 -23.33 -32.66 41.86
N SER A 327 -23.42 -33.99 41.77
CA SER A 327 -23.80 -34.85 42.90
C SER A 327 -22.71 -35.04 43.98
N GLU A 328 -23.15 -35.43 45.18
CA GLU A 328 -22.27 -35.91 46.23
C GLU A 328 -21.43 -37.06 45.75
N LYS A 329 -22.03 -37.97 45.01
CA LYS A 329 -21.30 -39.17 44.58
C LYS A 329 -20.11 -38.72 43.69
N SER A 330 -20.39 -37.91 42.67
CA SER A 330 -19.32 -37.33 41.86
C SER A 330 -18.27 -36.59 42.69
N PHE A 331 -18.73 -35.67 43.56
CA PHE A 331 -17.81 -34.78 44.28
C PHE A 331 -16.85 -35.56 45.20
N ALA A 332 -17.33 -36.69 45.72
CA ALA A 332 -16.50 -37.59 46.52
C ALA A 332 -15.29 -38.12 45.76
N THR A 333 -15.43 -38.32 44.44
CA THR A 333 -14.33 -38.85 43.61
C THR A 333 -13.39 -37.77 43.06
N ARG A 334 -13.67 -36.52 43.41
CA ARG A 334 -12.88 -35.36 43.02
C ARG A 334 -11.40 -35.63 43.12
N HIS A 335 -10.68 -35.49 42.00
CA HIS A 335 -9.22 -35.58 42.02
C HIS A 335 -8.64 -34.43 41.19
N LEU A 336 -7.34 -34.20 41.35
CA LEU A 336 -6.67 -33.08 40.73
C LEU A 336 -6.12 -33.46 39.36
N ALA A 337 -6.70 -32.90 38.29
CA ALA A 337 -6.24 -33.11 36.90
C ALA A 337 -5.27 -32.01 36.42
N SER A 338 -5.53 -30.75 36.80
CA SER A 338 -4.61 -29.66 36.47
C SER A 338 -4.18 -28.87 37.71
N PRO A 339 -2.97 -29.18 38.23
CA PRO A 339 -2.40 -28.40 39.34
C PRO A 339 -2.34 -26.90 39.01
N THR A 340 -1.99 -26.58 37.76
CA THR A 340 -1.94 -25.16 37.30
C THR A 340 -3.29 -24.46 37.48
N ARG A 341 -4.39 -25.07 36.99
CA ARG A 341 -5.74 -24.51 37.19
C ARG A 341 -6.05 -24.38 38.69
N ALA A 342 -5.88 -25.49 39.41
CA ALA A 342 -6.33 -25.50 40.82
C ALA A 342 -5.63 -24.39 41.65
N ALA A 343 -4.36 -24.13 41.39
CA ALA A 343 -3.64 -23.08 42.14
C ALA A 343 -4.04 -21.64 41.79
N MET A 344 -4.90 -21.47 40.78
CA MET A 344 -5.40 -20.13 40.44
C MET A 344 -6.36 -19.52 41.47
N PHE A 345 -7.05 -20.39 42.21
CA PHE A 345 -8.18 -19.98 43.06
C PHE A 345 -7.88 -19.91 44.54
N ASN A 346 -7.92 -18.71 45.12
CA ASN A 346 -7.77 -18.57 46.58
C ASN A 346 -8.88 -19.22 47.40
N TRP A 347 -10.03 -19.48 46.75
CA TRP A 347 -11.19 -20.05 47.44
C TRP A 347 -12.11 -20.83 46.49
N LEU A 348 -12.42 -22.07 46.88
CA LEU A 348 -13.46 -22.84 46.24
C LEU A 348 -14.19 -23.47 47.42
N PRO A 349 -15.54 -23.60 47.36
CA PRO A 349 -16.27 -24.10 48.53
C PRO A 349 -16.16 -25.61 48.70
N ASP A 350 -16.25 -26.10 49.95
CA ASP A 350 -16.40 -27.54 50.24
C ASP A 350 -17.81 -28.03 49.86
N TYR A 351 -17.95 -29.34 49.57
CA TYR A 351 -19.24 -29.94 49.12
C TYR A 351 -20.43 -29.52 49.99
N ASP A 352 -20.19 -29.29 51.28
CA ASP A 352 -21.27 -28.95 52.23
C ASP A 352 -21.47 -27.44 52.45
N HIS A 353 -20.59 -26.62 51.87
CA HIS A 353 -20.73 -25.15 51.96
C HIS A 353 -21.99 -24.72 51.18
N PRO A 354 -22.72 -23.68 51.64
CA PRO A 354 -23.96 -23.20 50.98
C PRO A 354 -23.79 -22.73 49.52
N LEU A 355 -22.58 -22.27 49.15
CA LEU A 355 -22.27 -21.91 47.74
C LEU A 355 -21.75 -23.05 46.85
N ALA A 356 -21.78 -24.29 47.35
CA ALA A 356 -21.26 -25.43 46.60
C ALA A 356 -22.19 -25.85 45.49
N ASN A 357 -23.38 -25.25 45.43
CA ASN A 357 -24.27 -25.56 44.34
C ASN A 357 -23.86 -24.90 43.02
N HIS A 358 -22.82 -24.07 43.01
CA HIS A 358 -22.41 -23.36 41.78
C HIS A 358 -21.24 -24.04 41.09
N TYR A 359 -20.98 -25.28 41.50
CA TYR A 359 -20.18 -26.18 40.72
C TYR A 359 -20.94 -26.57 39.44
N ASN A 360 -20.16 -26.96 38.43
CA ASN A 360 -20.61 -27.31 37.10
C ASN A 360 -19.60 -28.37 36.73
N TYR A 361 -19.95 -29.16 35.71
CA TYR A 361 -19.05 -30.13 35.13
C TYR A 361 -19.28 -30.04 33.63
N ARG A 362 -18.20 -29.90 32.87
CA ARG A 362 -18.28 -29.90 31.41
C ARG A 362 -17.65 -31.17 30.83
N ARG A 363 -18.39 -31.84 29.96
CA ARG A 363 -17.92 -33.12 29.44
C ARG A 363 -17.06 -32.99 28.20
N SER A 364 -16.93 -31.76 27.71
CA SER A 364 -16.01 -31.49 26.62
C SER A 364 -15.57 -30.04 26.72
N ALA A 365 -14.60 -29.66 25.89
CA ALA A 365 -14.19 -28.27 25.77
C ALA A 365 -13.62 -28.12 24.38
N HIS A 366 -13.76 -26.94 23.80
CA HIS A 366 -13.10 -26.63 22.53
C HIS A 366 -11.59 -26.54 22.71
N SER A 367 -11.12 -25.83 23.72
CA SER A 367 -9.67 -25.71 23.89
C SER A 367 -9.30 -25.36 25.31
N GLY A 368 -8.04 -25.57 25.64
CA GLY A 368 -7.60 -25.40 27.02
C GLY A 368 -6.84 -26.65 27.44
N PRO A 369 -6.21 -26.61 28.63
CA PRO A 369 -5.43 -27.74 29.17
C PRO A 369 -6.29 -28.93 29.59
N LEU A 370 -7.60 -28.76 29.74
CA LEU A 370 -8.46 -29.87 30.10
C LEU A 370 -9.55 -30.12 29.04
N LYS A 371 -9.72 -31.38 28.70
CA LYS A 371 -10.77 -31.81 27.78
C LYS A 371 -12.14 -31.90 28.45
N ARG A 372 -12.15 -31.96 29.78
CA ARG A 372 -13.40 -32.05 30.53
C ARG A 372 -13.01 -31.74 31.95
N GLY A 373 -14.00 -31.50 32.80
CA GLY A 373 -13.69 -31.34 34.22
C GLY A 373 -14.69 -30.49 34.97
N GLU A 374 -14.44 -30.42 36.28
CA GLU A 374 -15.20 -29.57 37.17
C GLU A 374 -14.98 -28.12 36.84
N ALA A 375 -16.03 -27.33 36.99
CA ALA A 375 -15.92 -25.89 36.81
C ALA A 375 -16.71 -25.19 37.91
N TYR A 376 -16.50 -23.89 38.09
CA TYR A 376 -17.24 -23.14 39.08
C TYR A 376 -17.66 -21.81 38.49
N SER A 377 -18.90 -21.43 38.77
CA SER A 377 -19.45 -20.15 38.36
C SER A 377 -19.47 -19.17 39.51
N PHE A 378 -18.51 -18.25 39.54
CA PHE A 378 -18.46 -17.24 40.58
C PHE A 378 -19.58 -16.24 40.41
N TYR A 379 -19.93 -15.99 39.16
CA TYR A 379 -21.05 -15.08 38.93
C TYR A 379 -22.33 -15.67 39.57
N SER A 380 -22.60 -16.92 39.27
CA SER A 380 -23.77 -17.55 39.87
C SER A 380 -23.74 -17.54 41.43
N ALA A 381 -22.58 -17.87 41.99
CA ALA A 381 -22.35 -17.79 43.44
C ALA A 381 -22.68 -16.42 44.03
N ASN A 382 -22.29 -15.36 43.31
CA ASN A 382 -22.56 -14.00 43.73
C ASN A 382 -24.02 -13.65 43.63
N LEU A 383 -24.77 -14.25 42.70
CA LEU A 383 -26.26 -14.04 42.74
C LEU A 383 -26.83 -14.63 44.03
N GLU A 384 -26.31 -15.78 44.46
CA GLU A 384 -26.78 -16.30 45.76
C GLU A 384 -26.35 -15.36 46.90
N ARG A 385 -25.09 -14.93 46.90
CA ARG A 385 -24.67 -13.93 47.90
C ARG A 385 -25.55 -12.68 47.88
N LYS A 386 -25.94 -12.20 46.70
CA LYS A 386 -26.71 -10.97 46.67
C LYS A 386 -28.16 -11.18 47.13
N TYR A 387 -28.77 -12.27 46.69
CA TYR A 387 -30.23 -12.31 46.79
C TYR A 387 -30.73 -13.39 47.75
N GLY A 388 -29.82 -14.22 48.24
CA GLY A 388 -30.18 -15.26 49.17
C GLY A 388 -31.03 -16.36 48.57
N GLU A 389 -31.50 -17.23 49.45
CA GLU A 389 -32.32 -18.33 49.01
C GLU A 389 -33.51 -18.48 49.94
N THR A 390 -34.73 -18.22 49.46
CA THR A 390 -35.91 -18.50 50.28
C THR A 390 -36.69 -19.75 49.87
N TYR A 391 -36.21 -20.45 48.86
CA TYR A 391 -36.72 -21.76 48.45
C TYR A 391 -35.63 -22.09 47.43
N PRO A 392 -35.41 -23.37 47.11
CA PRO A 392 -34.25 -23.65 46.23
C PRO A 392 -34.22 -22.85 44.92
N GLY A 393 -33.10 -22.20 44.66
CA GLY A 393 -32.88 -21.52 43.38
C GLY A 393 -33.56 -20.17 43.29
N SER A 394 -34.04 -19.62 44.41
CA SER A 394 -34.85 -18.38 44.33
C SER A 394 -34.04 -17.20 43.80
N TYR A 395 -32.71 -17.23 44.03
CA TYR A 395 -31.85 -16.12 43.55
C TYR A 395 -31.88 -16.04 42.03
N LEU A 396 -32.14 -17.17 41.37
CA LEU A 396 -32.25 -17.21 39.91
C LEU A 396 -33.49 -16.47 39.46
N ASP A 397 -34.62 -16.67 40.15
CA ASP A 397 -35.81 -15.98 39.77
C ASP A 397 -35.63 -14.47 39.94
N LYS A 398 -34.97 -14.11 41.05
CA LYS A 398 -34.70 -12.73 41.38
C LYS A 398 -33.74 -12.16 40.31
N TRP A 399 -32.70 -12.92 39.98
CA TRP A 399 -31.78 -12.51 38.88
C TRP A 399 -32.55 -12.16 37.61
N ARG A 400 -33.46 -13.04 37.21
N ARG A 400 -33.46 -13.05 37.20
CA ARG A 400 -34.22 -12.84 35.98
CA ARG A 400 -34.21 -12.85 35.97
C ARG A 400 -35.10 -11.61 36.02
C ARG A 400 -35.11 -11.62 36.02
N GLU A 401 -35.69 -11.35 37.20
CA GLU A 401 -36.54 -10.18 37.36
C GLU A 401 -35.69 -8.92 37.34
N VAL A 402 -34.57 -8.92 38.08
CA VAL A 402 -33.68 -7.77 38.06
C VAL A 402 -33.13 -7.54 36.62
N THR A 403 -32.81 -8.66 35.91
CA THR A 403 -32.29 -8.58 34.54
C THR A 403 -33.25 -7.84 33.60
N VAL A 404 -34.52 -8.24 33.63
CA VAL A 404 -35.52 -7.56 32.77
C VAL A 404 -35.72 -6.10 33.24
N ASP A 405 -35.69 -5.86 34.54
CA ASP A 405 -35.80 -4.46 35.03
C ASP A 405 -34.64 -3.63 34.51
N ARG A 406 -33.44 -4.22 34.52
CA ARG A 406 -32.24 -3.52 33.99
C ARG A 406 -32.38 -3.14 32.53
N MET A 407 -32.72 -4.15 31.70
CA MET A 407 -32.83 -3.95 30.28
C MET A 407 -33.82 -2.84 29.99
N LEU A 408 -34.97 -2.85 30.66
CA LEU A 408 -35.97 -1.77 30.49
C LEU A 408 -35.41 -0.41 30.93
N ASN A 409 -34.84 -0.36 32.13
CA ASN A 409 -34.20 0.86 32.59
C ASN A 409 -33.09 1.35 31.65
N TRP A 410 -32.32 0.43 31.06
CA TRP A 410 -31.21 0.85 30.23
C TRP A 410 -31.65 1.29 28.83
N GLY A 411 -32.94 1.12 28.55
CA GLY A 411 -33.52 1.51 27.26
C GLY A 411 -33.45 0.40 26.19
N PHE A 412 -32.88 -0.76 26.53
CA PHE A 412 -32.85 -1.84 25.50
C PHE A 412 -34.24 -2.31 25.07
N THR A 413 -34.39 -2.72 23.81
CA THR A 413 -35.69 -3.18 23.33
C THR A 413 -35.85 -4.69 23.29
N SER A 414 -34.79 -5.43 23.65
CA SER A 414 -34.86 -6.86 23.55
C SER A 414 -33.83 -7.49 24.52
N LEU A 415 -34.07 -8.76 24.80
CA LEU A 415 -33.08 -9.70 25.26
C LEU A 415 -32.48 -10.34 23.98
N GLY A 416 -31.14 -10.40 23.93
CA GLY A 416 -30.45 -10.86 22.70
C GLY A 416 -30.34 -12.35 22.52
N ASN A 417 -29.38 -12.78 21.71
CA ASN A 417 -29.25 -14.21 21.41
C ASN A 417 -28.76 -14.97 22.63
N TRP A 418 -29.05 -16.27 22.69
CA TRP A 418 -28.70 -17.10 23.85
C TRP A 418 -29.27 -16.53 25.18
N THR A 419 -30.55 -16.20 25.13
CA THR A 419 -31.30 -15.84 26.32
C THR A 419 -31.86 -17.16 26.89
N ASP A 420 -31.66 -17.37 28.19
CA ASP A 420 -32.15 -18.61 28.81
C ASP A 420 -33.68 -18.75 28.55
N PRO A 421 -34.17 -19.97 28.18
CA PRO A 421 -35.62 -20.17 27.88
C PRO A 421 -36.57 -19.76 29.02
N ALA A 422 -36.05 -19.70 30.25
CA ALA A 422 -36.87 -19.22 31.37
C ALA A 422 -37.33 -17.76 31.22
N TYR A 423 -36.66 -16.96 30.38
CA TYR A 423 -37.14 -15.59 30.07
C TYR A 423 -38.23 -15.52 29.02
N TYR A 424 -38.53 -16.65 28.40
CA TYR A 424 -39.36 -16.62 27.19
C TYR A 424 -40.79 -16.24 27.51
N ASP A 425 -41.21 -16.35 28.77
CA ASP A 425 -42.55 -15.87 29.13
C ASP A 425 -42.49 -14.65 30.05
N ASN A 426 -41.41 -13.86 29.98
CA ASN A 426 -41.34 -12.69 30.85
C ASN A 426 -42.47 -11.71 30.55
N ASN A 427 -42.81 -11.57 29.28
CA ASN A 427 -43.99 -10.82 28.84
C ASN A 427 -43.89 -9.35 29.24
N ARG A 428 -42.66 -8.88 29.37
CA ARG A 428 -42.34 -7.46 29.54
C ARG A 428 -41.32 -6.88 28.52
N ILE A 429 -40.42 -7.72 28.00
CA ILE A 429 -39.45 -7.28 26.99
C ILE A 429 -39.36 -8.41 25.96
N PRO A 430 -39.36 -8.07 24.66
CA PRO A 430 -39.17 -9.09 23.59
C PRO A 430 -37.83 -9.83 23.71
N PHE A 431 -37.69 -10.97 23.05
CA PHE A 431 -36.48 -11.74 23.16
C PHE A 431 -36.20 -12.40 21.81
N PHE A 432 -34.96 -12.86 21.68
CA PHE A 432 -34.52 -13.60 20.53
C PHE A 432 -34.27 -15.03 20.96
N ALA A 433 -34.68 -15.95 20.11
CA ALA A 433 -34.60 -17.38 20.33
C ALA A 433 -33.49 -17.92 19.45
N ASN A 434 -32.97 -19.09 19.77
CA ASN A 434 -31.87 -19.71 19.01
C ASN A 434 -31.99 -21.22 19.06
N GLY A 435 -31.38 -21.88 18.07
CA GLY A 435 -31.20 -23.34 18.07
C GLY A 435 -29.88 -23.60 17.36
N TRP A 436 -29.31 -24.80 17.56
CA TRP A 436 -28.13 -25.22 16.88
C TRP A 436 -28.54 -26.53 16.18
N VAL A 437 -28.16 -26.73 14.91
CA VAL A 437 -28.33 -28.06 14.26
C VAL A 437 -27.08 -28.91 14.46
N ILE A 438 -27.17 -29.87 15.39
CA ILE A 438 -26.03 -30.75 15.65
C ILE A 438 -26.53 -32.19 15.50
N GLY A 439 -25.59 -33.13 15.45
CA GLY A 439 -25.96 -34.53 15.31
C GLY A 439 -24.93 -35.32 14.51
N ASP A 440 -25.36 -36.47 14.01
CA ASP A 440 -24.48 -37.49 13.44
C ASP A 440 -24.50 -37.57 11.91
N PHE A 441 -25.14 -36.58 11.28
CA PHE A 441 -25.07 -36.43 9.80
C PHE A 441 -23.65 -36.39 9.25
N LYS A 442 -23.53 -36.65 7.96
CA LYS A 442 -22.22 -36.64 7.32
C LYS A 442 -21.75 -35.21 7.27
N THR A 443 -20.46 -35.00 6.99
CA THR A 443 -19.84 -33.68 7.02
C THR A 443 -18.96 -33.44 5.77
N VAL A 444 -18.58 -32.18 5.53
CA VAL A 444 -17.65 -31.76 4.47
C VAL A 444 -16.63 -30.81 5.08
N SER A 445 -15.52 -30.59 4.38
CA SER A 445 -14.46 -29.72 4.90
C SER A 445 -14.28 -28.47 4.12
N SER A 446 -14.05 -27.39 4.87
CA SER A 446 -13.76 -26.11 4.27
C SER A 446 -12.27 -25.82 4.29
N GLY A 447 -11.50 -26.53 5.13
CA GLY A 447 -10.06 -26.21 5.34
C GLY A 447 -9.78 -25.38 6.60
N ALA A 448 -10.82 -24.87 7.24
CA ALA A 448 -10.65 -24.01 8.43
C ALA A 448 -11.77 -24.27 9.44
N ASP A 449 -12.05 -25.55 9.66
CA ASP A 449 -13.18 -25.96 10.47
C ASP A 449 -12.80 -26.04 11.93
N PHE A 450 -12.46 -24.89 12.52
CA PHE A 450 -11.87 -24.81 13.86
C PHE A 450 -12.81 -25.27 14.94
N TRP A 451 -14.11 -25.27 14.65
CA TRP A 451 -15.12 -25.73 15.61
C TRP A 451 -15.83 -27.00 15.16
N GLY A 452 -15.17 -27.82 14.35
CA GLY A 452 -15.82 -29.06 13.83
C GLY A 452 -16.12 -28.96 12.33
N ALA A 453 -16.19 -30.12 11.65
CA ALA A 453 -16.32 -30.14 10.19
C ALA A 453 -17.73 -29.62 9.84
N MET A 454 -17.88 -29.01 8.67
CA MET A 454 -19.20 -28.49 8.16
C MET A 454 -20.26 -29.59 7.85
N PRO A 455 -21.56 -29.29 7.98
CA PRO A 455 -22.56 -30.33 7.74
C PRO A 455 -22.68 -30.70 6.27
N ASP A 456 -22.83 -32.00 5.98
CA ASP A 456 -23.20 -32.34 4.63
C ASP A 456 -24.69 -32.04 4.53
N VAL A 457 -25.05 -30.90 3.95
CA VAL A 457 -26.45 -30.44 4.01
C VAL A 457 -27.34 -31.20 3.04
N PHE A 458 -26.74 -32.04 2.20
CA PHE A 458 -27.52 -32.90 1.32
C PHE A 458 -27.79 -34.30 1.92
N ASP A 459 -27.11 -34.62 3.03
CA ASP A 459 -27.43 -35.83 3.79
C ASP A 459 -28.86 -35.71 4.42
N PRO A 460 -29.82 -36.63 4.08
CA PRO A 460 -31.17 -36.48 4.70
C PRO A 460 -31.20 -36.34 6.24
N GLU A 461 -30.19 -36.90 6.92
CA GLU A 461 -30.07 -36.77 8.36
C GLU A 461 -29.85 -35.34 8.81
N PHE A 462 -29.13 -34.53 8.03
CA PHE A 462 -29.07 -33.09 8.32
C PHE A 462 -30.44 -32.44 8.48
N LYS A 463 -31.36 -32.72 7.55
CA LYS A 463 -32.73 -32.22 7.61
C LYS A 463 -33.52 -32.79 8.78
N VAL A 464 -33.36 -34.08 9.07
CA VAL A 464 -34.00 -34.67 10.26
C VAL A 464 -33.53 -33.89 11.48
N ARG A 465 -32.24 -33.57 11.54
CA ARG A 465 -31.75 -32.82 12.72
C ARG A 465 -32.23 -31.38 12.79
N ALA A 466 -32.28 -30.71 11.64
CA ALA A 466 -32.76 -29.33 11.59
C ALA A 466 -34.23 -29.30 12.04
N MET A 467 -35.05 -30.25 11.59
CA MET A 467 -36.47 -30.32 12.04
C MET A 467 -36.58 -30.53 13.55
N GLU A 468 -35.73 -31.40 14.10
CA GLU A 468 -35.74 -31.59 15.55
C GLU A 468 -35.31 -30.30 16.26
N THR A 469 -34.30 -29.62 15.72
CA THR A 469 -33.85 -28.38 16.33
C THR A 469 -35.00 -27.39 16.36
N ALA A 470 -35.69 -27.20 15.22
CA ALA A 470 -36.75 -26.23 15.16
C ALA A 470 -37.95 -26.59 16.02
N ARG A 471 -38.24 -27.88 16.14
CA ARG A 471 -39.34 -28.38 17.01
C ARG A 471 -39.09 -27.94 18.46
N VAL A 472 -37.87 -28.16 18.94
CA VAL A 472 -37.50 -27.75 20.29
C VAL A 472 -37.58 -26.24 20.49
N VAL A 473 -37.12 -25.44 19.52
CA VAL A 473 -37.28 -23.98 19.66
C VAL A 473 -38.77 -23.61 19.74
N SER A 474 -39.57 -24.22 18.87
N SER A 474 -39.56 -24.22 18.87
CA SER A 474 -41.00 -23.88 18.82
CA SER A 474 -40.99 -23.89 18.80
C SER A 474 -41.66 -24.21 20.15
C SER A 474 -41.67 -24.22 20.13
N GLU A 475 -41.31 -25.37 20.70
CA GLU A 475 -41.75 -25.79 22.02
C GLU A 475 -41.36 -24.79 23.12
N GLU A 476 -40.16 -24.22 23.02
CA GLU A 476 -39.69 -23.24 23.99
C GLU A 476 -40.39 -21.93 23.90
N ILE A 477 -40.55 -21.41 22.68
CA ILE A 477 -41.07 -20.06 22.54
C ILE A 477 -42.61 -20.02 22.59
N LYS A 478 -43.23 -21.19 22.43
CA LYS A 478 -44.72 -21.31 22.53
C LYS A 478 -45.43 -20.32 21.56
N ASN A 479 -44.95 -20.22 20.33
CA ASN A 479 -45.53 -19.24 19.34
C ASN A 479 -45.69 -17.79 19.88
N SER A 480 -44.90 -17.40 20.88
CA SER A 480 -45.16 -16.11 21.56
C SER A 480 -44.96 -14.87 20.68
N PRO A 481 -45.84 -13.87 20.77
CA PRO A 481 -45.56 -12.64 20.02
C PRO A 481 -44.31 -11.88 20.50
N TRP A 482 -43.80 -12.23 21.68
CA TRP A 482 -42.64 -11.60 22.30
C TRP A 482 -41.36 -12.05 21.64
N CYS A 483 -41.43 -13.18 20.92
CA CYS A 483 -40.27 -13.66 20.21
C CYS A 483 -40.08 -12.86 18.90
N VAL A 484 -38.97 -12.12 18.83
CA VAL A 484 -38.68 -11.29 17.64
C VAL A 484 -38.35 -12.20 16.44
N GLY A 485 -37.65 -13.30 16.70
CA GLY A 485 -37.24 -14.17 15.60
C GLY A 485 -36.22 -15.18 16.11
N VAL A 486 -35.78 -16.05 15.22
CA VAL A 486 -35.02 -17.22 15.57
C VAL A 486 -33.71 -17.21 14.80
N PHE A 487 -32.60 -17.25 15.53
CA PHE A 487 -31.26 -17.50 14.97
C PHE A 487 -31.03 -18.99 14.97
N ILE A 488 -30.47 -19.51 13.88
CA ILE A 488 -30.06 -20.91 13.91
C ILE A 488 -28.59 -20.98 13.62
N ASP A 489 -27.88 -21.65 14.50
CA ASP A 489 -26.43 -21.79 14.33
C ASP A 489 -25.69 -20.45 14.53
N ASN A 490 -24.39 -20.45 14.33
CA ASN A 490 -23.58 -19.27 14.59
C ASN A 490 -22.20 -19.39 13.97
N GLN A 491 -21.86 -18.41 13.12
CA GLN A 491 -20.53 -18.34 12.52
C GLN A 491 -20.04 -19.64 11.94
N LYS A 492 -20.85 -20.27 11.09
CA LYS A 492 -20.40 -21.60 10.57
C LYS A 492 -19.16 -21.33 9.65
N SER A 493 -18.23 -22.29 9.59
CA SER A 493 -17.04 -22.08 8.79
C SER A 493 -17.25 -22.40 7.27
N PHE A 494 -18.03 -21.53 6.60
CA PHE A 494 -18.34 -21.72 5.17
C PHE A 494 -17.09 -21.56 4.27
N GLY A 495 -16.15 -20.73 4.70
CA GLY A 495 -14.98 -20.36 3.90
C GLY A 495 -14.34 -19.16 4.58
N ARG A 496 -13.07 -18.90 4.28
CA ARG A 496 -12.30 -17.76 4.83
C ARG A 496 -11.95 -16.85 3.62
N PRO A 497 -11.63 -15.58 3.89
CA PRO A 497 -11.47 -14.60 2.79
C PRO A 497 -10.05 -14.48 2.19
N ASP A 498 -9.09 -15.16 2.81
CA ASP A 498 -7.65 -15.07 2.45
C ASP A 498 -7.33 -15.25 0.93
N SER A 499 -7.93 -16.25 0.29
CA SER A 499 -7.44 -16.75 -0.99
C SER A 499 -8.52 -17.57 -1.65
N ASP A 500 -8.23 -18.09 -2.85
CA ASP A 500 -9.15 -18.99 -3.55
C ASP A 500 -9.27 -20.29 -2.79
N LYS A 501 -8.16 -20.82 -2.33
CA LYS A 501 -8.14 -22.01 -1.53
C LYS A 501 -9.05 -21.84 -0.29
N ALA A 502 -9.00 -20.67 0.34
CA ALA A 502 -9.69 -20.42 1.60
C ALA A 502 -11.19 -20.18 1.34
N GLN A 503 -11.52 -19.37 0.33
CA GLN A 503 -12.88 -19.12 -0.03
C GLN A 503 -13.66 -20.38 -0.51
N TYR A 504 -12.99 -21.18 -1.34
CA TYR A 504 -13.66 -22.26 -2.05
C TYR A 504 -13.22 -23.63 -1.51
N GLY A 505 -12.78 -23.62 -0.25
CA GLY A 505 -12.35 -24.84 0.45
C GLY A 505 -13.42 -25.91 0.38
N ILE A 506 -14.70 -25.56 0.51
CA ILE A 506 -15.76 -26.61 0.46
C ILE A 506 -15.84 -27.26 -0.96
N PRO A 507 -16.02 -26.47 -2.04
CA PRO A 507 -15.98 -27.05 -3.39
C PRO A 507 -14.72 -27.85 -3.69
N ILE A 508 -13.56 -27.30 -3.38
CA ILE A 508 -12.28 -27.93 -3.66
C ILE A 508 -12.07 -29.25 -2.92
N HIS A 509 -12.24 -29.25 -1.60
CA HIS A 509 -12.09 -30.49 -0.84
C HIS A 509 -13.10 -31.53 -1.29
N THR A 510 -14.35 -31.13 -1.42
CA THR A 510 -15.44 -32.02 -1.81
C THR A 510 -15.25 -32.65 -3.22
N LEU A 511 -14.79 -31.87 -4.20
CA LEU A 511 -14.53 -32.37 -5.56
C LEU A 511 -13.46 -33.45 -5.53
N GLY A 512 -12.51 -33.33 -4.59
CA GLY A 512 -11.51 -34.33 -4.34
C GLY A 512 -12.03 -35.68 -3.86
N ARG A 513 -13.22 -35.72 -3.30
CA ARG A 513 -13.76 -36.93 -2.69
C ARG A 513 -14.54 -37.68 -3.75
N PRO A 514 -14.62 -39.03 -3.65
CA PRO A 514 -15.50 -39.77 -4.55
C PRO A 514 -16.95 -39.40 -4.26
N SER A 515 -17.86 -39.57 -5.20
CA SER A 515 -19.27 -39.34 -4.93
C SER A 515 -19.90 -40.32 -3.92
N GLU A 516 -19.42 -41.55 -3.94
CA GLU A 516 -20.06 -42.62 -3.19
C GLU A 516 -19.94 -42.35 -1.69
N GLY A 517 -21.08 -42.41 -1.03
CA GLY A 517 -21.20 -42.08 0.40
C GLY A 517 -21.05 -40.62 0.77
N VAL A 518 -20.93 -39.74 -0.21
CA VAL A 518 -20.81 -38.27 0.05
C VAL A 518 -21.92 -37.45 -0.62
N PRO A 519 -23.08 -37.26 0.06
CA PRO A 519 -24.24 -36.60 -0.59
C PRO A 519 -23.96 -35.21 -1.22
N THR A 520 -23.20 -34.36 -0.55
CA THR A 520 -22.83 -33.08 -1.16
C THR A 520 -22.02 -33.22 -2.46
N ARG A 521 -21.05 -34.13 -2.50
CA ARG A 521 -20.31 -34.46 -3.72
C ARG A 521 -21.26 -34.93 -4.81
N GLN A 522 -22.21 -35.80 -4.45
CA GLN A 522 -23.24 -36.22 -5.42
C GLN A 522 -24.02 -35.03 -5.98
N ALA A 523 -24.35 -34.07 -5.12
CA ALA A 523 -25.11 -32.91 -5.59
C ALA A 523 -24.25 -32.00 -6.49
N PHE A 524 -22.98 -31.83 -6.16
CA PHE A 524 -22.01 -31.09 -7.00
C PHE A 524 -21.81 -31.72 -8.36
N SER A 525 -21.63 -33.05 -8.39
CA SER A 525 -21.51 -33.83 -9.64
C SER A 525 -22.78 -33.67 -10.49
N LYS A 526 -23.94 -33.74 -9.86
CA LYS A 526 -25.20 -33.63 -10.58
C LYS A 526 -25.32 -32.26 -11.26
N LEU A 527 -24.93 -31.19 -10.53
CA LEU A 527 -24.93 -29.85 -11.07
C LEU A 527 -23.94 -29.67 -12.24
N LEU A 528 -22.75 -30.21 -12.10
CA LEU A 528 -21.76 -30.09 -13.18
C LEU A 528 -22.18 -30.86 -14.48
N LYS A 529 -22.78 -32.03 -14.30
CA LYS A 529 -23.31 -32.79 -15.42
C LYS A 529 -24.40 -32.03 -16.15
N ALA A 530 -25.26 -31.33 -15.39
CA ALA A 530 -26.35 -30.57 -16.01
C ALA A 530 -25.79 -29.39 -16.83
N LYS A 531 -24.71 -28.78 -16.34
CA LYS A 531 -24.13 -27.61 -16.99
C LYS A 531 -23.40 -28.08 -18.22
N TYR A 532 -22.53 -29.06 -18.06
CA TYR A 532 -21.63 -29.46 -19.11
C TYR A 532 -22.04 -30.61 -20.04
N LYS A 533 -22.92 -31.49 -19.56
CA LYS A 533 -23.48 -32.68 -20.27
C LYS A 533 -22.47 -33.78 -20.53
N THR A 534 -21.34 -33.42 -21.11
CA THR A 534 -20.35 -34.41 -21.53
C THR A 534 -19.08 -34.28 -20.74
N ILE A 535 -18.36 -35.38 -20.57
CA ILE A 535 -17.06 -35.31 -19.93
C ILE A 535 -16.08 -34.46 -20.75
N ALA A 536 -16.25 -34.42 -22.08
CA ALA A 536 -15.34 -33.61 -22.90
C ALA A 536 -15.56 -32.12 -22.64
N ALA A 537 -16.82 -31.70 -22.42
CA ALA A 537 -17.07 -30.29 -22.14
C ALA A 537 -16.51 -29.87 -20.79
N LEU A 538 -16.53 -30.77 -19.83
CA LEU A 538 -15.90 -30.56 -18.53
C LEU A 538 -14.37 -30.53 -18.68
N ASN A 539 -13.85 -31.49 -19.44
CA ASN A 539 -12.42 -31.52 -19.71
C ASN A 539 -11.90 -30.21 -20.29
N ASN A 540 -12.61 -29.71 -21.28
CA ASN A 540 -12.31 -28.47 -21.90
C ASN A 540 -12.41 -27.33 -20.87
N ALA A 541 -13.50 -27.27 -20.09
CA ALA A 541 -13.67 -26.16 -19.14
C ALA A 541 -12.54 -26.08 -18.07
N TRP A 542 -12.10 -27.23 -17.59
CA TRP A 542 -11.19 -27.25 -16.42
C TRP A 542 -9.78 -27.60 -16.81
N GLY A 543 -9.54 -27.83 -18.10
CA GLY A 543 -8.21 -28.19 -18.58
C GLY A 543 -7.75 -29.55 -18.14
N LEU A 544 -8.65 -30.54 -18.16
CA LEU A 544 -8.35 -31.88 -17.65
C LEU A 544 -8.51 -32.94 -18.77
N LYS A 545 -8.27 -34.19 -18.48
CA LYS A 545 -8.40 -35.20 -19.52
C LYS A 545 -8.96 -36.50 -18.90
N LEU A 546 -10.10 -36.37 -18.19
CA LEU A 546 -10.82 -37.49 -17.59
C LEU A 546 -11.46 -38.36 -18.69
N SER A 547 -11.48 -39.67 -18.52
CA SER A 547 -11.99 -40.51 -19.60
C SER A 547 -13.51 -40.58 -19.57
N SER A 548 -14.10 -40.28 -18.41
CA SER A 548 -15.54 -40.42 -18.26
C SER A 548 -16.01 -39.73 -16.99
N TRP A 549 -17.33 -39.52 -16.92
CA TRP A 549 -18.01 -39.03 -15.73
C TRP A 549 -17.79 -40.02 -14.56
N ALA A 550 -17.70 -41.31 -14.87
CA ALA A 550 -17.47 -42.33 -13.83
C ALA A 550 -16.09 -42.10 -13.21
N GLU A 551 -15.12 -41.76 -14.04
CA GLU A 551 -13.78 -41.43 -13.53
C GLU A 551 -13.85 -40.13 -12.68
N PHE A 552 -14.58 -39.13 -13.19
CA PHE A 552 -14.81 -37.88 -12.47
C PHE A 552 -15.39 -38.18 -11.06
N ASP A 553 -16.29 -39.15 -10.96
CA ASP A 553 -17.02 -39.41 -9.73
C ASP A 553 -16.21 -40.26 -8.77
N LEU A 554 -14.97 -40.61 -9.14
CA LEU A 554 -14.03 -41.21 -8.17
C LEU A 554 -13.30 -40.16 -7.35
N GLY A 555 -13.52 -38.88 -7.67
CA GLY A 555 -12.85 -37.77 -6.99
C GLY A 555 -11.71 -37.22 -7.82
N VAL A 556 -11.63 -35.89 -7.90
CA VAL A 556 -10.72 -35.21 -8.82
C VAL A 556 -9.96 -34.18 -7.98
N ASP A 557 -8.62 -34.22 -8.04
CA ASP A 557 -7.78 -33.24 -7.35
C ASP A 557 -7.72 -31.94 -8.15
N VAL A 558 -8.38 -30.91 -7.65
CA VAL A 558 -8.41 -29.62 -8.33
C VAL A 558 -7.50 -28.60 -7.61
N LYS A 559 -6.78 -29.05 -6.59
CA LYS A 559 -5.96 -28.13 -5.73
C LYS A 559 -4.87 -27.41 -6.51
N ALA A 560 -4.20 -28.07 -7.45
CA ALA A 560 -3.09 -27.46 -8.20
C ALA A 560 -3.54 -26.72 -9.47
N LEU A 561 -4.81 -26.83 -9.84
CA LEU A 561 -5.30 -26.11 -11.01
C LEU A 561 -5.42 -24.58 -10.84
N PRO A 562 -4.84 -23.81 -11.77
CA PRO A 562 -4.97 -22.39 -11.58
C PRO A 562 -6.40 -21.95 -11.83
N VAL A 563 -6.86 -21.02 -11.00
CA VAL A 563 -8.26 -20.66 -10.97
C VAL A 563 -8.55 -19.68 -12.08
N THR A 564 -8.84 -20.21 -13.26
CA THR A 564 -9.41 -19.43 -14.36
C THR A 564 -10.78 -18.88 -14.04
N ASP A 565 -11.22 -17.92 -14.85
CA ASP A 565 -12.55 -17.42 -14.70
C ASP A 565 -13.60 -18.57 -14.82
N THR A 566 -13.30 -19.58 -15.62
CA THR A 566 -14.24 -20.68 -15.79
C THR A 566 -14.30 -21.52 -14.53
N LEU A 567 -13.12 -21.87 -14.02
CA LEU A 567 -13.01 -22.64 -12.82
C LEU A 567 -13.64 -21.92 -11.61
N ARG A 568 -13.35 -20.62 -11.45
N ARG A 568 -13.31 -20.63 -11.48
CA ARG A 568 -13.97 -19.85 -10.37
CA ARG A 568 -13.90 -19.70 -10.50
C ARG A 568 -15.49 -19.83 -10.51
C ARG A 568 -15.42 -19.79 -10.54
N ALA A 569 -15.99 -19.70 -11.75
CA ALA A 569 -17.44 -19.74 -11.91
C ALA A 569 -18.08 -21.07 -11.42
N ASP A 570 -17.40 -22.19 -11.63
CA ASP A 570 -17.91 -23.49 -11.18
C ASP A 570 -17.82 -23.59 -9.66
N TYR A 571 -16.67 -23.20 -9.08
CA TYR A 571 -16.52 -23.14 -7.61
C TYR A 571 -17.57 -22.27 -6.94
N SER A 572 -17.86 -21.14 -7.57
CA SER A 572 -18.81 -20.17 -7.03
C SER A 572 -20.18 -20.80 -7.05
N MET A 573 -20.47 -21.50 -8.16
CA MET A 573 -21.77 -22.12 -8.33
C MET A 573 -21.92 -23.28 -7.35
N LEU A 574 -20.85 -24.02 -7.12
CA LEU A 574 -20.91 -25.08 -6.12
C LEU A 574 -21.13 -24.52 -4.70
N LEU A 575 -20.45 -23.45 -4.35
CA LEU A 575 -20.60 -22.88 -3.01
C LEU A 575 -21.97 -22.32 -2.83
N SER A 576 -22.50 -21.71 -3.88
CA SER A 576 -23.88 -21.21 -3.86
C SER A 576 -24.88 -22.35 -3.65
N ALA A 577 -24.73 -23.46 -4.40
CA ALA A 577 -25.63 -24.61 -4.22
C ALA A 577 -25.58 -25.16 -2.80
N TYR A 578 -24.38 -25.27 -2.25
CA TYR A 578 -24.21 -25.76 -0.89
C TYR A 578 -24.93 -24.82 0.12
N ALA A 579 -24.69 -23.51 0.00
CA ALA A 579 -25.24 -22.54 0.98
C ALA A 579 -26.75 -22.49 0.81
N ASP A 580 -27.20 -22.60 -0.45
CA ASP A 580 -28.67 -22.56 -0.73
C ASP A 580 -29.30 -23.74 -0.07
N GLN A 581 -28.61 -24.87 -0.08
CA GLN A 581 -29.21 -26.07 0.49
C GLN A 581 -29.26 -25.97 2.02
N TYR A 582 -28.15 -25.52 2.62
CA TYR A 582 -28.12 -25.24 4.07
C TYR A 582 -29.32 -24.34 4.45
N PHE A 583 -29.42 -23.17 3.80
CA PHE A 583 -30.52 -22.23 4.13
C PHE A 583 -31.93 -22.70 3.82
N LYS A 584 -32.09 -23.45 2.73
CA LYS A 584 -33.38 -24.01 2.37
C LYS A 584 -33.86 -24.96 3.46
N VAL A 585 -32.95 -25.82 3.94
CA VAL A 585 -33.32 -26.84 4.90
C VAL A 585 -33.63 -26.13 6.25
N VAL A 586 -32.78 -25.20 6.68
CA VAL A 586 -33.01 -24.54 7.99
C VAL A 586 -34.27 -23.66 7.90
N HIS A 587 -34.36 -22.85 6.83
CA HIS A 587 -35.57 -22.04 6.65
C HIS A 587 -36.81 -22.92 6.71
N GLY A 588 -36.79 -24.04 5.99
CA GLY A 588 -37.98 -24.89 5.91
C GLY A 588 -38.42 -25.44 7.26
N ALA A 589 -37.46 -25.89 8.05
CA ALA A 589 -37.74 -26.41 9.37
C ALA A 589 -38.28 -25.33 10.30
N VAL A 590 -37.66 -24.13 10.29
CA VAL A 590 -38.13 -23.04 11.13
C VAL A 590 -39.56 -22.64 10.73
N GLU A 591 -39.84 -22.54 9.43
CA GLU A 591 -41.17 -22.20 8.90
C GLU A 591 -42.23 -23.29 9.26
N HIS A 592 -41.80 -24.55 9.27
CA HIS A 592 -42.72 -25.66 9.53
C HIS A 592 -43.26 -25.58 10.96
N TYR A 593 -42.36 -25.42 11.92
CA TYR A 593 -42.79 -25.36 13.32
C TYR A 593 -43.15 -23.94 13.79
N MET A 594 -42.61 -22.91 13.16
CA MET A 594 -42.85 -21.53 13.65
C MET A 594 -43.21 -20.64 12.46
N PRO A 595 -44.36 -20.91 11.81
CA PRO A 595 -44.74 -20.18 10.58
C PRO A 595 -44.85 -18.69 10.73
N ASN A 596 -45.10 -18.21 11.95
CA ASN A 596 -45.35 -16.81 12.17
C ASN A 596 -44.09 -15.97 12.46
N HIS A 597 -42.94 -16.61 12.63
CA HIS A 597 -41.77 -15.93 13.17
C HIS A 597 -40.67 -15.71 12.15
N LEU A 598 -39.90 -14.64 12.35
CA LEU A 598 -38.81 -14.33 11.49
C LEU A 598 -37.65 -15.29 11.68
N TYR A 599 -37.08 -15.78 10.56
CA TYR A 599 -35.87 -16.59 10.62
C TYR A 599 -34.72 -15.66 10.38
N LEU A 600 -33.77 -15.62 11.32
CA LEU A 600 -32.73 -14.56 11.34
C LEU A 600 -31.34 -14.98 10.85
N GLY A 601 -31.29 -16.11 10.18
CA GLY A 601 -30.03 -16.45 9.50
C GLY A 601 -29.06 -17.16 10.43
N ALA A 602 -27.78 -17.06 10.11
CA ALA A 602 -26.75 -17.91 10.69
C ALA A 602 -25.55 -17.12 11.27
N ARG A 603 -25.67 -15.79 11.37
CA ARG A 603 -24.68 -14.97 12.09
C ARG A 603 -23.29 -15.08 11.47
N PHE A 604 -23.12 -14.47 10.30
CA PHE A 604 -21.84 -14.52 9.56
C PHE A 604 -20.82 -13.61 10.23
N PRO A 605 -19.65 -14.14 10.57
CA PRO A 605 -18.61 -13.26 11.08
C PRO A 605 -17.92 -12.58 9.88
N ASP A 606 -17.15 -11.55 10.18
CA ASP A 606 -16.19 -10.94 9.25
C ASP A 606 -15.34 -11.94 8.51
N TRP A 607 -14.80 -12.93 9.20
CA TRP A 607 -14.01 -13.98 8.55
C TRP A 607 -14.80 -15.15 7.88
N GLY A 608 -16.11 -15.09 7.85
CA GLY A 608 -16.87 -16.22 7.27
C GLY A 608 -18.10 -15.80 6.47
N MET A 609 -17.94 -14.82 5.58
CA MET A 609 -19.10 -14.30 4.79
C MET A 609 -18.75 -14.23 3.31
N PRO A 610 -18.40 -15.39 2.67
CA PRO A 610 -18.22 -15.29 1.23
C PRO A 610 -19.53 -14.83 0.57
N MET A 611 -19.47 -14.06 -0.51
CA MET A 611 -20.68 -13.46 -1.08
C MET A 611 -21.73 -14.47 -1.57
N GLU A 612 -21.27 -15.65 -1.98
CA GLU A 612 -22.16 -16.73 -2.34
C GLU A 612 -23.09 -17.11 -1.18
N VAL A 613 -22.53 -17.13 0.03
CA VAL A 613 -23.24 -17.63 1.20
C VAL A 613 -24.19 -16.54 1.68
N VAL A 614 -23.73 -15.29 1.68
CA VAL A 614 -24.59 -14.13 1.96
C VAL A 614 -25.82 -14.08 1.02
N LYS A 615 -25.58 -14.31 -0.27
CA LYS A 615 -26.68 -14.23 -1.24
C LYS A 615 -27.68 -15.36 -0.99
N ALA A 616 -27.17 -16.52 -0.56
CA ALA A 616 -28.03 -17.67 -0.20
C ALA A 616 -28.88 -17.31 1.02
N ALA A 617 -28.26 -16.73 2.07
CA ALA A 617 -29.03 -16.25 3.25
C ALA A 617 -30.09 -15.24 2.84
N ALA A 618 -29.74 -14.35 1.90
CA ALA A 618 -30.64 -13.25 1.55
C ALA A 618 -31.88 -13.82 0.88
N LYS A 619 -31.73 -14.95 0.23
CA LYS A 619 -32.86 -15.62 -0.39
C LYS A 619 -33.82 -16.24 0.65
N TYR A 620 -33.29 -16.86 1.70
CA TYR A 620 -34.16 -17.58 2.63
C TYR A 620 -34.47 -16.89 3.96
N ALA A 621 -33.49 -16.17 4.50
CA ALA A 621 -33.63 -15.56 5.82
C ALA A 621 -34.54 -14.34 5.68
N ASP A 622 -35.39 -14.10 6.66
CA ASP A 622 -36.13 -12.84 6.66
C ASP A 622 -35.21 -11.69 6.99
N VAL A 623 -34.23 -11.93 7.87
CA VAL A 623 -33.24 -10.91 8.24
C VAL A 623 -31.90 -11.61 8.18
N VAL A 624 -30.92 -10.98 7.54
CA VAL A 624 -29.61 -11.55 7.42
C VAL A 624 -28.74 -11.08 8.60
N SER A 625 -28.20 -12.03 9.35
CA SER A 625 -27.42 -11.68 10.55
C SER A 625 -25.91 -11.75 10.30
N TYR A 626 -25.19 -10.79 10.87
CA TYR A 626 -23.75 -10.73 10.83
C TYR A 626 -23.21 -10.45 12.20
N ASN A 627 -22.05 -11.04 12.53
CA ASN A 627 -21.30 -10.67 13.73
C ASN A 627 -20.11 -9.78 13.29
N SER A 628 -19.91 -8.64 13.95
CA SER A 628 -18.82 -7.74 13.49
C SER A 628 -18.03 -7.13 14.64
N TYR A 629 -16.94 -7.81 15.06
CA TYR A 629 -16.07 -7.31 16.09
C TYR A 629 -15.12 -6.29 15.55
N LYS A 630 -15.61 -5.05 15.36
CA LYS A 630 -14.83 -3.97 14.77
C LYS A 630 -15.21 -2.71 15.56
N GLU A 631 -14.55 -1.59 15.29
CA GLU A 631 -14.91 -0.29 15.95
C GLU A 631 -16.22 0.29 15.40
N GLY A 632 -16.67 -0.22 14.26
CA GLY A 632 -17.94 0.19 13.67
C GLY A 632 -18.14 -0.57 12.40
N LEU A 633 -19.10 -0.11 11.61
CA LEU A 633 -19.40 -0.61 10.31
C LEU A 633 -18.88 0.40 9.25
N PRO A 634 -17.65 0.21 8.72
CA PRO A 634 -17.10 1.13 7.71
C PRO A 634 -17.94 1.09 6.43
N LYS A 635 -17.89 2.19 5.67
CA LYS A 635 -18.79 2.37 4.50
C LYS A 635 -18.50 1.33 3.41
N GLN A 636 -17.25 1.22 3.02
CA GLN A 636 -16.83 0.35 1.94
C GLN A 636 -16.99 -1.12 2.29
N LYS A 637 -16.75 -1.49 3.56
CA LYS A 637 -16.95 -2.85 4.01
C LYS A 637 -18.39 -3.30 3.86
N TRP A 638 -19.32 -2.36 3.96
CA TRP A 638 -20.76 -2.69 4.00
C TRP A 638 -21.55 -2.20 2.77
N ALA A 639 -20.84 -1.66 1.77
CA ALA A 639 -21.55 -1.11 0.59
C ALA A 639 -22.35 -2.20 -0.16
N PHE A 640 -21.90 -3.45 -0.10
CA PHE A 640 -22.64 -4.58 -0.71
C PHE A 640 -24.08 -4.76 -0.20
N LEU A 641 -24.43 -4.13 0.93
CA LEU A 641 -25.75 -4.32 1.50
C LEU A 641 -26.86 -3.71 0.62
N ALA A 642 -26.51 -2.66 -0.11
CA ALA A 642 -27.45 -1.95 -0.97
C ALA A 642 -27.95 -2.86 -2.08
N GLU A 643 -27.07 -3.64 -2.68
CA GLU A 643 -27.49 -4.59 -3.71
C GLU A 643 -28.41 -5.70 -3.17
N LEU A 644 -28.12 -6.27 -2.00
CA LEU A 644 -29.04 -7.25 -1.40
C LEU A 644 -30.37 -6.68 -1.02
N ASP A 645 -30.36 -5.45 -0.51
CA ASP A 645 -31.58 -4.81 0.01
C ASP A 645 -32.38 -5.68 0.99
N LYS A 646 -31.69 -6.30 1.92
CA LYS A 646 -32.35 -7.08 2.96
C LYS A 646 -32.12 -6.41 4.30
N PRO A 647 -33.15 -6.44 5.16
CA PRO A 647 -32.98 -5.98 6.55
C PRO A 647 -31.92 -6.92 7.16
N SER A 648 -31.07 -6.37 8.02
CA SER A 648 -29.89 -7.06 8.51
C SER A 648 -29.77 -6.79 10.00
N ILE A 649 -28.97 -7.59 10.72
CA ILE A 649 -28.86 -7.37 12.12
C ILE A 649 -27.44 -7.72 12.56
N ILE A 650 -26.87 -6.91 13.46
CA ILE A 650 -25.57 -7.25 14.07
C ILE A 650 -25.86 -8.18 15.22
N GLY A 651 -25.40 -9.41 15.13
CA GLY A 651 -25.58 -10.36 16.23
C GLY A 651 -24.72 -10.10 17.48
N GLU A 652 -23.52 -9.56 17.27
CA GLU A 652 -22.48 -9.50 18.31
C GLU A 652 -21.52 -8.38 18.01
N PHE A 653 -21.20 -7.56 19.01
CA PHE A 653 -20.02 -6.69 18.97
C PHE A 653 -19.65 -6.46 20.43
N HIS A 654 -18.42 -6.04 20.67
CA HIS A 654 -18.04 -5.58 22.03
C HIS A 654 -16.78 -4.73 22.04
N ILE A 655 -16.56 -4.03 23.16
CA ILE A 655 -15.35 -3.31 23.47
C ILE A 655 -15.01 -3.53 24.96
N GLY A 656 -13.76 -3.85 25.23
CA GLY A 656 -13.32 -4.14 26.58
C GLY A 656 -12.15 -3.24 26.95
N ALA A 657 -11.83 -3.27 28.24
CA ALA A 657 -10.73 -2.49 28.80
C ALA A 657 -10.04 -3.37 29.87
N MET A 658 -8.88 -2.94 30.32
CA MET A 658 -8.19 -3.68 31.36
C MET A 658 -8.01 -2.90 32.64
N ASP A 659 -8.88 -1.95 32.91
CA ASP A 659 -8.74 -1.16 34.12
C ASP A 659 -9.68 -1.63 35.23
N HIS A 660 -10.26 -2.80 35.07
CA HIS A 660 -11.20 -3.33 36.06
C HIS A 660 -10.83 -4.77 36.32
N GLY A 661 -9.52 -5.06 36.31
CA GLY A 661 -9.02 -6.35 36.76
C GLY A 661 -8.83 -7.40 35.70
N SER A 662 -9.31 -7.14 34.48
CA SER A 662 -9.25 -8.23 33.48
C SER A 662 -7.88 -8.41 32.85
N TYR A 663 -7.50 -9.62 32.52
CA TYR A 663 -6.25 -9.81 31.76
C TYR A 663 -6.42 -9.66 30.27
N HIS A 664 -7.66 -9.50 29.81
CA HIS A 664 -7.91 -9.43 28.37
C HIS A 664 -9.16 -8.58 28.12
N PRO A 665 -9.02 -7.50 27.31
CA PRO A 665 -10.14 -6.61 27.03
C PRO A 665 -11.19 -7.28 26.15
N GLY A 666 -10.80 -8.26 25.32
CA GLY A 666 -11.66 -8.87 24.36
C GLY A 666 -11.16 -8.59 22.94
N LEU A 667 -12.05 -8.55 21.96
CA LEU A 667 -11.65 -8.48 20.56
C LEU A 667 -11.34 -7.06 20.16
N ILE A 668 -11.98 -6.09 20.82
CA ILE A 668 -11.85 -4.71 20.44
C ILE A 668 -11.59 -3.96 21.75
N HIS A 669 -10.58 -3.09 21.72
CA HIS A 669 -9.98 -2.60 22.96
C HIS A 669 -10.14 -1.11 23.18
N ALA A 670 -10.48 -0.72 24.41
CA ALA A 670 -10.59 0.70 24.79
C ALA A 670 -9.55 1.00 25.88
N ALA A 671 -9.26 2.29 26.08
CA ALA A 671 -8.25 2.71 27.06
C ALA A 671 -8.75 2.66 28.50
N SER A 672 -10.07 2.64 28.72
CA SER A 672 -10.64 2.70 30.06
C SER A 672 -12.12 2.37 29.99
N GLN A 673 -12.81 2.29 31.14
CA GLN A 673 -14.26 2.11 31.11
C GLN A 673 -14.96 3.23 30.42
N ALA A 674 -14.56 4.47 30.67
CA ALA A 674 -15.13 5.60 29.98
C ALA A 674 -14.97 5.45 28.46
N ASP A 675 -13.79 5.01 28.01
CA ASP A 675 -13.48 4.93 26.58
C ASP A 675 -14.28 3.75 25.98
N ARG A 676 -14.50 2.70 26.77
CA ARG A 676 -15.41 1.59 26.31
C ARG A 676 -16.76 2.21 25.94
N GLY A 677 -17.29 3.06 26.81
CA GLY A 677 -18.59 3.64 26.56
C GLY A 677 -18.58 4.55 25.37
N GLU A 678 -17.56 5.41 25.25
CA GLU A 678 -17.43 6.22 24.03
C GLU A 678 -17.38 5.34 22.75
N MET A 679 -16.60 4.28 22.79
CA MET A 679 -16.48 3.42 21.59
C MET A 679 -17.80 2.69 21.25
N TYR A 680 -18.59 2.39 22.30
CA TYR A 680 -19.91 1.81 22.13
C TYR A 680 -20.80 2.77 21.34
N LYS A 681 -20.79 4.07 21.72
CA LYS A 681 -21.64 5.05 21.00
C LYS A 681 -21.20 5.19 19.53
N ASP A 682 -19.88 5.18 19.29
CA ASP A 682 -19.33 5.24 17.94
C ASP A 682 -19.85 4.00 17.13
N TYR A 683 -19.73 2.80 17.69
CA TYR A 683 -20.21 1.61 16.97
C TYR A 683 -21.73 1.72 16.68
N MET A 684 -22.51 1.97 17.73
CA MET A 684 -23.95 2.04 17.57
C MET A 684 -24.41 3.14 16.58
N GLN A 685 -23.73 4.30 16.59
CA GLN A 685 -24.02 5.34 15.62
C GLN A 685 -23.86 4.81 14.19
N SER A 686 -22.77 4.11 13.90
CA SER A 686 -22.65 3.49 12.56
C SER A 686 -23.81 2.49 12.23
N VAL A 687 -24.35 1.78 13.23
CA VAL A 687 -25.43 0.86 12.98
C VAL A 687 -26.67 1.69 12.66
N ILE A 688 -26.95 2.65 13.54
CA ILE A 688 -28.08 3.52 13.42
C ILE A 688 -28.10 4.29 12.09
N ASP A 689 -26.93 4.75 11.62
CA ASP A 689 -26.83 5.42 10.34
C ASP A 689 -27.04 4.51 9.13
N ASN A 690 -26.89 3.21 9.29
CA ASN A 690 -26.94 2.34 8.09
C ASN A 690 -28.39 1.95 7.81
N PRO A 691 -28.95 2.33 6.63
CA PRO A 691 -30.37 2.02 6.36
C PRO A 691 -30.73 0.52 6.22
N TYR A 692 -29.75 -0.40 6.29
CA TYR A 692 -30.01 -1.83 6.11
C TYR A 692 -30.12 -2.60 7.45
N PHE A 693 -29.65 -1.97 8.55
CA PHE A 693 -29.65 -2.62 9.87
C PHE A 693 -30.88 -2.28 10.69
N VAL A 694 -31.50 -3.31 11.27
CA VAL A 694 -32.71 -3.18 12.07
C VAL A 694 -32.38 -3.47 13.51
N GLY A 695 -31.11 -3.64 13.82
CA GLY A 695 -30.72 -3.86 15.21
C GLY A 695 -29.26 -4.26 15.41
N ALA A 696 -28.80 -4.28 16.65
CA ALA A 696 -27.44 -4.71 16.98
C ALA A 696 -27.40 -5.14 18.41
N HIS A 697 -26.85 -6.32 18.65
CA HIS A 697 -26.81 -6.87 20.00
C HIS A 697 -25.34 -6.93 20.43
N TRP A 698 -25.11 -6.64 21.70
CA TRP A 698 -23.78 -6.61 22.29
C TRP A 698 -23.46 -7.97 22.94
N PHE A 699 -22.25 -8.49 22.73
CA PHE A 699 -21.85 -9.76 23.33
C PHE A 699 -20.88 -9.38 24.43
N GLN A 700 -21.23 -9.52 25.72
CA GLN A 700 -22.36 -10.23 26.24
C GLN A 700 -22.76 -9.56 27.56
N TYR A 701 -23.75 -10.13 28.23
CA TYR A 701 -24.30 -9.51 29.45
C TYR A 701 -23.21 -9.34 30.53
N MET A 702 -22.49 -10.43 30.81
CA MET A 702 -21.50 -10.48 31.88
C MET A 702 -20.08 -10.64 31.34
N ASP A 703 -19.07 -10.12 32.06
CA ASP A 703 -17.69 -10.48 31.74
C ASP A 703 -17.51 -12.00 31.70
N SER A 704 -16.65 -12.49 30.82
CA SER A 704 -16.19 -13.86 30.92
C SER A 704 -15.38 -13.99 32.22
N PRO A 705 -15.30 -15.20 32.77
CA PRO A 705 -14.48 -15.45 33.98
C PRO A 705 -13.03 -14.96 33.78
N LEU A 706 -12.49 -14.30 34.80
CA LEU A 706 -11.06 -13.91 34.80
C LEU A 706 -10.15 -15.03 34.30
N THR A 707 -10.40 -16.26 34.74
CA THR A 707 -9.54 -17.36 34.37
C THR A 707 -10.10 -18.16 33.21
N GLY A 708 -11.02 -17.55 32.46
CA GLY A 708 -11.47 -18.17 31.18
C GLY A 708 -12.78 -18.94 31.26
N ARG A 709 -13.65 -18.73 30.28
CA ARG A 709 -14.89 -19.52 30.25
C ARG A 709 -14.48 -20.97 29.94
N ALA A 710 -15.20 -21.94 30.51
CA ALA A 710 -14.84 -23.36 30.43
C ALA A 710 -14.68 -23.87 28.98
N TYR A 711 -15.51 -23.39 28.06
CA TYR A 711 -15.45 -23.86 26.69
C TYR A 711 -14.11 -23.70 25.96
N ASP A 712 -13.47 -22.52 26.12
CA ASP A 712 -12.35 -22.23 25.23
C ASP A 712 -11.38 -21.19 25.75
N GLY A 713 -11.60 -20.79 27.00
CA GLY A 713 -10.65 -19.91 27.73
C GLY A 713 -10.81 -18.40 27.55
N GLU A 714 -11.84 -17.92 26.85
CA GLU A 714 -11.99 -16.49 26.66
C GLU A 714 -12.18 -15.89 28.05
N ASN A 715 -11.46 -14.81 28.32
CA ASN A 715 -11.37 -14.25 29.66
C ASN A 715 -11.51 -12.72 29.59
N TYR A 716 -12.55 -12.27 28.87
CA TYR A 716 -12.69 -10.89 28.44
C TYR A 716 -13.54 -9.96 29.32
N ASN A 717 -13.17 -8.68 29.36
CA ASN A 717 -14.01 -7.65 29.98
C ASN A 717 -15.07 -7.26 28.95
N VAL A 718 -16.04 -8.12 28.70
CA VAL A 718 -17.06 -7.78 27.69
C VAL A 718 -18.49 -7.64 28.25
N GLY A 719 -18.61 -7.55 29.57
CA GLY A 719 -19.94 -7.44 30.15
C GLY A 719 -20.45 -6.01 30.32
N PHE A 720 -21.77 -5.92 30.39
CA PHE A 720 -22.43 -4.80 31.06
C PHE A 720 -22.41 -4.93 32.56
N VAL A 721 -22.18 -6.14 33.07
CA VAL A 721 -21.99 -6.36 34.49
C VAL A 721 -20.70 -7.14 34.71
N ASP A 722 -20.09 -6.96 35.87
CA ASP A 722 -18.89 -7.74 36.18
C ASP A 722 -19.25 -9.01 36.94
N VAL A 723 -18.25 -9.77 37.36
CA VAL A 723 -18.49 -11.06 37.98
C VAL A 723 -19.29 -10.95 39.29
N THR A 724 -19.32 -9.77 39.89
CA THR A 724 -20.05 -9.58 41.13
C THR A 724 -21.51 -9.22 40.84
N ASP A 725 -21.90 -9.26 39.55
CA ASP A 725 -23.23 -8.80 39.08
C ASP A 725 -23.47 -7.32 39.36
N THR A 726 -22.40 -6.56 39.23
CA THR A 726 -22.49 -5.13 39.40
C THR A 726 -22.27 -4.44 38.05
N PRO A 727 -23.21 -3.54 37.64
CA PRO A 727 -23.14 -2.90 36.34
C PRO A 727 -21.92 -1.99 36.17
N TYR A 728 -21.37 -1.95 34.96
CA TYR A 728 -20.40 -0.94 34.59
C TYR A 728 -21.20 0.29 34.24
N GLN A 729 -21.16 1.31 35.14
CA GLN A 729 -21.96 2.53 34.94
C GLN A 729 -21.68 3.21 33.60
N GLU A 730 -20.44 3.14 33.14
CA GLU A 730 -20.09 3.79 31.91
C GLU A 730 -20.79 3.12 30.70
N MET A 731 -20.93 1.79 30.71
CA MET A 731 -21.70 1.09 29.66
C MET A 731 -23.21 1.37 29.79
N VAL A 732 -23.76 1.29 31.02
CA VAL A 732 -25.13 1.65 31.27
C VAL A 732 -25.40 3.06 30.68
N ASP A 733 -24.60 4.06 31.04
CA ASP A 733 -24.84 5.41 30.53
C ASP A 733 -24.75 5.55 29.01
N ALA A 734 -23.78 4.85 28.41
CA ALA A 734 -23.62 4.85 26.97
C ALA A 734 -24.85 4.22 26.30
N ALA A 735 -25.33 3.10 26.87
CA ALA A 735 -26.52 2.43 26.33
C ALA A 735 -27.75 3.32 26.44
N LYS A 736 -27.91 4.00 27.58
CA LYS A 736 -29.04 4.95 27.72
C LYS A 736 -28.99 6.03 26.70
N GLU A 737 -27.82 6.58 26.46
CA GLU A 737 -27.72 7.66 25.48
C GLU A 737 -28.07 7.17 24.09
N VAL A 738 -27.54 6.00 23.74
CA VAL A 738 -27.85 5.41 22.45
C VAL A 738 -29.35 5.03 22.34
N ASN A 739 -29.88 4.34 23.34
CA ASN A 739 -31.23 3.83 23.23
C ASN A 739 -32.31 4.90 23.25
N ALA A 740 -31.97 6.10 23.74
CA ALA A 740 -32.91 7.19 23.78
C ALA A 740 -33.12 7.77 22.38
N LYS A 741 -32.17 7.59 21.48
CA LYS A 741 -32.32 8.15 20.14
C LYS A 741 -32.52 7.17 18.97
N ILE A 742 -32.62 5.87 19.23
CA ILE A 742 -32.70 4.88 18.12
C ILE A 742 -33.88 5.21 17.20
N TYR A 743 -35.02 5.60 17.77
CA TYR A 743 -36.20 5.85 16.99
C TYR A 743 -36.21 7.27 16.43
N THR A 744 -36.03 8.25 17.31
CA THR A 744 -36.11 9.65 16.88
C THR A 744 -35.09 9.93 15.83
N GLU A 745 -33.89 9.36 15.98
CA GLU A 745 -32.89 9.68 14.98
C GLU A 745 -33.09 8.94 13.67
N ARG A 746 -33.28 7.64 13.76
CA ARG A 746 -33.44 6.81 12.58
C ARG A 746 -34.67 7.18 11.73
N LEU A 747 -35.79 7.42 12.40
CA LEU A 747 -37.01 7.69 11.66
C LEU A 747 -37.30 9.17 11.44
N GLY A 748 -36.68 10.03 12.26
CA GLY A 748 -36.98 11.46 12.27
C GLY A 748 -36.60 12.24 11.03
N SER A 749 -36.66 13.57 11.16
CA SER A 749 -36.67 14.54 10.04
C SER A 749 -35.46 14.57 9.09
N LYS A 750 -34.25 14.29 9.58
CA LYS A 750 -33.11 14.22 8.68
C LYS A 750 -32.05 13.29 9.23
N GLY B 1 -2.82 -18.19 -27.63
CA GLY B 1 -3.78 -17.06 -27.50
C GLY B 1 -4.69 -16.94 -28.71
N SER B 2 -5.71 -16.06 -28.69
CA SER B 2 -6.13 -15.26 -27.52
C SER B 2 -6.27 -16.08 -26.25
N HIS B 3 -5.51 -15.69 -25.25
CA HIS B 3 -5.69 -16.16 -23.91
C HIS B 3 -6.17 -14.90 -23.18
N MET B 4 -7.47 -14.84 -22.90
CA MET B 4 -8.08 -13.77 -22.10
C MET B 4 -7.68 -13.91 -20.65
N LEU B 5 -7.27 -12.82 -20.01
CA LEU B 5 -6.91 -12.88 -18.59
C LEU B 5 -7.99 -12.23 -17.73
N PHE B 6 -8.44 -11.05 -18.11
CA PHE B 6 -9.46 -10.35 -17.35
C PHE B 6 -10.38 -9.60 -18.31
N ASP B 7 -11.62 -10.05 -18.45
CA ASP B 7 -12.60 -9.30 -19.25
C ASP B 7 -13.65 -8.64 -18.39
N PHE B 8 -13.54 -8.90 -17.08
CA PHE B 8 -14.38 -8.35 -16.02
C PHE B 8 -15.89 -8.58 -16.22
N GLU B 9 -16.25 -9.55 -17.05
CA GLU B 9 -17.66 -9.77 -17.38
C GLU B 9 -18.38 -10.49 -16.23
N ASN B 10 -17.64 -11.11 -15.33
CA ASN B 10 -18.31 -11.65 -14.12
C ASN B 10 -18.66 -10.54 -13.11
N ASP B 11 -18.43 -9.28 -13.50
CA ASP B 11 -18.81 -8.10 -12.69
C ASP B 11 -18.08 -8.01 -11.34
N GLN B 12 -16.92 -8.66 -11.23
CA GLN B 12 -16.15 -8.69 -10.00
C GLN B 12 -14.85 -7.90 -10.14
N VAL B 13 -14.49 -7.14 -9.12
CA VAL B 13 -13.10 -6.72 -9.00
C VAL B 13 -12.26 -7.91 -8.57
N PRO B 14 -11.38 -8.41 -9.48
CA PRO B 14 -10.66 -9.63 -9.09
C PRO B 14 -9.85 -9.47 -7.79
N SER B 15 -9.82 -10.54 -7.00
CA SER B 15 -9.09 -10.60 -5.77
C SER B 15 -7.61 -10.59 -5.91
N ASN B 16 -7.11 -11.07 -7.05
CA ASN B 16 -5.68 -10.99 -7.26
C ASN B 16 -5.19 -9.65 -7.89
N ILE B 17 -6.07 -8.65 -7.96
CA ILE B 17 -5.60 -7.31 -8.34
C ILE B 17 -5.58 -6.40 -7.13
N HIS B 18 -4.42 -5.81 -6.84
CA HIS B 18 -4.24 -4.95 -5.65
C HIS B 18 -4.15 -3.49 -6.03
N PHE B 19 -4.72 -2.62 -5.21
CA PHE B 19 -4.78 -1.20 -5.52
C PHE B 19 -3.95 -0.44 -4.55
N LEU B 20 -3.21 0.55 -5.02
CA LEU B 20 -2.48 1.38 -4.11
C LEU B 20 -2.90 2.82 -4.31
N ASN B 21 -3.38 3.48 -3.26
CA ASN B 21 -3.89 4.85 -3.37
C ASN B 21 -4.78 5.07 -4.57
N ALA B 22 -5.69 4.12 -4.81
CA ALA B 22 -6.63 4.16 -5.94
C ALA B 22 -7.86 3.36 -5.57
N ARG B 23 -9.00 3.75 -6.11
CA ARG B 23 -10.22 3.00 -5.96
C ARG B 23 -10.64 2.35 -7.31
N ALA B 24 -11.11 1.10 -7.22
CA ALA B 24 -11.52 0.27 -8.34
C ALA B 24 -13.01 -0.19 -8.22
N SER B 25 -13.69 -0.25 -9.35
CA SER B 25 -15.06 -0.74 -9.44
C SER B 25 -15.22 -1.29 -10.83
N ILE B 26 -16.24 -2.11 -11.03
CA ILE B 26 -16.57 -2.56 -12.36
C ILE B 26 -17.71 -1.72 -12.86
N GLU B 27 -17.58 -1.17 -14.08
CA GLU B 27 -18.65 -0.39 -14.72
C GLU B 27 -18.92 -0.85 -16.15
N THR B 28 -20.16 -0.69 -16.57
CA THR B 28 -20.50 -0.75 -17.95
C THR B 28 -19.99 0.52 -18.60
N TYR B 29 -19.35 0.39 -19.75
CA TYR B 29 -18.86 1.54 -20.53
C TYR B 29 -18.92 1.09 -22.00
N THR B 30 -18.73 2.02 -22.94
CA THR B 30 -18.77 1.67 -24.39
C THR B 30 -17.40 1.24 -24.93
N GLY B 31 -17.29 -0.02 -25.36
CA GLY B 31 -16.03 -0.59 -25.72
C GLY B 31 -15.53 -0.19 -27.11
N ILE B 32 -14.35 -0.71 -27.44
CA ILE B 32 -13.77 -0.50 -28.77
C ILE B 32 -14.71 -0.97 -29.87
N ASN B 33 -15.36 -2.12 -29.67
CA ASN B 33 -16.31 -2.60 -30.66
C ASN B 33 -17.66 -1.82 -30.73
N GLY B 34 -17.82 -0.76 -29.93
CA GLY B 34 -19.02 0.11 -29.99
C GLY B 34 -20.16 -0.36 -29.12
N GLU B 35 -19.97 -1.48 -28.42
CA GLU B 35 -21.01 -2.13 -27.60
C GLU B 35 -20.66 -2.00 -26.13
N PRO B 36 -21.68 -1.79 -25.28
CA PRO B 36 -21.39 -1.72 -23.85
C PRO B 36 -20.73 -2.99 -23.34
N SER B 37 -19.85 -2.86 -22.37
CA SER B 37 -19.08 -3.99 -21.85
C SER B 37 -18.77 -3.68 -20.39
N LYS B 38 -18.47 -4.69 -19.58
CA LYS B 38 -17.95 -4.39 -18.24
C LYS B 38 -16.44 -4.09 -18.30
N GLY B 39 -16.00 -3.02 -17.65
CA GLY B 39 -14.56 -2.74 -17.51
C GLY B 39 -14.17 -2.39 -16.07
N LEU B 40 -12.87 -2.44 -15.78
CA LEU B 40 -12.33 -2.01 -14.51
C LEU B 40 -12.10 -0.49 -14.56
N LYS B 41 -12.87 0.24 -13.76
CA LYS B 41 -12.63 1.66 -13.63
C LYS B 41 -11.64 1.87 -12.47
N LEU B 42 -10.55 2.57 -12.75
CA LEU B 42 -9.52 2.79 -11.72
C LEU B 42 -9.40 4.31 -11.48
N ALA B 43 -9.86 4.82 -10.34
CA ALA B 43 -9.73 6.22 -10.00
C ALA B 43 -8.53 6.36 -9.07
N MET B 44 -7.40 6.82 -9.61
CA MET B 44 -6.16 7.01 -8.83
C MET B 44 -6.20 8.33 -8.09
N GLN B 45 -5.86 8.33 -6.79
CA GLN B 45 -5.79 9.57 -6.01
C GLN B 45 -4.35 10.16 -6.19
N SER B 46 -4.01 10.47 -7.45
CA SER B 46 -2.65 10.82 -7.85
C SER B 46 -2.31 12.28 -7.67
N LYS B 47 -3.29 13.13 -7.36
CA LYS B 47 -2.97 14.50 -6.92
C LYS B 47 -2.34 14.45 -5.51
N GLN B 48 -2.98 13.71 -4.61
CA GLN B 48 -2.56 13.62 -3.22
C GLN B 48 -1.35 12.72 -3.08
N HIS B 49 -1.29 11.66 -3.89
CA HIS B 49 -0.24 10.62 -3.71
C HIS B 49 0.70 10.48 -4.91
N SER B 50 2.01 10.40 -4.64
CA SER B 50 3.00 10.39 -5.73
C SER B 50 3.10 9.00 -6.39
N TYR B 51 2.61 7.95 -5.72
CA TYR B 51 2.48 6.66 -6.39
C TYR B 51 1.06 6.13 -6.29
N THR B 52 0.49 5.68 -7.39
CA THR B 52 -0.88 5.15 -7.41
C THR B 52 -0.92 4.05 -8.47
N GLY B 53 -1.88 3.15 -8.38
CA GLY B 53 -2.10 2.22 -9.47
C GLY B 53 -2.61 0.88 -9.04
N LEU B 54 -2.51 -0.09 -9.94
CA LEU B 54 -2.93 -1.45 -9.65
C LEU B 54 -1.76 -2.38 -9.87
N ALA B 55 -1.86 -3.57 -9.29
CA ALA B 55 -0.88 -4.61 -9.49
C ALA B 55 -1.63 -5.94 -9.57
N ILE B 56 -1.51 -6.62 -10.71
CA ILE B 56 -2.04 -7.99 -10.82
C ILE B 56 -1.02 -8.99 -10.26
N VAL B 57 -1.40 -9.69 -9.20
CA VAL B 57 -0.48 -10.66 -8.55
C VAL B 57 -1.17 -12.04 -8.46
N PRO B 58 -0.94 -12.92 -9.46
CA PRO B 58 -1.59 -14.23 -9.37
C PRO B 58 -1.08 -15.05 -8.21
N GLU B 59 -1.95 -15.86 -7.60
CA GLU B 59 -1.49 -16.67 -6.47
C GLU B 59 -0.24 -17.49 -6.80
N GLN B 60 -0.15 -18.05 -8.01
CA GLN B 60 1.07 -18.70 -8.50
C GLN B 60 1.51 -17.97 -9.77
N PRO B 61 2.83 -17.69 -9.93
CA PRO B 61 3.23 -16.98 -11.16
C PRO B 61 2.68 -17.68 -12.39
N TRP B 62 2.30 -16.92 -13.42
CA TRP B 62 1.82 -17.50 -14.65
C TRP B 62 2.94 -18.15 -15.48
N ASP B 63 2.64 -19.33 -16.02
CA ASP B 63 3.57 -19.99 -16.91
C ASP B 63 3.22 -19.66 -18.35
N TRP B 64 3.92 -18.70 -18.91
CA TRP B 64 3.64 -18.32 -20.29
C TRP B 64 4.76 -18.75 -21.22
N SER B 65 5.59 -19.71 -20.77
CA SER B 65 6.75 -20.11 -21.59
C SER B 65 6.40 -20.66 -22.99
N GLU B 66 5.16 -21.06 -23.21
CA GLU B 66 4.64 -21.43 -24.53
C GLU B 66 4.51 -20.23 -25.48
N PHE B 67 4.41 -19.03 -24.93
CA PHE B 67 4.32 -17.81 -25.75
C PHE B 67 5.70 -17.30 -26.21
N THR B 68 6.22 -17.97 -27.22
CA THR B 68 7.53 -17.67 -27.76
C THR B 68 7.53 -16.39 -28.64
N SER B 69 6.37 -15.99 -29.14
CA SER B 69 6.28 -14.70 -29.84
C SER B 69 4.90 -14.07 -29.57
N ALA B 70 4.78 -13.41 -28.42
CA ALA B 70 3.50 -12.88 -27.99
C ALA B 70 3.61 -11.54 -27.26
N SER B 71 2.48 -10.86 -27.12
CA SER B 71 2.37 -9.57 -26.40
C SER B 71 1.16 -9.56 -25.47
N LEU B 72 1.27 -8.77 -24.42
CA LEU B 72 0.21 -8.62 -23.44
C LEU B 72 -0.55 -7.40 -23.91
N TYR B 73 -1.87 -7.52 -24.08
CA TYR B 73 -2.75 -6.41 -24.49
C TYR B 73 -3.69 -5.92 -23.41
N PHE B 74 -4.03 -4.62 -23.44
CA PHE B 74 -5.02 -4.00 -22.56
C PHE B 74 -5.85 -3.02 -23.42
N ASP B 75 -7.15 -2.95 -23.18
CA ASP B 75 -7.94 -1.83 -23.67
C ASP B 75 -8.00 -0.80 -22.55
N ILE B 76 -7.61 0.45 -22.83
CA ILE B 76 -7.54 1.51 -21.83
C ILE B 76 -8.04 2.79 -22.45
N VAL B 77 -8.73 3.58 -21.64
CA VAL B 77 -9.07 4.95 -22.03
C VAL B 77 -9.02 5.77 -20.75
N SER B 78 -8.68 7.06 -20.85
CA SER B 78 -8.78 7.98 -19.72
C SER B 78 -10.17 8.61 -19.70
N VAL B 79 -10.71 8.85 -18.51
CA VAL B 79 -12.01 9.56 -18.39
C VAL B 79 -11.81 10.80 -17.52
N GLY B 80 -12.61 11.83 -17.73
CA GLY B 80 -12.40 13.11 -17.03
C GLY B 80 -11.49 14.05 -17.81
N ASP B 81 -10.75 14.88 -17.10
CA ASP B 81 -10.07 16.02 -17.74
C ASP B 81 -8.67 15.82 -18.32
N HIS B 82 -7.97 14.76 -17.92
CA HIS B 82 -6.51 14.71 -18.19
C HIS B 82 -6.13 13.38 -18.79
N SER B 83 -5.16 13.38 -19.70
CA SER B 83 -4.63 12.14 -20.22
C SER B 83 -3.85 11.50 -19.05
N THR B 84 -3.49 10.23 -19.20
CA THR B 84 -2.78 9.49 -18.16
C THR B 84 -1.54 8.85 -18.72
N GLN B 85 -0.38 9.01 -18.09
CA GLN B 85 0.79 8.24 -18.51
C GLN B 85 0.93 7.08 -17.57
N PHE B 86 0.68 5.88 -18.07
CA PHE B 86 0.86 4.65 -17.32
C PHE B 86 2.29 4.17 -17.44
N TYR B 87 2.82 3.71 -16.30
CA TYR B 87 4.04 2.92 -16.26
C TYR B 87 3.62 1.45 -16.12
N LEU B 88 4.05 0.65 -17.08
CA LEU B 88 3.78 -0.78 -17.04
C LEU B 88 5.10 -1.46 -16.56
N ASP B 89 5.01 -2.05 -15.37
CA ASP B 89 6.12 -2.86 -14.87
C ASP B 89 5.65 -4.29 -14.86
N VAL B 90 6.43 -5.14 -15.52
CA VAL B 90 6.18 -6.58 -15.56
C VAL B 90 7.38 -7.30 -14.90
N THR B 91 7.10 -8.14 -13.90
CA THR B 91 8.13 -8.75 -13.07
C THR B 91 7.97 -10.27 -13.13
N ASP B 92 9.07 -10.97 -13.40
CA ASP B 92 9.06 -12.41 -13.40
C ASP B 92 9.38 -12.99 -11.99
N GLN B 93 9.27 -14.31 -11.85
CA GLN B 93 9.43 -14.98 -10.55
C GLN B 93 10.83 -14.84 -9.98
N ASN B 94 11.82 -14.59 -10.84
CA ASN B 94 13.19 -14.38 -10.35
C ASN B 94 13.45 -12.95 -10.01
N GLY B 95 12.44 -12.09 -10.17
CA GLY B 95 12.61 -10.69 -9.76
C GLY B 95 13.12 -9.75 -10.83
N ALA B 96 13.30 -10.26 -12.04
CA ALA B 96 13.64 -9.43 -13.20
C ALA B 96 12.41 -8.62 -13.57
N VAL B 97 12.63 -7.37 -13.98
CA VAL B 97 11.52 -6.46 -14.29
C VAL B 97 11.81 -5.63 -15.53
N PHE B 98 10.76 -5.32 -16.31
CA PHE B 98 10.90 -4.32 -17.37
C PHE B 98 9.87 -3.21 -17.22
N THR B 99 10.25 -2.01 -17.67
CA THR B 99 9.32 -0.85 -17.68
C THR B 99 9.06 -0.36 -19.08
N ARG B 100 7.77 -0.31 -19.41
CA ARG B 100 7.31 0.42 -20.59
C ARG B 100 6.33 1.49 -20.19
N SER B 101 5.97 2.39 -21.12
CA SER B 101 5.12 3.48 -20.73
C SER B 101 4.47 4.07 -21.96
N ILE B 102 3.36 4.76 -21.75
CA ILE B 102 2.65 5.36 -22.88
C ILE B 102 1.59 6.31 -22.37
N ASP B 103 1.23 7.31 -23.15
CA ASP B 103 0.07 8.14 -22.81
C ASP B 103 -1.25 7.39 -23.06
N ILE B 104 -2.27 7.61 -22.22
CA ILE B 104 -3.66 7.13 -22.48
C ILE B 104 -4.55 8.35 -22.61
N PRO B 105 -4.92 8.73 -23.86
CA PRO B 105 -5.78 9.87 -24.01
C PRO B 105 -7.20 9.65 -23.45
N VAL B 106 -7.86 10.78 -23.21
CA VAL B 106 -9.30 10.89 -22.97
C VAL B 106 -10.00 10.59 -24.30
N GLY B 107 -11.23 10.11 -24.28
CA GLY B 107 -11.95 9.95 -25.56
C GLY B 107 -12.13 8.52 -26.01
N LYS B 108 -11.60 8.14 -27.17
CA LYS B 108 -11.93 6.81 -27.70
C LYS B 108 -10.96 5.79 -27.11
N MET B 109 -11.49 4.71 -26.59
CA MET B 109 -10.64 3.64 -26.12
C MET B 109 -9.80 3.04 -27.24
N GLN B 110 -8.58 2.65 -26.90
CA GLN B 110 -7.71 1.93 -27.82
C GLN B 110 -7.09 0.73 -27.14
N SER B 111 -6.51 -0.14 -27.95
CA SER B 111 -5.80 -1.31 -27.47
C SER B 111 -4.31 -1.03 -27.40
N TYR B 112 -3.68 -1.49 -26.31
CA TYR B 112 -2.25 -1.22 -26.04
C TYR B 112 -1.55 -2.53 -25.82
N TYR B 113 -0.32 -2.67 -26.36
CA TYR B 113 0.35 -3.95 -26.16
C TYR B 113 1.82 -3.78 -25.76
N ALA B 114 2.32 -4.69 -24.94
CA ALA B 114 3.69 -4.74 -24.52
C ALA B 114 4.19 -6.11 -24.92
N LYS B 115 5.24 -6.16 -25.73
CA LYS B 115 5.82 -7.47 -26.17
C LYS B 115 6.41 -8.28 -25.03
N LEU B 116 6.21 -9.58 -25.08
CA LEU B 116 6.77 -10.47 -24.06
C LEU B 116 7.91 -11.26 -24.64
N SER B 117 7.86 -11.51 -25.95
CA SER B 117 8.84 -12.34 -26.63
C SER B 117 8.73 -12.09 -28.11
N GLY B 118 9.83 -12.32 -28.84
CA GLY B 118 9.79 -12.33 -30.31
C GLY B 118 10.13 -10.98 -30.94
N HIS B 119 10.21 -10.99 -32.28
CA HIS B 119 10.43 -9.78 -33.05
C HIS B 119 11.68 -9.10 -32.48
N ASP B 120 11.61 -7.80 -32.18
CA ASP B 120 12.80 -7.06 -31.73
C ASP B 120 13.25 -7.33 -30.27
N LEU B 121 12.61 -8.30 -29.61
CA LEU B 121 13.10 -8.75 -28.32
C LEU B 121 14.14 -9.89 -28.47
N GLU B 122 14.21 -10.53 -29.64
CA GLU B 122 15.08 -11.72 -29.86
C GLU B 122 16.59 -11.49 -29.70
N VAL B 123 17.14 -10.60 -30.53
CA VAL B 123 18.45 -10.01 -30.27
C VAL B 123 18.05 -8.61 -29.78
N PRO B 124 17.97 -8.42 -28.44
CA PRO B 124 17.26 -7.29 -27.80
C PRO B 124 18.00 -5.92 -27.73
N ASP B 125 19.33 -5.95 -27.76
CA ASP B 125 20.20 -4.75 -27.79
C ASP B 125 21.61 -5.12 -28.33
N SER B 126 22.64 -4.41 -27.88
CA SER B 126 24.04 -4.72 -28.21
C SER B 126 24.65 -5.82 -27.30
N GLY B 127 24.05 -6.05 -26.12
CA GLY B 127 24.55 -7.03 -25.16
C GLY B 127 25.29 -6.44 -23.97
N ASP B 128 25.51 -5.12 -23.98
CA ASP B 128 26.05 -4.41 -22.81
C ASP B 128 24.92 -4.11 -21.82
N VAL B 129 25.16 -4.36 -20.53
CA VAL B 129 24.18 -4.08 -19.47
C VAL B 129 23.75 -2.60 -19.47
N ASN B 130 24.64 -1.71 -19.92
CA ASN B 130 24.40 -0.25 -19.97
C ASN B 130 23.51 0.27 -21.13
N ASP B 131 23.21 -0.61 -22.08
CA ASP B 131 22.49 -0.26 -23.30
C ASP B 131 20.96 -0.42 -23.16
N LEU B 132 20.27 0.72 -22.94
CA LEU B 132 18.80 0.73 -22.81
C LEU B 132 18.11 0.65 -24.15
N ASN B 133 18.87 0.78 -25.24
CA ASN B 133 18.25 0.75 -26.56
C ASN B 133 17.81 -0.66 -26.99
N LEU B 134 16.97 -0.69 -28.02
CA LEU B 134 16.73 -1.91 -28.77
C LEU B 134 17.95 -2.09 -29.73
N ALA B 135 18.03 -3.20 -30.46
CA ALA B 135 19.26 -3.55 -31.23
C ALA B 135 19.65 -2.54 -32.32
N SER B 136 18.62 -1.91 -32.87
CA SER B 136 18.68 -0.85 -33.89
C SER B 136 19.43 0.44 -33.48
N GLY B 137 19.67 0.59 -32.19
CA GLY B 137 20.21 1.84 -31.65
C GLY B 137 19.14 2.91 -31.42
N LEU B 138 17.87 2.52 -31.39
CA LEU B 138 16.79 3.44 -31.07
C LEU B 138 16.33 3.11 -29.66
N ARG B 139 16.02 4.13 -28.84
CA ARG B 139 15.53 3.85 -27.51
C ARG B 139 14.23 3.04 -27.61
N SER B 140 13.37 3.38 -28.57
CA SER B 140 12.20 2.58 -28.87
C SER B 140 12.03 2.53 -30.39
N ASN B 141 11.60 1.36 -30.90
CA ASN B 141 11.52 1.14 -32.33
C ASN B 141 10.16 1.52 -32.92
N PRO B 142 10.08 1.65 -34.25
CA PRO B 142 8.74 1.61 -34.85
C PRO B 142 8.10 0.25 -34.54
N PRO B 143 6.76 0.13 -34.61
CA PRO B 143 6.09 -1.16 -34.42
C PRO B 143 6.68 -2.19 -35.42
N THR B 144 6.70 -3.46 -35.05
CA THR B 144 7.18 -4.53 -35.93
C THR B 144 6.05 -5.16 -36.75
N TRP B 145 4.85 -4.59 -36.67
CA TRP B 145 3.77 -4.90 -37.61
C TRP B 145 2.88 -3.66 -37.63
N THR B 146 2.01 -3.55 -38.63
CA THR B 146 1.08 -2.44 -38.73
C THR B 146 -0.28 -2.78 -38.13
N SER B 147 -0.85 -1.85 -37.37
CA SER B 147 -2.15 -2.06 -36.74
C SER B 147 -2.64 -0.78 -36.10
N ASP B 148 -3.90 -0.78 -35.67
CA ASP B 148 -4.50 0.40 -35.02
C ASP B 148 -4.17 0.42 -33.53
N ASP B 149 -3.63 -0.70 -33.04
CA ASP B 149 -3.22 -0.83 -31.64
C ASP B 149 -1.98 0.02 -31.35
N ARG B 150 -1.74 0.32 -30.07
CA ARG B 150 -0.61 1.15 -29.71
C ARG B 150 0.43 0.33 -28.94
N GLN B 151 1.69 0.41 -29.34
CA GLN B 151 2.76 -0.28 -28.58
C GLN B 151 3.19 0.57 -27.38
N PHE B 152 3.16 -0.03 -26.18
CA PHE B 152 3.73 0.58 -24.96
C PHE B 152 5.20 0.81 -25.31
N VAL B 153 5.66 2.03 -25.06
CA VAL B 153 6.99 2.47 -25.48
C VAL B 153 8.06 1.91 -24.52
N TRP B 154 9.22 1.51 -25.05
CA TRP B 154 10.30 0.97 -24.21
C TRP B 154 10.92 2.05 -23.35
N MET B 155 11.10 1.77 -22.05
CA MET B 155 11.77 2.69 -21.15
C MET B 155 13.12 2.13 -20.68
N TRP B 156 13.09 1.08 -19.83
CA TRP B 156 14.30 0.45 -19.27
C TRP B 156 14.00 -0.92 -18.67
N GLY B 157 15.06 -1.68 -18.46
CA GLY B 157 15.03 -2.95 -17.69
C GLY B 157 15.34 -4.16 -18.56
N VAL B 158 14.90 -5.35 -18.10
CA VAL B 158 15.19 -6.64 -18.74
C VAL B 158 14.23 -6.91 -19.90
N LYS B 159 14.76 -6.98 -21.10
CA LYS B 159 13.95 -7.22 -22.28
C LYS B 159 13.22 -8.59 -22.22
N ASN B 160 13.99 -9.63 -21.94
CA ASN B 160 13.48 -10.99 -22.01
C ASN B 160 13.35 -11.60 -20.65
N LEU B 161 12.14 -11.57 -20.12
CA LEU B 161 11.90 -12.09 -18.78
C LEU B 161 11.82 -13.62 -18.82
N ASP B 162 11.82 -14.23 -17.63
CA ASP B 162 11.55 -15.64 -17.52
C ASP B 162 10.04 -15.87 -17.71
N LEU B 163 9.65 -16.22 -18.93
CA LEU B 163 8.24 -16.45 -19.25
C LEU B 163 7.58 -17.61 -18.51
N SER B 164 8.40 -18.48 -17.92
CA SER B 164 7.87 -19.66 -17.25
C SER B 164 7.26 -19.24 -15.93
N GLY B 165 7.63 -18.06 -15.42
CA GLY B 165 6.98 -17.53 -14.22
C GLY B 165 6.82 -16.03 -14.15
N ILE B 166 5.75 -15.50 -14.75
CA ILE B 166 5.39 -14.06 -14.59
C ILE B 166 4.65 -13.82 -13.28
N ALA B 167 5.25 -13.01 -12.42
CA ALA B 167 4.75 -12.88 -11.05
C ALA B 167 3.93 -11.63 -10.77
N LYS B 168 4.19 -10.55 -11.50
CA LYS B 168 3.53 -9.27 -11.23
C LYS B 168 3.30 -8.48 -12.52
N ILE B 169 2.08 -7.97 -12.70
CA ILE B 169 1.82 -6.98 -13.74
C ILE B 169 1.23 -5.72 -13.09
N SER B 170 1.92 -4.58 -13.25
CA SER B 170 1.60 -3.36 -12.53
C SER B 170 1.40 -2.19 -13.55
N LEU B 171 0.30 -1.46 -13.37
CA LEU B 171 0.05 -0.21 -14.09
C LEU B 171 0.01 0.91 -13.07
N SER B 172 0.88 1.91 -13.21
CA SER B 172 0.90 2.97 -12.19
C SER B 172 1.00 4.41 -12.77
N VAL B 173 0.54 5.35 -11.95
CA VAL B 173 0.65 6.76 -12.24
C VAL B 173 1.53 7.35 -11.14
N GLN B 174 2.53 8.13 -11.55
CA GLN B 174 3.57 8.59 -10.64
C GLN B 174 3.78 10.09 -10.73
N SER B 175 3.90 10.77 -9.56
CA SER B 175 4.17 12.21 -9.46
C SER B 175 3.28 13.07 -10.36
N ALA B 176 1.97 12.78 -10.34
CA ALA B 176 1.01 13.54 -11.14
C ALA B 176 0.65 14.80 -10.38
N MET B 177 0.13 15.76 -11.11
CA MET B 177 -0.35 17.00 -10.53
C MET B 177 -1.89 16.91 -10.37
N HIS B 178 -2.50 15.86 -10.93
CA HIS B 178 -3.97 15.73 -10.91
C HIS B 178 -4.35 14.30 -10.62
N ASP B 179 -5.57 14.10 -10.08
CA ASP B 179 -6.19 12.78 -10.12
C ASP B 179 -6.35 12.28 -11.54
N LYS B 180 -5.97 11.04 -11.77
CA LYS B 180 -6.16 10.43 -13.12
C LYS B 180 -7.17 9.29 -13.00
N THR B 181 -8.04 9.08 -13.99
CA THR B 181 -9.02 7.97 -13.95
C THR B 181 -9.01 7.29 -15.32
N VAL B 182 -9.00 5.95 -15.31
CA VAL B 182 -9.04 5.21 -16.57
C VAL B 182 -10.07 4.09 -16.48
N ILE B 183 -10.36 3.47 -17.62
CA ILE B 183 -11.10 2.26 -17.62
C ILE B 183 -10.24 1.29 -18.38
N ILE B 184 -10.04 0.10 -17.80
CA ILE B 184 -9.24 -0.95 -18.43
C ILE B 184 -10.13 -2.16 -18.75
N ASP B 185 -9.93 -2.79 -19.91
CA ASP B 185 -10.75 -3.96 -20.21
C ASP B 185 -9.94 -4.93 -21.01
N ASN B 186 -10.40 -6.18 -21.09
CA ASN B 186 -9.84 -7.17 -22.00
C ASN B 186 -8.31 -7.37 -21.86
N ILE B 187 -7.84 -7.48 -20.63
CA ILE B 187 -6.43 -7.82 -20.41
C ILE B 187 -6.21 -9.24 -20.94
N ARG B 188 -5.30 -9.38 -21.90
CA ARG B 188 -5.14 -10.66 -22.63
C ARG B 188 -3.73 -10.78 -23.15
N ILE B 189 -3.36 -12.02 -23.54
CA ILE B 189 -2.15 -12.30 -24.30
C ILE B 189 -2.53 -12.68 -25.71
N GLN B 190 -1.95 -12.03 -26.73
CA GLN B 190 -2.07 -12.47 -28.12
C GLN B 190 -0.71 -12.83 -28.74
N PRO B 191 -0.70 -13.88 -29.58
CA PRO B 191 0.49 -14.14 -30.39
C PRO B 191 0.75 -12.94 -31.27
N ASN B 192 2.02 -12.61 -31.51
CA ASN B 192 2.33 -11.50 -32.41
C ASN B 192 1.97 -11.86 -33.82
N PRO B 193 1.42 -10.92 -34.61
CA PRO B 193 1.39 -11.11 -36.05
C PRO B 193 2.83 -11.33 -36.58
N PRO B 194 3.00 -11.78 -37.83
CA PRO B 194 4.40 -11.94 -38.29
C PRO B 194 5.10 -10.59 -38.38
N GLN B 195 6.39 -10.59 -38.11
CA GLN B 195 7.22 -9.38 -38.18
C GLN B 195 7.35 -8.84 -39.61
N ASP B 196 7.10 -7.55 -39.78
CA ASP B 196 7.39 -6.83 -41.00
C ASP B 196 8.91 -6.73 -41.17
N GLU B 197 9.47 -7.38 -42.17
CA GLU B 197 10.95 -7.35 -42.38
C GLU B 197 11.52 -5.99 -42.78
N ASN B 198 10.67 -5.10 -43.28
CA ASN B 198 11.02 -3.70 -43.56
C ASN B 198 10.80 -2.70 -42.37
N PHE B 199 10.61 -3.19 -41.14
CA PHE B 199 10.21 -2.31 -40.01
C PHE B 199 11.29 -1.28 -39.61
N LEU B 200 12.56 -1.57 -39.94
CA LEU B 200 13.70 -0.66 -39.79
C LEU B 200 14.21 -0.03 -41.09
N VAL B 201 13.55 -0.34 -42.22
CA VAL B 201 14.02 0.07 -43.56
C VAL B 201 13.25 1.30 -43.99
N GLY B 202 13.96 2.33 -44.46
CA GLY B 202 13.30 3.53 -45.00
C GLY B 202 12.56 4.34 -43.94
N LEU B 203 13.20 4.51 -42.77
CA LEU B 203 12.58 5.27 -41.66
C LEU B 203 12.49 6.79 -41.89
N VAL B 204 13.52 7.30 -42.56
CA VAL B 204 13.87 8.72 -42.57
C VAL B 204 13.87 9.26 -44.02
N ASP B 205 13.23 10.40 -44.22
CA ASP B 205 13.22 10.99 -45.52
C ASP B 205 14.43 11.95 -45.62
N GLU B 206 14.47 12.80 -46.65
CA GLU B 206 15.66 13.61 -46.88
C GLU B 206 15.74 14.84 -45.92
N PHE B 207 14.64 15.08 -45.18
CA PHE B 207 14.54 16.19 -44.25
C PHE B 207 14.70 15.67 -42.83
N GLY B 208 14.94 14.36 -42.71
CA GLY B 208 15.08 13.75 -41.38
C GLY B 208 13.76 13.37 -40.72
N GLN B 209 12.65 13.59 -41.41
CA GLN B 209 11.34 13.25 -40.86
C GLN B 209 10.99 11.77 -41.09
N ASN B 210 9.99 11.32 -40.34
CA ASN B 210 9.37 10.00 -40.45
C ASN B 210 8.80 9.82 -41.87
N ALA B 211 9.45 8.96 -42.63
CA ALA B 211 9.14 8.79 -44.03
C ALA B 211 7.82 8.08 -44.23
N LYS B 212 7.42 7.24 -43.28
CA LYS B 212 6.24 6.40 -43.53
C LYS B 212 4.91 6.99 -43.13
N VAL B 213 4.92 8.02 -42.29
CA VAL B 213 3.69 8.59 -41.71
C VAL B 213 3.58 10.05 -42.12
N ASP B 214 2.40 10.49 -42.53
CA ASP B 214 2.15 11.89 -42.74
C ASP B 214 1.40 12.41 -41.52
N TYR B 215 1.81 13.55 -40.99
CA TYR B 215 1.17 14.10 -39.81
C TYR B 215 1.01 15.56 -40.08
N LYS B 216 0.15 16.24 -39.32
CA LYS B 216 0.02 17.71 -39.43
C LYS B 216 1.38 18.36 -39.21
N GLY B 217 1.78 19.20 -40.17
CA GLY B 217 3.01 19.97 -40.09
C GLY B 217 4.21 19.34 -40.77
N LYS B 218 4.06 18.12 -41.25
CA LYS B 218 5.13 17.45 -41.96
C LYS B 218 5.47 18.24 -43.24
N ILE B 219 6.75 18.44 -43.47
CA ILE B 219 7.27 19.16 -44.64
C ILE B 219 7.42 18.18 -45.80
N HIS B 220 6.73 18.48 -46.90
CA HIS B 220 6.81 17.63 -48.11
C HIS B 220 7.69 18.18 -49.22
N SER B 221 8.00 19.48 -49.20
CA SER B 221 8.92 20.07 -50.20
C SER B 221 9.75 21.20 -49.61
N LEU B 222 10.82 21.55 -50.30
CA LEU B 222 11.57 22.78 -49.98
C LEU B 222 10.67 24.03 -49.99
N GLU B 223 9.66 24.08 -50.85
CA GLU B 223 8.76 25.24 -50.89
C GLU B 223 8.00 25.36 -49.61
N GLU B 224 7.57 24.23 -49.04
CA GLU B 224 6.79 24.29 -47.81
C GLU B 224 7.69 24.75 -46.69
N LEU B 225 8.90 24.22 -46.66
CA LEU B 225 9.92 24.67 -45.71
C LEU B 225 10.19 26.19 -45.78
N HIS B 226 10.38 26.74 -46.99
CA HIS B 226 10.56 28.20 -47.12
C HIS B 226 9.34 29.00 -46.70
N ALA B 227 8.14 28.47 -46.99
CA ALA B 227 6.90 29.07 -46.54
C ALA B 227 6.81 29.16 -45.02
N ALA B 228 7.12 28.05 -44.33
CA ALA B 228 7.09 28.06 -42.87
C ALA B 228 8.10 29.07 -42.31
N ARG B 229 9.31 29.03 -42.87
CA ARG B 229 10.35 30.02 -42.57
C ARG B 229 9.84 31.47 -42.75
N ASP B 230 9.20 31.75 -43.88
CA ASP B 230 8.82 33.14 -44.19
C ASP B 230 7.80 33.66 -43.22
N VAL B 231 6.81 32.83 -42.89
CA VAL B 231 5.77 33.23 -41.94
C VAL B 231 6.39 33.53 -40.55
N GLU B 232 7.34 32.71 -40.11
CA GLU B 232 7.94 32.92 -38.78
C GLU B 232 8.81 34.16 -38.75
N LEU B 233 9.61 34.35 -39.80
CA LEU B 233 10.54 35.46 -39.81
C LEU B 233 9.77 36.78 -39.86
N ALA B 234 8.58 36.79 -40.49
CA ALA B 234 7.71 37.98 -40.50
C ALA B 234 7.21 38.33 -39.10
N GLU B 235 7.03 37.33 -38.22
CA GLU B 235 6.56 37.57 -36.86
C GLU B 235 7.70 37.93 -35.88
N LEU B 236 8.93 37.50 -36.16
CA LEU B 236 10.04 37.76 -35.22
C LEU B 236 10.72 39.12 -35.44
N ASP B 237 10.65 40.00 -34.46
CA ASP B 237 11.16 41.37 -34.65
C ASP B 237 12.21 41.72 -33.62
N GLY B 238 12.72 40.71 -32.90
CA GLY B 238 13.64 40.93 -31.80
C GLY B 238 13.10 41.68 -30.58
N LYS B 239 11.79 41.89 -30.45
CA LYS B 239 11.27 42.59 -29.25
C LYS B 239 10.97 41.66 -28.06
N PRO B 240 11.57 41.96 -26.87
CA PRO B 240 11.26 41.22 -25.64
C PRO B 240 9.81 41.50 -25.18
N MET B 241 9.23 40.63 -24.31
CA MET B 241 7.88 40.83 -23.74
C MET B 241 7.80 42.18 -22.96
N PRO B 242 6.55 42.63 -22.62
CA PRO B 242 6.43 43.90 -21.89
C PRO B 242 7.15 43.93 -20.51
N SER B 243 7.81 45.04 -20.23
CA SER B 243 8.27 45.33 -18.87
C SER B 243 9.41 44.42 -18.41
N ARG B 244 10.15 43.86 -19.36
CA ARG B 244 11.40 43.16 -19.05
C ARG B 244 12.48 44.24 -18.96
N SER B 245 13.33 44.16 -17.95
CA SER B 245 14.55 44.97 -17.89
C SER B 245 15.56 44.49 -18.95
N LYS B 246 16.67 45.20 -19.10
CA LYS B 246 17.74 44.85 -20.06
C LYS B 246 18.11 43.35 -20.03
N PHE B 247 18.39 42.86 -18.82
CA PHE B 247 18.83 41.48 -18.56
C PHE B 247 17.67 40.50 -18.33
N GLY B 248 16.47 40.87 -18.74
CA GLY B 248 15.33 39.95 -18.70
C GLY B 248 14.61 39.84 -17.37
N GLY B 249 14.97 40.71 -16.41
CA GLY B 249 14.30 40.78 -15.12
C GLY B 249 13.02 41.63 -15.24
N TRP B 250 12.44 41.97 -14.10
CA TRP B 250 11.10 42.54 -14.04
C TRP B 250 11.15 44.00 -13.66
N LEU B 251 10.88 44.87 -14.64
CA LEU B 251 10.91 46.33 -14.46
C LEU B 251 9.99 46.83 -13.37
N ALA B 252 8.83 46.20 -13.24
CA ALA B 252 7.79 46.62 -12.29
C ALA B 252 7.95 46.07 -10.87
N GLY B 253 8.98 45.26 -10.63
CA GLY B 253 9.11 44.57 -9.33
C GLY B 253 9.88 45.51 -8.44
N PRO B 254 10.21 45.10 -7.20
CA PRO B 254 11.03 45.99 -6.39
C PRO B 254 12.47 46.05 -6.92
N LYS B 255 13.02 47.23 -7.05
CA LYS B 255 14.37 47.40 -7.50
C LYS B 255 15.25 47.21 -6.27
N LEU B 256 16.17 46.28 -6.37
CA LEU B 256 17.04 45.92 -5.27
C LEU B 256 18.50 46.30 -5.58
N LYS B 257 19.42 45.96 -4.69
CA LYS B 257 20.85 46.22 -4.88
C LYS B 257 21.33 45.67 -6.25
N ALA B 258 21.99 46.52 -7.02
CA ALA B 258 22.56 46.17 -8.33
C ALA B 258 24.05 45.90 -8.14
N THR B 259 24.51 44.68 -8.34
CA THR B 259 25.95 44.38 -8.13
C THR B 259 26.70 44.30 -9.48
N GLY B 260 25.98 44.43 -10.57
CA GLY B 260 26.59 44.14 -11.87
C GLY B 260 26.56 42.67 -12.34
N TYR B 261 26.15 41.74 -11.46
CA TYR B 261 26.09 40.30 -11.78
C TYR B 261 24.77 39.71 -11.27
N PHE B 262 24.28 38.62 -11.91
CA PHE B 262 23.12 37.84 -11.40
C PHE B 262 23.52 37.27 -10.07
N ARG B 263 22.61 37.29 -9.10
CA ARG B 263 22.89 36.90 -7.74
C ARG B 263 21.56 36.41 -7.18
N THR B 264 21.56 35.88 -5.95
CA THR B 264 20.28 35.44 -5.37
C THR B 264 19.75 36.31 -4.23
N GLU B 265 18.43 36.29 -4.03
CA GLU B 265 17.84 36.99 -2.91
C GLU B 265 16.44 36.48 -2.65
N LYS B 266 16.07 36.34 -1.38
CA LYS B 266 14.73 35.89 -1.02
C LYS B 266 13.83 37.13 -1.01
N ILE B 267 12.79 37.15 -1.83
CA ILE B 267 11.94 38.32 -1.93
C ILE B 267 10.52 37.94 -1.45
N ASN B 268 10.07 38.57 -0.36
CA ASN B 268 8.78 38.25 0.29
C ASN B 268 8.46 36.77 0.48
N GLY B 269 9.37 36.03 1.12
CA GLY B 269 9.20 34.59 1.32
C GLY B 269 9.51 33.72 0.10
N LYS B 270 9.87 34.32 -1.04
CA LYS B 270 10.15 33.47 -2.22
C LYS B 270 11.57 33.67 -2.75
N TRP B 271 12.28 32.58 -2.99
CA TRP B 271 13.64 32.73 -3.52
C TRP B 271 13.54 33.30 -4.92
N MET B 272 14.36 34.30 -5.23
CA MET B 272 14.45 34.83 -6.57
C MET B 272 15.91 34.95 -6.99
N LEU B 273 16.18 35.16 -8.28
CA LEU B 273 17.47 35.71 -8.70
C LEU B 273 17.27 37.19 -8.77
N VAL B 274 18.37 37.96 -8.79
CA VAL B 274 18.29 39.40 -9.05
C VAL B 274 19.26 39.65 -10.19
N ASP B 275 18.83 40.40 -11.22
CA ASP B 275 19.68 40.64 -12.39
C ASP B 275 20.80 41.68 -12.09
N PRO B 276 21.78 41.83 -13.01
CA PRO B 276 22.92 42.72 -12.77
C PRO B 276 22.56 44.19 -12.41
N GLU B 277 21.36 44.65 -12.81
CA GLU B 277 20.83 45.99 -12.52
C GLU B 277 19.90 46.06 -11.31
N GLY B 278 19.73 44.96 -10.59
CA GLY B 278 18.95 44.96 -9.37
C GLY B 278 17.47 44.60 -9.53
N TYR B 279 17.06 44.14 -10.71
CA TYR B 279 15.68 43.71 -10.89
C TYR B 279 15.46 42.21 -10.60
N PRO B 280 14.29 41.86 -10.04
CA PRO B 280 13.95 40.47 -9.81
C PRO B 280 14.00 39.69 -11.12
N TYR B 281 14.48 38.46 -11.04
CA TYR B 281 14.69 37.62 -12.19
C TYR B 281 14.24 36.18 -11.90
N PHE B 282 13.68 35.54 -12.92
CA PHE B 282 13.24 34.16 -12.80
C PHE B 282 13.64 33.51 -14.11
N ALA B 283 14.38 32.40 -14.02
CA ALA B 283 15.04 31.83 -15.23
C ALA B 283 14.06 30.87 -15.91
N THR B 284 13.70 31.15 -17.15
CA THR B 284 13.01 30.14 -17.99
C THR B 284 13.78 30.07 -19.31
N GLY B 285 13.74 28.93 -19.97
CA GLY B 285 14.46 28.81 -21.23
C GLY B 285 14.67 27.34 -21.57
N LEU B 286 15.40 27.07 -22.63
CA LEU B 286 15.58 25.68 -23.11
C LEU B 286 17.06 25.27 -22.99
N ASP B 287 17.31 23.96 -22.80
CA ASP B 287 18.66 23.39 -22.79
C ASP B 287 19.06 22.95 -24.20
N ILE B 288 20.34 22.66 -24.38
CA ILE B 288 20.90 22.14 -25.66
C ILE B 288 20.63 23.11 -26.82
N ILE B 289 21.16 24.34 -26.70
CA ILE B 289 21.03 25.31 -27.77
C ILE B 289 22.37 25.28 -28.49
N ARG B 290 22.54 24.19 -29.24
CA ARG B 290 23.84 23.83 -29.85
C ARG B 290 23.47 22.72 -30.84
N LEU B 291 24.37 22.37 -31.74
CA LEU B 291 24.13 21.28 -32.67
C LEU B 291 24.81 19.96 -32.31
N SER B 292 25.55 19.88 -31.20
CA SER B 292 26.33 18.66 -30.89
C SER B 292 25.52 17.35 -30.79
N ASN B 293 24.27 17.45 -30.33
CA ASN B 293 23.43 16.28 -30.06
C ASN B 293 22.40 16.01 -31.17
N SER B 294 22.57 16.70 -32.30
CA SER B 294 21.63 16.60 -33.41
C SER B 294 21.96 15.57 -34.49
N SER B 295 23.05 14.82 -34.32
CA SER B 295 23.44 13.90 -35.38
C SER B 295 23.00 12.46 -35.03
N THR B 296 22.90 11.62 -36.06
CA THR B 296 22.44 10.26 -35.86
C THR B 296 23.37 9.36 -36.66
N MET B 297 23.75 8.23 -36.04
CA MET B 297 24.70 7.29 -36.66
C MET B 297 24.14 6.77 -37.99
N THR B 298 24.96 6.86 -39.04
CA THR B 298 24.54 6.45 -40.37
C THR B 298 24.82 4.97 -40.61
N GLY B 299 25.69 4.38 -39.79
CA GLY B 299 26.16 3.01 -40.03
C GLY B 299 27.49 2.91 -40.77
N TYR B 300 28.06 4.04 -41.21
CA TYR B 300 29.42 3.99 -41.79
C TYR B 300 30.51 4.30 -40.79
N ASP B 301 31.72 3.84 -41.11
CA ASP B 301 32.90 4.10 -40.30
C ASP B 301 34.06 4.45 -41.20
N TYR B 302 35.13 4.98 -40.61
CA TYR B 302 36.31 5.50 -41.35
C TYR B 302 37.56 4.84 -40.85
N ASP B 303 38.54 4.74 -41.74
CA ASP B 303 39.90 4.38 -41.37
C ASP B 303 40.34 5.25 -40.18
N GLN B 304 40.77 4.62 -39.08
CA GLN B 304 41.21 5.35 -37.86
C GLN B 304 42.46 6.23 -38.03
N ALA B 305 43.33 5.84 -38.95
CA ALA B 305 44.48 6.67 -39.28
C ALA B 305 44.02 8.02 -39.87
N THR B 306 42.77 8.12 -40.30
CA THR B 306 42.28 9.41 -40.84
C THR B 306 41.49 10.30 -39.82
N VAL B 307 41.37 9.87 -38.57
CA VAL B 307 40.52 10.60 -37.62
C VAL B 307 41.38 11.20 -36.52
N ALA B 308 41.26 12.51 -36.31
CA ALA B 308 42.01 13.16 -35.24
C ALA B 308 41.62 12.53 -33.90
N GLN B 309 42.62 12.15 -33.11
CA GLN B 309 42.39 11.52 -31.80
C GLN B 309 42.15 12.58 -30.74
N ARG B 310 41.36 12.26 -29.71
CA ARG B 310 41.10 13.17 -28.59
C ARG B 310 42.36 13.39 -27.77
N SER B 311 42.61 14.65 -27.42
CA SER B 311 43.67 14.98 -26.51
C SER B 311 43.23 14.64 -25.08
N ALA B 312 44.13 14.08 -24.28
CA ALA B 312 43.79 13.67 -22.91
C ALA B 312 43.57 14.89 -21.98
N ASP B 313 43.93 16.06 -22.50
CA ASP B 313 43.77 17.36 -21.80
C ASP B 313 42.42 17.99 -22.07
N ASP B 314 41.70 17.47 -23.05
CA ASP B 314 40.45 18.11 -23.50
C ASP B 314 39.44 18.19 -22.34
N VAL B 315 38.88 19.37 -22.06
CA VAL B 315 37.88 19.49 -20.99
C VAL B 315 36.48 19.02 -21.41
N THR B 316 36.29 18.74 -22.69
CA THR B 316 34.96 18.50 -23.26
C THR B 316 34.77 17.04 -23.59
N PRO B 317 33.81 16.37 -22.91
CA PRO B 317 33.56 14.94 -23.23
C PRO B 317 32.98 14.83 -24.60
N GLU B 318 33.19 13.68 -25.24
CA GLU B 318 32.85 13.48 -26.63
C GLU B 318 31.37 13.82 -27.00
N ASP B 319 30.44 13.48 -26.10
CA ASP B 319 28.99 13.77 -26.33
C ASP B 319 28.68 15.26 -26.50
N SER B 320 29.58 16.10 -25.98
CA SER B 320 29.36 17.55 -26.01
C SER B 320 30.29 18.29 -26.97
N LYS B 321 31.05 17.54 -27.77
CA LYS B 321 31.98 18.16 -28.74
C LYS B 321 31.16 18.73 -29.87
N GLY B 322 31.68 19.80 -30.50
CA GLY B 322 31.12 20.31 -31.76
C GLY B 322 31.02 19.19 -32.80
N LEU B 323 30.13 19.36 -33.76
CA LEU B 323 30.03 18.41 -34.86
C LEU B 323 31.38 18.39 -35.60
N MET B 324 32.00 17.21 -35.72
CA MET B 324 33.33 17.10 -36.34
C MET B 324 33.26 17.21 -37.86
N ALA B 325 34.05 18.12 -38.43
CA ALA B 325 34.17 18.22 -39.90
C ALA B 325 34.82 16.96 -40.45
N VAL B 326 34.10 16.25 -41.31
CA VAL B 326 34.64 15.04 -41.93
C VAL B 326 35.41 15.41 -43.21
N SER B 327 36.67 14.99 -43.27
CA SER B 327 37.55 15.30 -44.40
C SER B 327 37.35 14.35 -45.57
N GLU B 328 37.73 14.80 -46.76
CA GLU B 328 37.73 13.95 -47.95
C GLU B 328 38.42 12.57 -47.79
N LYS B 329 39.63 12.56 -47.23
CA LYS B 329 40.36 11.28 -47.07
C LYS B 329 39.59 10.32 -46.15
N SER B 330 39.05 10.83 -45.03
CA SER B 330 38.25 9.99 -44.13
C SER B 330 37.04 9.49 -44.91
N PHE B 331 36.37 10.40 -45.61
CA PHE B 331 35.16 10.01 -46.32
C PHE B 331 35.44 9.00 -47.45
N ALA B 332 36.55 9.22 -48.15
CA ALA B 332 36.93 8.32 -49.24
C ALA B 332 37.09 6.86 -48.79
N THR B 333 37.44 6.64 -47.51
CA THR B 333 37.55 5.28 -46.94
C THR B 333 36.31 4.74 -46.22
N ARG B 334 35.15 5.37 -46.37
CA ARG B 334 34.02 4.96 -45.52
C ARG B 334 33.58 3.53 -45.82
N HIS B 335 33.52 2.72 -44.77
N HIS B 335 33.47 2.74 -44.75
CA HIS B 335 33.03 1.36 -44.90
CA HIS B 335 33.13 1.30 -44.77
C HIS B 335 31.75 1.18 -44.11
C HIS B 335 31.79 1.09 -44.03
N LEU B 336 30.93 0.24 -44.58
CA LEU B 336 29.65 -0.09 -43.96
C LEU B 336 29.91 -0.99 -42.75
N ALA B 337 29.73 -0.46 -41.54
CA ALA B 337 29.82 -1.29 -40.32
C ALA B 337 28.45 -1.81 -39.83
N SER B 338 27.38 -1.05 -40.07
CA SER B 338 26.03 -1.50 -39.73
C SER B 338 25.07 -1.33 -40.89
N PRO B 339 24.81 -2.44 -41.60
CA PRO B 339 23.77 -2.48 -42.66
C PRO B 339 22.38 -2.10 -42.14
N THR B 340 22.08 -2.44 -40.89
CA THR B 340 20.80 -2.07 -40.30
C THR B 340 20.67 -0.56 -40.21
N ARG B 341 21.64 0.11 -39.56
CA ARG B 341 21.64 1.61 -39.48
C ARG B 341 21.49 2.23 -40.85
N ALA B 342 22.35 1.83 -41.79
CA ALA B 342 22.38 2.44 -43.13
C ALA B 342 21.05 2.39 -43.88
N ALA B 343 20.34 1.27 -43.77
CA ALA B 343 19.07 1.07 -44.52
C ALA B 343 17.93 1.94 -43.96
N MET B 344 18.14 2.50 -42.78
CA MET B 344 17.15 3.40 -42.17
C MET B 344 16.88 4.64 -43.00
N PHE B 345 17.89 5.03 -43.78
CA PHE B 345 17.90 6.37 -44.38
C PHE B 345 17.48 6.30 -45.81
N ASN B 346 16.44 7.04 -46.17
CA ASN B 346 16.09 7.12 -47.59
C ASN B 346 17.09 7.98 -48.38
N TRP B 347 17.78 8.89 -47.69
CA TRP B 347 18.67 9.82 -48.37
C TRP B 347 19.84 10.26 -47.49
N LEU B 348 21.05 10.09 -48.03
CA LEU B 348 22.26 10.62 -47.43
C LEU B 348 23.08 11.24 -48.57
N PRO B 349 23.63 12.44 -48.39
CA PRO B 349 24.29 13.07 -49.56
C PRO B 349 25.61 12.41 -49.96
N ASP B 350 25.98 12.53 -51.24
CA ASP B 350 27.32 12.17 -51.75
C ASP B 350 28.39 13.12 -51.21
N TYR B 351 29.64 12.65 -51.15
CA TYR B 351 30.77 13.46 -50.70
C TYR B 351 30.76 14.90 -51.26
N ASP B 352 30.22 15.07 -52.47
CA ASP B 352 30.25 16.34 -53.19
C ASP B 352 28.94 17.12 -53.25
N HIS B 353 27.90 16.58 -52.61
CA HIS B 353 26.60 17.28 -52.53
C HIS B 353 26.76 18.49 -51.57
N PRO B 354 26.08 19.63 -51.84
CA PRO B 354 26.20 20.80 -50.95
C PRO B 354 25.81 20.55 -49.46
N LEU B 355 25.07 19.47 -49.18
CA LEU B 355 24.68 19.16 -47.80
C LEU B 355 25.60 18.12 -47.16
N ALA B 356 26.71 17.82 -47.86
CA ALA B 356 27.71 16.93 -47.32
C ALA B 356 28.40 17.43 -46.07
N ASN B 357 28.44 18.76 -45.87
CA ASN B 357 29.12 19.31 -44.67
C ASN B 357 28.41 19.05 -43.34
N HIS B 358 27.29 18.32 -43.39
CA HIS B 358 26.50 18.07 -42.20
C HIS B 358 26.76 16.65 -41.65
N TYR B 359 27.68 15.93 -42.27
CA TYR B 359 28.23 14.73 -41.66
C TYR B 359 29.04 15.07 -40.39
N ASN B 360 29.14 14.12 -39.48
CA ASN B 360 29.87 14.31 -38.23
C ASN B 360 30.53 12.95 -38.02
N TYR B 361 31.53 12.89 -37.16
CA TYR B 361 32.05 11.62 -36.75
C TYR B 361 32.10 11.61 -35.23
N ARG B 362 31.60 10.55 -34.57
CA ARG B 362 31.77 10.42 -33.12
C ARG B 362 32.81 9.32 -32.74
N ARG B 363 33.74 9.65 -31.85
CA ARG B 363 34.81 8.69 -31.53
C ARG B 363 34.42 7.69 -30.42
N SER B 364 33.29 7.94 -29.76
CA SER B 364 32.78 7.03 -28.77
C SER B 364 31.23 7.14 -28.72
N ALA B 365 30.61 6.34 -27.85
CA ALA B 365 29.16 6.26 -27.72
C ALA B 365 28.93 5.69 -26.34
N HIS B 366 27.92 6.21 -25.64
CA HIS B 366 27.47 5.55 -24.43
C HIS B 366 26.82 4.17 -24.73
N SER B 367 25.99 4.09 -25.79
CA SER B 367 25.21 2.86 -26.10
C SER B 367 24.71 2.87 -27.52
N GLY B 368 24.40 1.69 -28.05
CA GLY B 368 23.95 1.54 -29.44
C GLY B 368 24.75 0.41 -30.07
N PRO B 369 24.43 0.03 -31.32
CA PRO B 369 25.16 -1.06 -32.01
C PRO B 369 26.59 -0.68 -32.41
N LEU B 370 26.91 0.61 -32.47
CA LEU B 370 28.22 1.10 -32.90
C LEU B 370 28.93 1.85 -31.75
N LYS B 371 30.21 1.55 -31.54
CA LYS B 371 30.97 2.22 -30.49
C LYS B 371 31.57 3.53 -30.98
N ARG B 372 31.43 3.76 -32.28
CA ARG B 372 32.00 4.94 -32.93
C ARG B 372 31.42 4.96 -34.32
N GLY B 373 31.47 6.10 -34.98
CA GLY B 373 31.19 6.10 -36.40
C GLY B 373 30.75 7.43 -36.91
N GLU B 374 30.53 7.44 -38.22
CA GLU B 374 29.88 8.52 -38.94
C GLU B 374 28.40 8.76 -38.55
N ALA B 375 28.04 10.05 -38.42
CA ALA B 375 26.68 10.48 -38.10
C ALA B 375 26.30 11.60 -39.07
N TYR B 376 25.00 11.85 -39.23
CA TYR B 376 24.52 12.96 -40.05
C TYR B 376 23.49 13.76 -39.21
N SER B 377 23.59 15.10 -39.31
CA SER B 377 22.65 16.00 -38.63
C SER B 377 21.65 16.54 -39.64
N PHE B 378 20.47 15.93 -39.72
CA PHE B 378 19.41 16.44 -40.60
C PHE B 378 18.96 17.85 -40.17
N TYR B 379 19.01 18.14 -38.88
CA TYR B 379 18.54 19.48 -38.43
C TYR B 379 19.55 20.51 -38.97
N SER B 380 20.85 20.28 -38.76
CA SER B 380 21.88 21.15 -39.36
C SER B 380 21.69 21.36 -40.89
N ALA B 381 21.45 20.26 -41.62
CA ALA B 381 21.16 20.31 -43.05
C ALA B 381 19.95 21.18 -43.37
N ASN B 382 18.92 21.06 -42.53
CA ASN B 382 17.69 21.82 -42.80
C ASN B 382 17.91 23.31 -42.54
N LEU B 383 18.80 23.61 -41.61
CA LEU B 383 19.19 25.02 -41.43
C LEU B 383 19.81 25.59 -42.72
N GLU B 384 20.77 24.89 -43.30
CA GLU B 384 21.31 25.31 -44.61
C GLU B 384 20.19 25.44 -45.67
N ARG B 385 19.31 24.44 -45.76
CA ARG B 385 18.16 24.50 -46.69
C ARG B 385 17.31 25.75 -46.44
N LYS B 386 17.07 26.09 -45.18
CA LYS B 386 16.21 27.23 -44.90
C LYS B 386 16.89 28.54 -45.20
N TYR B 387 18.15 28.64 -44.81
CA TYR B 387 18.81 29.93 -44.71
C TYR B 387 19.91 30.15 -45.73
N GLY B 388 20.32 29.07 -46.40
CA GLY B 388 21.34 29.09 -47.45
C GLY B 388 22.70 29.51 -46.92
N GLU B 389 23.62 29.78 -47.87
CA GLU B 389 24.98 30.22 -47.58
C GLU B 389 25.32 31.45 -48.38
N THR B 390 25.55 32.58 -47.72
CA THR B 390 26.20 33.71 -48.37
C THR B 390 27.73 33.75 -48.11
N TYR B 391 28.22 32.87 -47.24
CA TYR B 391 29.64 32.64 -46.96
C TYR B 391 29.61 31.35 -46.18
N PRO B 392 30.76 30.64 -46.06
CA PRO B 392 30.67 29.32 -45.37
C PRO B 392 30.15 29.38 -43.94
N GLY B 393 29.18 28.52 -43.64
CA GLY B 393 28.52 28.55 -42.35
C GLY B 393 27.55 29.67 -42.04
N SER B 394 27.16 30.50 -43.02
CA SER B 394 26.32 31.66 -42.70
C SER B 394 24.95 31.24 -42.07
N TYR B 395 24.43 30.09 -42.48
CA TYR B 395 23.16 29.61 -41.92
C TYR B 395 23.29 29.39 -40.41
N LEU B 396 24.51 29.10 -39.90
CA LEU B 396 24.67 28.97 -38.46
C LEU B 396 24.52 30.31 -37.76
N ASP B 397 25.04 31.37 -38.36
CA ASP B 397 24.86 32.69 -37.78
C ASP B 397 23.39 33.15 -37.84
N LYS B 398 22.72 32.77 -38.91
CA LYS B 398 21.32 33.15 -39.07
C LYS B 398 20.51 32.39 -38.00
N TRP B 399 20.82 31.10 -37.83
CA TRP B 399 20.17 30.25 -36.80
C TRP B 399 20.34 30.85 -35.41
N ARG B 400 21.54 31.34 -35.09
N ARG B 400 21.54 31.33 -35.08
CA ARG B 400 21.78 31.91 -33.76
CA ARG B 400 21.75 31.89 -33.75
C ARG B 400 20.94 33.18 -33.56
C ARG B 400 20.92 33.17 -33.57
N GLU B 401 20.87 34.01 -34.60
CA GLU B 401 20.07 35.24 -34.51
C GLU B 401 18.55 34.94 -34.41
N VAL B 402 18.05 34.04 -35.25
CA VAL B 402 16.64 33.60 -35.17
C VAL B 402 16.39 32.93 -33.79
N THR B 403 17.34 32.12 -33.30
CA THR B 403 17.19 31.47 -31.99
C THR B 403 17.01 32.54 -30.91
N VAL B 404 17.84 33.58 -30.90
CA VAL B 404 17.71 34.60 -29.84
C VAL B 404 16.39 35.37 -29.98
N ASP B 405 16.06 35.79 -31.22
CA ASP B 405 14.73 36.40 -31.49
C ASP B 405 13.55 35.56 -30.99
N ARG B 406 13.59 34.25 -31.25
CA ARG B 406 12.57 33.30 -30.76
C ARG B 406 12.43 33.31 -29.27
N MET B 407 13.57 33.18 -28.56
CA MET B 407 13.53 33.12 -27.12
C MET B 407 12.90 34.39 -26.58
N LEU B 408 13.24 35.53 -27.16
CA LEU B 408 12.72 36.81 -26.68
C LEU B 408 11.20 36.93 -26.98
N ASN B 409 10.80 36.48 -28.16
CA ASN B 409 9.39 36.52 -28.60
C ASN B 409 8.60 35.52 -27.76
N TRP B 410 9.18 34.37 -27.46
CA TRP B 410 8.48 33.39 -26.65
C TRP B 410 8.43 33.75 -25.15
N GLY B 411 9.11 34.84 -24.77
CA GLY B 411 9.14 35.30 -23.40
C GLY B 411 10.19 34.63 -22.50
N PHE B 412 11.01 33.77 -23.04
CA PHE B 412 12.06 33.14 -22.22
C PHE B 412 13.04 34.19 -21.67
N THR B 413 13.41 34.03 -20.41
CA THR B 413 14.37 34.96 -19.80
C THR B 413 15.83 34.54 -19.96
N SER B 414 16.09 33.34 -20.51
CA SER B 414 17.47 32.86 -20.64
C SER B 414 17.60 31.86 -21.77
N LEU B 415 18.86 31.61 -22.16
CA LEU B 415 19.28 30.42 -22.89
C LEU B 415 19.72 29.47 -21.78
N GLY B 416 19.31 28.20 -21.84
CA GLY B 416 19.56 27.22 -20.77
C GLY B 416 20.90 26.49 -20.77
N ASN B 417 21.00 25.38 -20.05
CA ASN B 417 22.30 24.65 -20.05
C ASN B 417 22.70 24.20 -21.47
N TRP B 418 23.99 23.99 -21.71
CA TRP B 418 24.53 23.50 -23.00
C TRP B 418 24.14 24.42 -24.15
N THR B 419 24.28 25.71 -23.90
CA THR B 419 24.16 26.74 -24.93
C THR B 419 25.55 26.88 -25.59
N ASP B 420 25.57 26.87 -26.92
CA ASP B 420 26.84 26.94 -27.63
C ASP B 420 27.57 28.23 -27.25
N PRO B 421 28.89 28.16 -27.01
CA PRO B 421 29.63 29.36 -26.57
C PRO B 421 29.53 30.53 -27.54
N ALA B 422 29.19 30.28 -28.79
CA ALA B 422 29.08 31.39 -29.74
C ALA B 422 27.90 32.28 -29.42
N TYR B 423 26.97 31.81 -28.56
CA TYR B 423 25.91 32.71 -28.07
C TYR B 423 26.33 33.59 -26.92
N TYR B 424 27.48 33.32 -26.31
CA TYR B 424 27.86 33.95 -25.03
C TYR B 424 28.06 35.46 -25.11
N ASP B 425 28.27 35.97 -26.31
CA ASP B 425 28.32 37.41 -26.45
C ASP B 425 27.08 37.98 -27.17
N ASN B 426 25.97 37.26 -27.18
CA ASN B 426 24.80 37.74 -27.90
C ASN B 426 24.33 39.09 -27.35
N ASN B 427 24.42 39.28 -26.03
CA ASN B 427 24.14 40.57 -25.39
C ASN B 427 22.71 41.10 -25.58
N ARG B 428 21.78 40.18 -25.82
CA ARG B 428 20.34 40.49 -25.82
C ARG B 428 19.53 39.62 -24.83
N ILE B 429 20.04 38.43 -24.51
CA ILE B 429 19.39 37.54 -23.56
C ILE B 429 20.47 36.84 -22.72
N PRO B 430 20.25 36.77 -21.39
CA PRO B 430 21.21 36.05 -20.54
C PRO B 430 21.31 34.53 -20.90
N PHE B 431 22.36 33.88 -20.40
CA PHE B 431 22.60 32.46 -20.72
C PHE B 431 23.23 31.78 -19.50
N PHE B 432 23.16 30.46 -19.51
CA PHE B 432 23.76 29.69 -18.45
C PHE B 432 24.97 29.02 -19.08
N ALA B 433 26.06 28.97 -18.33
CA ALA B 433 27.31 28.32 -18.81
C ALA B 433 27.46 26.96 -18.17
N ASN B 434 28.32 26.13 -18.75
CA ASN B 434 28.56 24.78 -18.20
C ASN B 434 30.02 24.33 -18.44
N GLY B 435 30.51 23.47 -17.57
CA GLY B 435 31.74 22.72 -17.79
C GLY B 435 31.53 21.30 -17.26
N TRP B 436 32.42 20.38 -17.66
CA TRP B 436 32.41 19.00 -17.16
C TRP B 436 33.83 18.76 -16.61
N VAL B 437 33.98 18.16 -15.45
CA VAL B 437 35.34 17.87 -14.92
C VAL B 437 35.63 16.42 -15.33
N ILE B 438 36.47 16.25 -16.36
CA ILE B 438 36.81 14.91 -16.84
C ILE B 438 38.33 14.78 -16.83
N GLY B 439 38.82 13.55 -16.95
CA GLY B 439 40.29 13.33 -17.01
C GLY B 439 40.74 12.01 -16.41
N ASP B 440 42.01 11.91 -16.06
CA ASP B 440 42.63 10.64 -15.74
C ASP B 440 42.82 10.47 -14.25
N PHE B 441 42.08 11.21 -13.45
CA PHE B 441 42.17 11.08 -11.99
C PHE B 441 41.68 9.69 -11.63
N LYS B 442 41.92 9.28 -10.39
CA LYS B 442 41.47 7.99 -9.91
C LYS B 442 39.99 8.08 -9.64
N THR B 443 39.35 6.92 -9.56
CA THR B 443 37.90 6.83 -9.44
C THR B 443 37.42 5.96 -8.27
N VAL B 444 36.14 6.12 -7.96
CA VAL B 444 35.44 5.25 -7.02
C VAL B 444 34.18 4.71 -7.69
N SER B 445 33.56 3.73 -7.07
CA SER B 445 32.40 3.08 -7.65
C SER B 445 31.21 3.19 -6.71
N SER B 446 30.04 3.48 -7.29
CA SER B 446 28.82 3.61 -6.54
C SER B 446 27.97 2.34 -6.66
N GLY B 447 28.22 1.58 -7.74
CA GLY B 447 27.46 0.38 -8.07
C GLY B 447 26.43 0.57 -9.17
N ALA B 448 26.18 1.82 -9.56
CA ALA B 448 25.24 2.12 -10.64
C ALA B 448 25.85 3.17 -11.56
N ASP B 449 27.17 3.03 -11.78
CA ASP B 449 27.91 4.00 -12.61
C ASP B 449 27.70 3.84 -14.14
N PHE B 450 26.46 4.04 -14.61
CA PHE B 450 26.09 3.77 -16.02
C PHE B 450 26.79 4.68 -17.05
N TRP B 451 27.39 5.77 -16.57
CA TRP B 451 28.06 6.71 -17.46
C TRP B 451 29.56 6.78 -17.09
N GLY B 452 30.05 5.77 -16.38
CA GLY B 452 31.48 5.74 -16.02
C GLY B 452 31.63 5.90 -14.53
N ALA B 453 32.74 5.38 -13.97
CA ALA B 453 33.03 5.45 -12.52
C ALA B 453 33.07 6.90 -12.02
N MET B 454 32.66 7.10 -10.77
CA MET B 454 32.68 8.39 -10.11
C MET B 454 34.13 8.88 -9.80
N PRO B 455 34.34 10.21 -9.66
CA PRO B 455 35.71 10.69 -9.43
C PRO B 455 36.19 10.40 -8.01
N ASP B 456 37.47 10.06 -7.86
CA ASP B 456 38.05 10.11 -6.54
C ASP B 456 38.41 11.56 -6.31
N VAL B 457 37.59 12.22 -5.50
CA VAL B 457 37.64 13.65 -5.32
C VAL B 457 38.77 14.08 -4.37
N PHE B 458 39.37 13.11 -3.67
CA PHE B 458 40.50 13.32 -2.76
C PHE B 458 41.88 13.15 -3.47
N ASP B 459 41.87 12.57 -4.66
CA ASP B 459 43.00 12.57 -5.57
C ASP B 459 43.30 13.99 -6.07
N PRO B 460 44.52 14.51 -5.80
CA PRO B 460 44.88 15.85 -6.28
C PRO B 460 44.63 16.10 -7.77
N GLU B 461 44.71 15.07 -8.62
CA GLU B 461 44.48 15.24 -10.05
C GLU B 461 43.04 15.71 -10.32
N PHE B 462 42.08 15.31 -9.48
CA PHE B 462 40.67 15.80 -9.62
C PHE B 462 40.59 17.34 -9.48
N LYS B 463 41.17 17.90 -8.42
CA LYS B 463 41.33 19.36 -8.34
C LYS B 463 42.06 20.02 -9.52
N VAL B 464 43.21 19.47 -9.92
CA VAL B 464 43.86 19.95 -11.14
C VAL B 464 42.82 20.10 -12.25
N ARG B 465 42.06 19.05 -12.49
CA ARG B 465 41.17 19.00 -13.64
C ARG B 465 39.95 19.94 -13.44
N ALA B 466 39.44 20.03 -12.21
CA ALA B 466 38.38 21.01 -11.89
C ALA B 466 38.87 22.43 -12.19
N MET B 467 40.13 22.74 -11.85
CA MET B 467 40.65 24.08 -12.08
C MET B 467 40.73 24.37 -13.58
N GLU B 468 41.19 23.38 -14.35
CA GLU B 468 41.27 23.56 -15.78
C GLU B 468 39.87 23.74 -16.43
N THR B 469 38.90 22.94 -15.99
CA THR B 469 37.50 23.11 -16.45
C THR B 469 36.99 24.56 -16.24
N ALA B 470 37.20 25.06 -15.03
CA ALA B 470 36.74 26.40 -14.65
C ALA B 470 37.51 27.44 -15.43
N ARG B 471 38.81 27.21 -15.61
CA ARG B 471 39.58 28.14 -16.46
C ARG B 471 38.96 28.30 -17.85
N VAL B 472 38.61 27.17 -18.47
CA VAL B 472 38.10 27.23 -19.82
C VAL B 472 36.70 27.94 -19.82
N VAL B 473 35.88 27.63 -18.81
CA VAL B 473 34.54 28.24 -18.77
C VAL B 473 34.74 29.75 -18.64
N SER B 474 35.67 30.15 -17.78
CA SER B 474 35.95 31.57 -17.57
C SER B 474 36.39 32.27 -18.88
N GLU B 475 37.21 31.57 -19.64
CA GLU B 475 37.70 32.11 -20.91
C GLU B 475 36.54 32.23 -21.92
N GLU B 476 35.61 31.28 -21.92
CA GLU B 476 34.42 31.37 -22.78
C GLU B 476 33.49 32.51 -22.41
N ILE B 477 33.20 32.66 -21.11
CA ILE B 477 32.21 33.70 -20.71
C ILE B 477 32.75 35.12 -20.64
N LYS B 478 34.07 35.25 -20.48
CA LYS B 478 34.73 36.53 -20.34
C LYS B 478 34.08 37.37 -19.22
N ASN B 479 33.86 36.78 -18.05
CA ASN B 479 33.29 37.52 -16.93
C ASN B 479 32.04 38.30 -17.31
N SER B 480 31.24 37.81 -18.27
CA SER B 480 30.08 38.61 -18.70
C SER B 480 28.94 38.71 -17.64
N PRO B 481 28.41 39.92 -17.42
CA PRO B 481 27.16 40.09 -16.64
C PRO B 481 26.00 39.26 -17.23
N TRP B 482 26.09 38.91 -18.51
CA TRP B 482 25.02 38.20 -19.16
C TRP B 482 24.96 36.70 -18.75
N CYS B 483 26.03 36.18 -18.14
CA CYS B 483 26.05 34.81 -17.66
C CYS B 483 25.37 34.72 -16.28
N VAL B 484 24.20 34.07 -16.25
CA VAL B 484 23.45 33.90 -14.98
C VAL B 484 24.28 33.09 -13.99
N GLY B 485 24.95 32.04 -14.48
CA GLY B 485 25.77 31.19 -13.60
C GLY B 485 26.30 29.97 -14.34
N VAL B 486 27.05 29.14 -13.63
CA VAL B 486 27.79 28.01 -14.18
C VAL B 486 27.32 26.71 -13.54
N PHE B 487 26.84 25.79 -14.39
CA PHE B 487 26.62 24.38 -13.99
C PHE B 487 27.94 23.65 -14.19
N ILE B 488 28.34 22.80 -13.25
CA ILE B 488 29.45 21.87 -13.50
C ILE B 488 28.94 20.45 -13.39
N ASP B 489 29.16 19.64 -14.43
CA ASP B 489 28.76 18.25 -14.43
C ASP B 489 27.25 18.15 -14.56
N ASN B 490 26.76 16.91 -14.58
CA ASN B 490 25.34 16.62 -14.77
C ASN B 490 25.01 15.20 -14.33
N GLN B 491 24.15 15.10 -13.31
CA GLN B 491 23.55 13.84 -12.87
C GLN B 491 24.63 12.81 -12.51
N LYS B 492 25.61 13.21 -11.71
CA LYS B 492 26.65 12.25 -11.35
C LYS B 492 26.00 11.11 -10.56
N SER B 493 26.51 9.89 -10.73
CA SER B 493 25.85 8.77 -10.07
C SER B 493 26.36 8.60 -8.63
N PHE B 494 25.93 9.51 -7.75
CA PHE B 494 26.27 9.53 -6.34
C PHE B 494 25.68 8.36 -5.53
N GLY B 495 24.47 7.95 -5.89
CA GLY B 495 23.72 6.89 -5.20
C GLY B 495 22.39 6.79 -5.91
N ARG B 496 21.66 5.70 -5.63
CA ARG B 496 20.33 5.41 -6.17
C ARG B 496 19.40 5.18 -4.98
N PRO B 497 18.12 5.52 -5.13
CA PRO B 497 17.19 5.47 -3.99
C PRO B 497 16.63 4.06 -3.62
N ASP B 498 16.83 3.08 -4.51
CA ASP B 498 16.23 1.74 -4.38
C ASP B 498 16.51 1.03 -3.03
N SER B 499 17.77 0.91 -2.60
CA SER B 499 18.11 0.24 -1.33
C SER B 499 19.18 0.94 -0.50
N ASP B 500 19.53 0.35 0.64
CA ASP B 500 20.69 0.80 1.39
C ASP B 500 21.96 0.55 0.62
N LYS B 501 22.10 -0.65 0.04
CA LYS B 501 23.24 -0.93 -0.82
C LYS B 501 23.31 0.07 -2.01
N ALA B 502 22.14 0.51 -2.48
CA ALA B 502 22.05 1.42 -3.61
C ALA B 502 22.38 2.85 -3.17
N GLN B 503 21.84 3.28 -2.02
CA GLN B 503 22.08 4.63 -1.56
C GLN B 503 23.54 4.83 -1.14
N TYR B 504 24.06 3.85 -0.40
CA TYR B 504 25.41 3.92 0.16
C TYR B 504 26.44 3.12 -0.60
N GLY B 505 26.21 3.00 -1.90
CA GLY B 505 27.10 2.28 -2.79
C GLY B 505 28.53 2.81 -2.74
N ILE B 506 28.72 4.12 -2.63
CA ILE B 506 30.10 4.65 -2.66
C ILE B 506 30.84 4.21 -1.41
N PRO B 507 30.31 4.50 -0.21
CA PRO B 507 30.97 4.00 0.99
C PRO B 507 31.16 2.47 0.97
N ILE B 508 30.11 1.70 0.65
CA ILE B 508 30.16 0.22 0.70
C ILE B 508 31.27 -0.33 -0.20
N HIS B 509 31.26 0.08 -1.47
CA HIS B 509 32.31 -0.36 -2.40
C HIS B 509 33.74 0.09 -1.98
N THR B 510 33.85 1.36 -1.58
CA THR B 510 35.15 1.95 -1.24
C THR B 510 35.77 1.29 0.01
N LEU B 511 34.95 1.04 1.03
CA LEU B 511 35.36 0.33 2.23
C LEU B 511 35.91 -1.06 1.94
N GLY B 512 35.46 -1.68 0.84
CA GLY B 512 35.96 -3.00 0.42
C GLY B 512 37.36 -2.95 -0.18
N ARG B 513 37.78 -1.78 -0.64
CA ARG B 513 39.08 -1.62 -1.28
C ARG B 513 40.11 -1.27 -0.24
N PRO B 514 41.40 -1.56 -0.53
CA PRO B 514 42.49 -1.17 0.36
C PRO B 514 42.70 0.33 0.38
N SER B 515 43.13 0.90 1.53
CA SER B 515 43.50 2.32 1.62
C SER B 515 44.61 2.69 0.63
N GLU B 516 45.62 1.82 0.52
CA GLU B 516 46.77 2.01 -0.40
C GLU B 516 46.34 2.25 -1.85
N GLY B 517 46.75 3.41 -2.35
CA GLY B 517 46.46 3.85 -3.73
C GLY B 517 45.06 4.41 -3.95
N VAL B 518 44.32 4.63 -2.86
CA VAL B 518 42.87 5.00 -2.94
C VAL B 518 42.56 6.18 -2.02
N PRO B 519 42.79 7.41 -2.52
CA PRO B 519 42.59 8.64 -1.72
C PRO B 519 41.28 8.72 -0.95
N THR B 520 40.17 8.35 -1.60
CA THR B 520 38.89 8.45 -0.91
C THR B 520 38.87 7.49 0.27
N ARG B 521 39.33 6.26 0.05
CA ARG B 521 39.36 5.23 1.15
C ARG B 521 40.17 5.72 2.36
N GLN B 522 41.31 6.34 2.08
CA GLN B 522 42.15 6.99 3.12
C GLN B 522 41.43 8.06 3.92
N ALA B 523 40.65 8.89 3.22
CA ALA B 523 39.87 9.94 3.89
C ALA B 523 38.83 9.28 4.80
N PHE B 524 38.19 8.26 4.24
CA PHE B 524 37.14 7.50 4.94
C PHE B 524 37.77 6.84 6.17
N SER B 525 38.87 6.11 5.94
CA SER B 525 39.58 5.46 7.09
C SER B 525 39.92 6.46 8.21
N LYS B 526 40.48 7.60 7.83
CA LYS B 526 40.77 8.66 8.79
C LYS B 526 39.54 9.10 9.57
N LEU B 527 38.39 9.27 8.91
CA LEU B 527 37.18 9.68 9.66
C LEU B 527 36.77 8.65 10.73
N LEU B 528 36.90 7.37 10.39
CA LEU B 528 36.47 6.27 11.27
C LEU B 528 37.39 6.12 12.49
N LYS B 529 38.70 6.16 12.22
CA LYS B 529 39.70 6.20 13.28
C LYS B 529 39.43 7.33 14.22
N ALA B 530 39.13 8.52 13.68
CA ALA B 530 38.91 9.69 14.54
C ALA B 530 37.63 9.54 15.36
N LYS B 531 36.62 8.91 14.78
CA LYS B 531 35.37 8.71 15.48
C LYS B 531 35.46 7.59 16.53
N TYR B 532 36.04 6.46 16.14
CA TYR B 532 35.98 5.24 16.94
C TYR B 532 37.20 5.04 17.83
N LYS B 533 38.34 5.58 17.38
CA LYS B 533 39.62 5.58 18.15
C LYS B 533 40.27 4.18 18.13
N THR B 534 39.59 3.17 18.67
CA THR B 534 40.13 1.80 18.66
C THR B 534 39.40 0.88 17.65
N ILE B 535 40.11 -0.13 17.15
CA ILE B 535 39.46 -1.10 16.29
C ILE B 535 38.39 -1.86 17.06
N ALA B 536 38.47 -1.86 18.39
CA ALA B 536 37.48 -2.58 19.18
C ALA B 536 36.16 -1.82 19.15
N ALA B 537 36.22 -0.50 19.24
CA ALA B 537 35.01 0.28 19.25
C ALA B 537 34.29 0.17 17.88
N LEU B 538 35.07 0.15 16.78
CA LEU B 538 34.51 -0.04 15.43
C LEU B 538 33.89 -1.45 15.29
N ASN B 539 34.56 -2.44 15.89
CA ASN B 539 34.07 -3.83 15.95
C ASN B 539 32.72 -3.94 16.61
N ASN B 540 32.57 -3.27 17.77
N ASN B 540 32.60 -3.33 17.79
CA ASN B 540 31.28 -3.23 18.49
CA ASN B 540 31.31 -3.22 18.48
C ASN B 540 30.20 -2.43 17.77
C ASN B 540 30.28 -2.62 17.53
N ALA B 541 30.60 -1.45 16.97
CA ALA B 541 29.66 -0.68 16.14
C ALA B 541 29.21 -1.41 14.90
N TRP B 542 30.09 -2.19 14.28
CA TRP B 542 29.74 -2.80 13.00
C TRP B 542 29.60 -4.31 13.07
N GLY B 543 29.73 -4.86 14.29
CA GLY B 543 29.67 -6.32 14.47
C GLY B 543 30.78 -7.11 13.77
N LEU B 544 32.00 -6.58 13.74
CA LEU B 544 33.09 -7.30 13.11
C LEU B 544 34.11 -7.73 14.17
N LYS B 545 35.14 -8.43 13.72
CA LYS B 545 36.14 -8.97 14.61
C LYS B 545 37.52 -8.65 14.01
N LEU B 546 37.76 -7.40 13.63
CA LEU B 546 39.07 -7.07 13.00
C LEU B 546 40.21 -7.04 14.05
N SER B 547 41.42 -7.44 13.67
CA SER B 547 42.54 -7.45 14.65
C SER B 547 43.13 -6.06 14.89
N SER B 548 43.07 -5.22 13.86
CA SER B 548 43.74 -3.91 13.89
C SER B 548 43.17 -2.95 12.85
N TRP B 549 43.35 -1.66 13.09
CA TRP B 549 43.23 -0.66 12.01
C TRP B 549 44.02 -1.06 10.76
N ALA B 550 45.19 -1.70 10.91
CA ALA B 550 45.97 -2.13 9.72
C ALA B 550 45.21 -3.18 8.89
N GLU B 551 44.52 -4.09 9.58
CA GLU B 551 43.72 -5.09 8.91
C GLU B 551 42.51 -4.41 8.22
N PHE B 552 41.82 -3.53 8.95
CA PHE B 552 40.76 -2.69 8.37
C PHE B 552 41.19 -2.11 7.01
N ASP B 553 42.42 -1.56 6.98
CA ASP B 553 42.92 -0.87 5.82
C ASP B 553 43.34 -1.74 4.67
N LEU B 554 43.18 -3.05 4.82
CA LEU B 554 43.36 -3.93 3.68
C LEU B 554 42.09 -3.98 2.83
N GLY B 555 40.97 -3.56 3.40
CA GLY B 555 39.69 -3.66 2.71
C GLY B 555 38.80 -4.59 3.52
N VAL B 556 37.57 -4.15 3.75
CA VAL B 556 36.61 -4.87 4.54
C VAL B 556 35.36 -5.01 3.69
N ASP B 557 34.90 -6.25 3.54
CA ASP B 557 33.66 -6.53 2.82
C ASP B 557 32.46 -6.26 3.73
N VAL B 558 31.75 -5.16 3.52
CA VAL B 558 30.60 -4.82 4.41
C VAL B 558 29.25 -5.09 3.74
N LYS B 559 29.28 -5.62 2.51
CA LYS B 559 28.07 -5.79 1.68
C LYS B 559 26.97 -6.65 2.32
N ALA B 560 27.35 -7.59 3.17
CA ALA B 560 26.34 -8.43 3.78
C ALA B 560 26.08 -8.08 5.23
N LEU B 561 26.62 -6.96 5.72
CA LEU B 561 26.27 -6.53 7.09
C LEU B 561 24.88 -5.89 7.14
N PRO B 562 24.03 -6.30 8.11
CA PRO B 562 22.74 -5.59 8.23
C PRO B 562 22.94 -4.10 8.54
N VAL B 563 22.37 -3.23 7.73
CA VAL B 563 22.51 -1.80 7.94
C VAL B 563 21.71 -1.36 9.16
N THR B 564 22.32 -1.42 10.34
CA THR B 564 21.72 -0.89 11.56
C THR B 564 21.79 0.63 11.54
N ASP B 565 21.22 1.26 12.57
CA ASP B 565 21.32 2.70 12.69
C ASP B 565 22.76 3.19 12.89
N THR B 566 23.57 2.43 13.64
CA THR B 566 24.98 2.77 13.82
C THR B 566 25.72 2.74 12.50
N LEU B 567 25.62 1.61 11.82
CA LEU B 567 26.25 1.45 10.54
C LEU B 567 25.73 2.52 9.53
N ARG B 568 24.42 2.78 9.49
CA ARG B 568 23.88 3.79 8.57
C ARG B 568 24.49 5.17 8.84
N ALA B 569 24.65 5.53 10.11
CA ALA B 569 25.21 6.82 10.51
C ALA B 569 26.64 6.95 9.99
N ASP B 570 27.35 5.83 9.93
CA ASP B 570 28.71 5.83 9.42
C ASP B 570 28.76 5.93 7.92
N TYR B 571 27.99 5.07 7.21
CA TYR B 571 27.83 5.24 5.77
C TYR B 571 27.43 6.69 5.42
N SER B 572 26.58 7.29 6.23
CA SER B 572 26.08 8.60 5.93
C SER B 572 27.20 9.63 6.11
N MET B 573 28.02 9.42 7.14
CA MET B 573 29.17 10.29 7.40
C MET B 573 30.14 10.23 6.24
N LEU B 574 30.28 9.06 5.64
CA LEU B 574 31.25 8.90 4.59
C LEU B 574 30.74 9.49 3.28
N LEU B 575 29.48 9.21 2.93
CA LEU B 575 28.90 9.77 1.72
C LEU B 575 28.96 11.31 1.81
N SER B 576 28.63 11.91 2.96
CA SER B 576 28.73 13.34 3.22
C SER B 576 30.15 13.89 3.02
N ALA B 577 31.13 13.20 3.58
CA ALA B 577 32.50 13.64 3.45
C ALA B 577 32.86 13.56 1.98
N TYR B 578 32.42 12.53 1.28
CA TYR B 578 32.71 12.44 -0.16
C TYR B 578 32.07 13.59 -1.00
N ALA B 579 30.79 13.85 -0.75
CA ALA B 579 30.09 14.91 -1.47
C ALA B 579 30.65 16.32 -1.13
N ASP B 580 30.95 16.55 0.15
CA ASP B 580 31.56 17.80 0.61
C ASP B 580 32.84 18.11 -0.17
N GLN B 581 33.63 17.06 -0.40
CA GLN B 581 34.92 17.22 -1.06
C GLN B 581 34.69 17.49 -2.54
N TYR B 582 33.77 16.76 -3.18
CA TYR B 582 33.41 17.06 -4.59
C TYR B 582 33.03 18.56 -4.71
N PHE B 583 32.08 19.01 -3.90
CA PHE B 583 31.55 20.36 -4.02
C PHE B 583 32.53 21.44 -3.58
N LYS B 584 33.34 21.16 -2.56
CA LYS B 584 34.38 22.09 -2.13
C LYS B 584 35.38 22.36 -3.28
N VAL B 585 35.78 21.30 -3.95
CA VAL B 585 36.75 21.43 -5.02
C VAL B 585 36.13 22.20 -6.21
N VAL B 586 34.96 21.77 -6.67
CA VAL B 586 34.31 22.42 -7.81
C VAL B 586 34.01 23.90 -7.50
N HIS B 587 33.44 24.16 -6.33
CA HIS B 587 33.10 25.51 -5.93
C HIS B 587 34.35 26.36 -5.91
N GLY B 588 35.45 25.81 -5.34
CA GLY B 588 36.70 26.52 -5.23
C GLY B 588 37.29 26.93 -6.56
N ALA B 589 37.18 26.06 -7.55
CA ALA B 589 37.70 26.31 -8.89
C ALA B 589 36.81 27.33 -9.64
N VAL B 590 35.49 27.18 -9.56
CA VAL B 590 34.56 28.19 -10.19
C VAL B 590 34.82 29.53 -9.52
N GLU B 591 34.89 29.57 -8.19
CA GLU B 591 35.12 30.85 -7.52
C GLU B 591 36.49 31.45 -7.90
N HIS B 592 37.51 30.61 -8.01
CA HIS B 592 38.85 31.10 -8.36
C HIS B 592 38.86 31.89 -9.68
N TYR B 593 38.23 31.34 -10.70
CA TYR B 593 38.25 32.01 -12.01
C TYR B 593 37.09 32.93 -12.25
N MET B 594 35.95 32.72 -11.59
CA MET B 594 34.76 33.50 -11.89
C MET B 594 34.17 33.90 -10.56
N PRO B 595 34.86 34.80 -9.84
CA PRO B 595 34.46 35.14 -8.46
C PRO B 595 33.14 35.86 -8.38
N ASN B 596 32.70 36.49 -9.48
CA ASN B 596 31.43 37.22 -9.47
C ASN B 596 30.22 36.36 -9.84
N HIS B 597 30.42 35.12 -10.26
CA HIS B 597 29.30 34.38 -10.84
C HIS B 597 28.79 33.29 -9.93
N LEU B 598 27.49 33.06 -10.00
CA LEU B 598 26.85 31.99 -9.21
C LEU B 598 27.28 30.61 -9.69
N TYR B 599 27.62 29.75 -8.74
CA TYR B 599 27.87 28.34 -8.97
C TYR B 599 26.56 27.59 -8.76
N LEU B 600 26.17 26.78 -9.75
CA LEU B 600 24.79 26.24 -9.82
C LEU B 600 24.66 24.72 -9.56
N GLY B 601 25.69 24.12 -8.97
CA GLY B 601 25.54 22.74 -8.53
C GLY B 601 25.82 21.80 -9.70
N ALA B 602 25.30 20.60 -9.55
CA ALA B 602 25.69 19.44 -10.36
C ALA B 602 24.45 18.72 -10.94
N ARG B 603 23.27 19.30 -10.77
CA ARG B 603 22.03 18.88 -11.50
C ARG B 603 21.59 17.47 -11.11
N PHE B 604 21.09 17.32 -9.88
CA PHE B 604 20.74 16.00 -9.30
C PHE B 604 19.47 15.51 -9.92
N PRO B 605 19.46 14.26 -10.45
CA PRO B 605 18.21 13.69 -10.98
C PRO B 605 17.39 13.12 -9.84
N ASP B 606 16.12 12.82 -10.13
CA ASP B 606 15.25 12.08 -9.20
C ASP B 606 15.90 10.83 -8.66
N TRP B 607 16.55 10.07 -9.53
CA TRP B 607 17.24 8.85 -9.10
C TRP B 607 18.61 9.04 -8.49
N GLY B 608 19.00 10.29 -8.19
CA GLY B 608 20.39 10.53 -7.81
C GLY B 608 20.59 11.71 -6.88
N MET B 609 19.74 11.78 -5.86
CA MET B 609 19.81 12.89 -4.92
C MET B 609 19.76 12.39 -3.47
N PRO B 610 20.72 11.52 -3.07
CA PRO B 610 20.67 11.14 -1.64
C PRO B 610 20.77 12.40 -0.80
N MET B 611 20.16 12.45 0.37
CA MET B 611 20.14 13.67 1.16
C MET B 611 21.49 14.22 1.60
N GLU B 612 22.46 13.32 1.84
CA GLU B 612 23.83 13.73 2.18
C GLU B 612 24.44 14.57 1.06
N VAL B 613 24.14 14.20 -0.16
CA VAL B 613 24.73 14.84 -1.31
C VAL B 613 24.05 16.17 -1.55
N VAL B 614 22.73 16.19 -1.35
CA VAL B 614 21.97 17.44 -1.50
C VAL B 614 22.41 18.44 -0.44
N LYS B 615 22.60 17.99 0.80
CA LYS B 615 23.11 18.89 1.86
C LYS B 615 24.52 19.42 1.59
N ALA B 616 25.38 18.60 0.98
CA ALA B 616 26.73 19.09 0.62
C ALA B 616 26.61 20.19 -0.46
N ALA B 617 25.71 20.01 -1.42
CA ALA B 617 25.48 21.03 -2.44
C ALA B 617 24.90 22.30 -1.83
N ALA B 618 23.98 22.16 -0.88
CA ALA B 618 23.42 23.36 -0.20
C ALA B 618 24.48 24.19 0.51
N LYS B 619 25.52 23.53 0.98
CA LYS B 619 26.62 24.22 1.63
C LYS B 619 27.52 24.99 0.64
N TYR B 620 27.83 24.45 -0.54
CA TYR B 620 28.77 25.11 -1.47
C TYR B 620 28.17 25.81 -2.71
N ALA B 621 27.11 25.25 -3.31
CA ALA B 621 26.46 25.92 -4.46
C ALA B 621 25.70 27.16 -4.04
N ASP B 622 25.71 28.16 -4.91
CA ASP B 622 24.81 29.31 -4.74
C ASP B 622 23.34 28.94 -4.94
N VAL B 623 23.10 28.07 -5.92
CA VAL B 623 21.76 27.57 -6.26
C VAL B 623 21.91 26.08 -6.45
N VAL B 624 21.00 25.33 -5.84
CA VAL B 624 21.06 23.88 -5.95
C VAL B 624 20.21 23.50 -7.14
N SER B 625 20.79 22.73 -8.05
CA SER B 625 20.10 22.33 -9.27
C SER B 625 19.66 20.86 -9.22
N TYR B 626 18.44 20.63 -9.75
CA TYR B 626 17.77 19.35 -9.79
C TYR B 626 17.22 19.19 -11.20
N ASN B 627 17.36 17.99 -11.77
CA ASN B 627 16.57 17.64 -12.98
C ASN B 627 15.41 16.77 -12.55
N SER B 628 14.20 17.02 -13.07
CA SER B 628 13.04 16.24 -12.58
C SER B 628 12.05 15.94 -13.73
N TYR B 629 12.22 14.76 -14.33
CA TYR B 629 11.33 14.39 -15.41
C TYR B 629 10.07 13.76 -14.81
N LYS B 630 9.15 14.63 -14.42
CA LYS B 630 7.89 14.19 -13.80
C LYS B 630 6.82 15.11 -14.37
N GLU B 631 5.55 14.94 -13.94
CA GLU B 631 4.47 15.83 -14.41
C GLU B 631 4.47 17.17 -13.68
N GLY B 632 5.21 17.23 -12.58
CA GLY B 632 5.38 18.46 -11.82
C GLY B 632 6.19 18.13 -10.58
N LEU B 633 6.16 19.05 -9.62
CA LEU B 633 6.91 18.95 -8.38
C LEU B 633 5.89 18.62 -7.25
N PRO B 634 5.61 17.34 -7.01
CA PRO B 634 4.62 17.04 -5.94
C PRO B 634 5.04 17.55 -4.57
N LYS B 635 4.06 17.91 -3.73
CA LYS B 635 4.32 18.46 -2.41
C LYS B 635 5.32 17.65 -1.59
N GLN B 636 5.01 16.39 -1.36
CA GLN B 636 5.76 15.62 -0.39
C GLN B 636 7.17 15.30 -0.86
N LYS B 637 7.34 14.99 -2.16
CA LYS B 637 8.66 14.81 -2.76
C LYS B 637 9.61 15.98 -2.54
N TRP B 638 9.05 17.19 -2.43
CA TRP B 638 9.89 18.39 -2.34
C TRP B 638 9.86 19.10 -0.99
N ALA B 639 9.22 18.49 0.00
CA ALA B 639 9.05 19.14 1.31
C ALA B 639 10.40 19.43 1.94
N PHE B 640 11.39 18.58 1.69
CA PHE B 640 12.75 18.76 2.27
C PHE B 640 13.42 20.09 1.91
N LEU B 641 12.94 20.76 0.85
CA LEU B 641 13.52 22.02 0.40
C LEU B 641 13.44 23.10 1.50
N ALA B 642 12.38 23.10 2.29
CA ALA B 642 12.20 24.12 3.33
C ALA B 642 13.31 24.10 4.38
N GLU B 643 13.77 22.91 4.75
CA GLU B 643 14.84 22.77 5.73
C GLU B 643 16.10 23.37 5.15
N LEU B 644 16.37 23.10 3.87
CA LEU B 644 17.59 23.64 3.28
C LEU B 644 17.57 25.15 3.12
N ASP B 645 16.38 25.69 2.82
CA ASP B 645 16.18 27.12 2.52
C ASP B 645 17.16 27.64 1.47
N LYS B 646 17.41 26.86 0.43
CA LYS B 646 18.31 27.33 -0.65
C LYS B 646 17.52 27.66 -1.89
N PRO B 647 17.93 28.71 -2.61
CA PRO B 647 17.37 28.88 -3.95
C PRO B 647 17.74 27.66 -4.85
N SER B 648 16.77 27.20 -5.66
CA SER B 648 16.94 25.96 -6.42
C SER B 648 16.55 26.21 -7.86
N ILE B 649 17.00 25.35 -8.78
CA ILE B 649 16.60 25.52 -10.19
C ILE B 649 16.35 24.12 -10.74
N ILE B 650 15.31 24.01 -11.57
CA ILE B 650 15.12 22.80 -12.33
C ILE B 650 15.98 22.91 -13.61
N GLY B 651 16.92 21.99 -13.77
CA GLY B 651 17.80 22.00 -14.93
C GLY B 651 17.15 21.41 -16.15
N GLU B 652 16.20 20.50 -15.94
CA GLU B 652 15.64 19.76 -17.06
C GLU B 652 14.28 19.21 -16.69
N PHE B 653 13.36 19.30 -17.64
CA PHE B 653 12.10 18.54 -17.64
C PHE B 653 11.64 18.51 -19.09
N HIS B 654 10.74 17.61 -19.43
CA HIS B 654 10.06 17.71 -20.76
C HIS B 654 8.81 16.88 -20.81
N ILE B 655 7.97 17.14 -21.82
CA ILE B 655 6.87 16.29 -22.16
C ILE B 655 6.89 16.08 -23.70
N GLY B 656 6.73 14.84 -24.15
CA GLY B 656 6.65 14.51 -25.57
C GLY B 656 5.34 13.86 -25.98
N ALA B 657 5.08 13.82 -27.30
CA ALA B 657 3.91 13.11 -27.80
C ALA B 657 4.28 12.35 -29.08
N MET B 658 3.33 11.57 -29.61
CA MET B 658 3.61 10.78 -30.80
C MET B 658 2.71 11.08 -32.00
N ASP B 659 2.13 12.26 -32.03
CA ASP B 659 1.28 12.65 -33.16
C ASP B 659 2.08 13.46 -34.21
N HIS B 660 3.41 13.55 -34.08
CA HIS B 660 4.19 14.34 -35.05
C HIS B 660 5.35 13.50 -35.55
N GLY B 661 5.12 12.20 -35.69
CA GLY B 661 6.08 11.30 -36.31
C GLY B 661 7.08 10.60 -35.41
N SER B 662 7.19 10.98 -34.14
CA SER B 662 8.26 10.37 -33.29
C SER B 662 7.89 8.95 -32.87
N TYR B 663 8.90 8.08 -32.72
CA TYR B 663 8.65 6.72 -32.21
C TYR B 663 8.68 6.67 -30.69
N HIS B 664 8.99 7.79 -30.07
CA HIS B 664 9.17 7.77 -28.63
C HIS B 664 8.92 9.20 -28.14
N PRO B 665 7.95 9.35 -27.22
CA PRO B 665 7.66 10.68 -26.72
C PRO B 665 8.77 11.23 -25.81
N GLY B 666 9.54 10.37 -25.17
CA GLY B 666 10.49 10.84 -24.16
C GLY B 666 10.10 10.32 -22.81
N LEU B 667 10.55 11.00 -21.74
CA LEU B 667 10.38 10.50 -20.39
C LEU B 667 8.97 10.65 -19.85
N ILE B 668 8.28 11.68 -20.30
CA ILE B 668 6.93 11.99 -19.81
C ILE B 668 6.09 12.23 -21.05
N HIS B 669 4.86 11.72 -21.05
CA HIS B 669 4.11 11.51 -22.28
C HIS B 669 2.79 12.28 -22.22
N ALA B 670 2.50 12.97 -23.30
CA ALA B 670 1.20 13.64 -23.53
C ALA B 670 0.44 12.93 -24.65
N ALA B 671 -0.87 13.19 -24.72
CA ALA B 671 -1.72 12.53 -25.70
C ALA B 671 -1.59 13.15 -27.08
N SER B 672 -1.08 14.38 -27.17
CA SER B 672 -1.14 15.15 -28.43
C SER B 672 -0.29 16.41 -28.24
N GLN B 673 -0.03 17.17 -29.30
CA GLN B 673 0.72 18.45 -29.14
C GLN B 673 -0.01 19.38 -28.21
N ALA B 674 -1.35 19.46 -28.30
CA ALA B 674 -2.14 20.34 -27.45
C ALA B 674 -1.92 19.95 -26.01
N ASP B 675 -1.97 18.65 -25.76
CA ASP B 675 -1.85 18.11 -24.40
C ASP B 675 -0.41 18.36 -23.92
N ARG B 676 0.60 18.24 -24.78
CA ARG B 676 1.97 18.59 -24.36
C ARG B 676 1.99 20.01 -23.79
N GLY B 677 1.35 20.96 -24.46
CA GLY B 677 1.34 22.37 -24.01
C GLY B 677 0.66 22.54 -22.65
N GLU B 678 -0.50 21.89 -22.50
CA GLU B 678 -1.20 21.84 -21.19
C GLU B 678 -0.31 21.25 -20.08
N MET B 679 0.37 20.12 -20.30
CA MET B 679 1.22 19.48 -19.26
C MET B 679 2.45 20.35 -18.95
N TYR B 680 2.92 21.07 -19.97
CA TYR B 680 3.99 22.05 -19.80
C TYR B 680 3.57 23.13 -18.83
N LYS B 681 2.39 23.71 -19.08
CA LYS B 681 1.84 24.68 -18.12
C LYS B 681 1.69 24.12 -16.68
N ASP B 682 1.17 22.89 -16.54
CA ASP B 682 0.95 22.24 -15.19
C ASP B 682 2.31 22.13 -14.51
N TYR B 683 3.31 21.70 -15.26
CA TYR B 683 4.66 21.55 -14.69
C TYR B 683 5.21 22.92 -14.26
N MET B 684 5.17 23.90 -15.15
CA MET B 684 5.69 25.23 -14.81
C MET B 684 4.91 25.83 -13.66
N GLN B 685 3.60 25.60 -13.60
CA GLN B 685 2.83 26.14 -12.47
C GLN B 685 3.36 25.59 -11.14
N SER B 686 3.67 24.29 -11.12
N SER B 686 3.69 24.29 -11.12
CA SER B 686 4.16 23.68 -9.91
CA SER B 686 4.18 23.66 -9.90
C SER B 686 5.52 24.28 -9.49
C SER B 686 5.54 24.26 -9.49
N VAL B 687 6.37 24.62 -10.47
CA VAL B 687 7.67 25.24 -10.18
C VAL B 687 7.46 26.69 -9.66
N ILE B 688 6.60 27.45 -10.36
CA ILE B 688 6.30 28.82 -9.98
C ILE B 688 5.70 28.99 -8.59
N ASP B 689 4.81 28.07 -8.22
CA ASP B 689 4.22 28.04 -6.89
C ASP B 689 5.19 27.60 -5.78
N ASN B 690 6.32 27.01 -6.12
CA ASN B 690 7.26 26.51 -5.08
C ASN B 690 8.23 27.63 -4.69
N PRO B 691 8.17 28.08 -3.43
CA PRO B 691 8.90 29.25 -2.98
C PRO B 691 10.41 29.10 -3.13
N TYR B 692 10.90 27.88 -3.31
CA TYR B 692 12.35 27.66 -3.30
C TYR B 692 13.01 27.69 -4.69
N PHE B 693 12.21 27.70 -5.76
CA PHE B 693 12.77 27.62 -7.07
C PHE B 693 12.85 28.98 -7.74
N VAL B 694 13.97 29.24 -8.40
CA VAL B 694 14.22 30.52 -9.11
C VAL B 694 14.23 30.33 -10.64
N GLY B 695 13.94 29.12 -11.12
CA GLY B 695 13.73 28.93 -12.56
C GLY B 695 13.55 27.47 -12.88
N ALA B 696 13.26 27.22 -14.15
CA ALA B 696 13.26 25.85 -14.68
C ALA B 696 13.55 25.88 -16.15
N HIS B 697 14.38 24.92 -16.59
CA HIS B 697 14.80 24.85 -18.01
C HIS B 697 14.25 23.58 -18.60
N TRP B 698 13.80 23.66 -19.86
CA TRP B 698 13.23 22.54 -20.58
C TRP B 698 14.30 21.85 -21.41
N PHE B 699 14.27 20.52 -21.42
CA PHE B 699 15.23 19.72 -22.21
C PHE B 699 14.40 19.13 -23.35
N GLN B 700 14.54 19.62 -24.59
CA GLN B 700 15.59 20.50 -25.07
C GLN B 700 15.03 21.36 -26.24
N TYR B 701 15.87 22.16 -26.89
CA TYR B 701 15.47 23.02 -27.99
C TYR B 701 14.86 22.24 -29.12
N MET B 702 15.60 21.27 -29.62
CA MET B 702 15.15 20.50 -30.84
C MET B 702 14.74 19.08 -30.46
N ASP B 703 13.90 18.46 -31.28
CA ASP B 703 13.68 17.00 -31.14
C ASP B 703 15.01 16.26 -31.27
N SER B 704 15.17 15.15 -30.54
CA SER B 704 16.23 14.19 -30.84
C SER B 704 15.95 13.64 -32.24
N PRO B 705 17.00 13.20 -32.95
CA PRO B 705 16.81 12.53 -34.26
C PRO B 705 15.82 11.34 -34.17
N LEU B 706 14.98 11.19 -35.18
CA LEU B 706 14.03 10.05 -35.27
C LEU B 706 14.73 8.72 -35.04
N THR B 707 15.94 8.61 -35.58
CA THR B 707 16.71 7.37 -35.46
C THR B 707 17.74 7.39 -34.31
N GLY B 708 17.59 8.35 -33.39
CA GLY B 708 18.39 8.34 -32.15
C GLY B 708 19.62 9.22 -32.18
N ARG B 709 19.82 9.97 -31.09
CA ARG B 709 21.00 10.79 -31.01
C ARG B 709 22.23 9.84 -30.99
N ALA B 710 23.29 10.24 -31.68
CA ALA B 710 24.54 9.43 -31.78
C ALA B 710 25.07 8.89 -30.45
N TYR B 711 24.97 9.68 -29.38
CA TYR B 711 25.51 9.28 -28.08
C TYR B 711 24.89 8.03 -27.47
N ASP B 712 23.55 7.95 -27.42
CA ASP B 712 22.89 6.86 -26.68
C ASP B 712 21.53 6.40 -27.21
N GLY B 713 21.16 6.88 -28.39
CA GLY B 713 19.95 6.42 -29.06
C GLY B 713 18.63 7.03 -28.64
N GLU B 714 18.68 8.04 -27.76
CA GLU B 714 17.50 8.79 -27.45
C GLU B 714 16.88 9.38 -28.73
N ASN B 715 15.59 9.11 -28.92
CA ASN B 715 14.88 9.48 -30.15
C ASN B 715 13.52 10.13 -29.86
N TYR B 716 13.55 11.18 -29.07
CA TYR B 716 12.37 11.70 -28.40
C TYR B 716 11.76 12.99 -29.03
N ASN B 717 10.43 13.15 -28.92
CA ASN B 717 9.75 14.40 -29.23
C ASN B 717 9.82 15.38 -28.08
N VAL B 718 11.01 15.96 -27.84
CA VAL B 718 11.17 16.83 -26.71
C VAL B 718 11.59 18.25 -27.13
N GLY B 719 11.44 18.57 -28.41
CA GLY B 719 11.83 19.91 -28.86
C GLY B 719 10.74 20.94 -28.77
N PHE B 720 11.16 22.21 -28.75
CA PHE B 720 10.30 23.31 -29.14
C PHE B 720 10.24 23.47 -30.67
N VAL B 721 11.22 22.87 -31.33
CA VAL B 721 11.20 22.81 -32.80
C VAL B 721 11.48 21.38 -33.23
N ASP B 722 10.96 21.03 -34.40
CA ASP B 722 11.21 19.68 -34.94
C ASP B 722 12.48 19.66 -35.80
N VAL B 723 12.75 18.52 -36.46
CA VAL B 723 13.94 18.32 -37.27
C VAL B 723 14.13 19.35 -38.42
N THR B 724 13.02 19.90 -38.94
CA THR B 724 13.04 20.94 -39.94
C THR B 724 13.19 22.36 -39.39
N ASP B 725 13.43 22.47 -38.08
CA ASP B 725 13.59 23.75 -37.37
C ASP B 725 12.31 24.58 -37.47
N THR B 726 11.18 23.89 -37.48
CA THR B 726 9.86 24.53 -37.42
C THR B 726 9.28 24.41 -35.99
N PRO B 727 8.88 25.56 -35.38
CA PRO B 727 8.34 25.52 -34.00
C PRO B 727 7.08 24.70 -33.87
N TYR B 728 6.94 24.01 -32.75
CA TYR B 728 5.64 23.41 -32.35
C TYR B 728 4.84 24.54 -31.73
N GLN B 729 3.80 24.99 -32.45
CA GLN B 729 3.09 26.21 -32.05
C GLN B 729 2.41 26.01 -30.71
N GLU B 730 1.99 24.80 -30.41
CA GLU B 730 1.30 24.57 -29.12
C GLU B 730 2.27 24.80 -27.95
N MET B 731 3.55 24.43 -28.16
CA MET B 731 4.58 24.62 -27.11
C MET B 731 4.93 26.10 -27.01
N VAL B 732 5.06 26.77 -28.16
CA VAL B 732 5.27 28.22 -28.16
C VAL B 732 4.16 29.00 -27.41
N ASP B 733 2.89 28.72 -27.74
CA ASP B 733 1.78 29.35 -27.03
C ASP B 733 1.78 29.07 -25.53
N ALA B 734 2.04 27.82 -25.17
CA ALA B 734 2.09 27.48 -23.73
C ALA B 734 3.24 28.25 -23.04
N ALA B 735 4.41 28.25 -23.67
CA ALA B 735 5.57 29.01 -23.15
C ALA B 735 5.23 30.50 -22.95
N LYS B 736 4.55 31.08 -23.94
CA LYS B 736 4.19 32.50 -23.86
C LYS B 736 3.22 32.75 -22.72
N GLU B 737 2.24 31.87 -22.55
CA GLU B 737 1.29 32.04 -21.48
C GLU B 737 2.01 32.02 -20.11
N VAL B 738 2.88 31.04 -19.94
CA VAL B 738 3.62 30.91 -18.68
C VAL B 738 4.53 32.09 -18.45
N ASN B 739 5.28 32.48 -19.49
CA ASN B 739 6.31 33.52 -19.33
C ASN B 739 5.71 34.88 -19.07
N ALA B 740 4.44 35.05 -19.45
CA ALA B 740 3.74 36.32 -19.31
C ALA B 740 3.32 36.54 -17.86
N LYS B 741 3.31 35.51 -17.06
CA LYS B 741 2.91 35.67 -15.69
C LYS B 741 3.94 35.16 -14.63
N ILE B 742 5.14 34.74 -15.06
CA ILE B 742 6.14 34.28 -14.07
C ILE B 742 6.34 35.37 -13.00
N TYR B 743 6.55 36.63 -13.40
CA TYR B 743 6.85 37.68 -12.44
C TYR B 743 5.65 38.09 -11.54
N THR B 744 4.45 38.22 -12.11
CA THR B 744 3.29 38.64 -11.32
C THR B 744 2.92 37.54 -10.30
N GLU B 745 3.05 36.27 -10.69
CA GLU B 745 2.88 35.15 -9.76
C GLU B 745 3.94 35.15 -8.65
N ARG B 746 5.21 35.23 -9.03
CA ARG B 746 6.30 35.12 -8.06
C ARG B 746 6.31 36.29 -7.06
N LEU B 747 5.96 37.48 -7.53
CA LEU B 747 6.01 38.67 -6.68
C LEU B 747 4.69 38.95 -5.99
N GLY B 748 3.64 38.22 -6.38
CA GLY B 748 2.34 38.33 -5.73
C GLY B 748 1.59 39.60 -6.12
N SER B 749 1.86 40.11 -7.31
CA SER B 749 1.02 41.15 -7.89
C SER B 749 -0.08 40.60 -8.81
N LYS B 750 -0.25 39.27 -8.82
CA LYS B 750 -1.36 38.59 -9.52
C LYS B 750 -2.66 38.82 -8.75
#